data_5UAO
#
_entry.id   5UAO
#
_cell.length_a   71.436
_cell.length_b   87.887
_cell.length_c   100.632
_cell.angle_alpha   64.58
_cell.angle_beta   69.90
_cell.angle_gamma   76.26
#
_symmetry.space_group_name_H-M   'P 1'
#
loop_
_entity.id
_entity.type
_entity.pdbx_description
1 polymer Tryptophane-5-halogenase
2 non-polymer 'FLAVIN-ADENINE DINUCLEOTIDE'
3 non-polymer 'CHLORIDE ION'
4 water water
#
_entity_poly.entity_id   1
_entity_poly.type   'polypeptide(L)'
_entity_poly.pdbx_seq_one_letter_code
;MTEPHRLIASNERLGTAPEAPADDDPGAIRTVGVIGGGTAGYLTALALKAKRPWLDVALVESADIPIIGVGEATVSYMVM
FLHHYLGIDPAEFYQHVRPTWKLGIRFEWGSRPEGFVAPFDWGTGSVGLVGSLRETGNVNEATLQAMLMTEDRVPVYRGE
GGHVSLMKYLPFAYHMDNARLVRYLTELAARRGVRHVDATVAEVRLDGPDHVGGLITTDGRRLHYDFYVDCTGFRSLLLE
KALGIPFESYASSLFTDAAVTGTLAHGGHLKPYTTATTMNAGWCWTIPTPESDHLGYVFSSAAIDPDDAAAEMARRFPGV
TREALVRFRSGRHREAWRGNVMAVGNSYAFVEPLESSGLLMIATAVQILVSLLPSSRRDPLPSDAANQALAHRWDAIRWF
LSIHYRFNGRLDTPFWKEARAETDISGIEPLLRLFAAGAPLTGRDSFTRYLADGAAPLFYGLEGVDTLLLGQEVPARLLP
PREPPEQWRARAAAARSLASRGLRQSEALDAYAADPCLNAELLSDSDSWAGERVAVRAGLR
;
_entity_poly.pdbx_strand_id   A,B,C,D
#
loop_
_chem_comp.id
_chem_comp.type
_chem_comp.name
_chem_comp.formula
CL non-polymer 'CHLORIDE ION' 'Cl -1'
FAD non-polymer 'FLAVIN-ADENINE DINUCLEOTIDE' 'C27 H33 N9 O15 P2'
#
# COMPACT_ATOMS: atom_id res chain seq x y z
N PRO A 21 -31.60 -13.51 22.81
CA PRO A 21 -30.78 -13.80 23.97
C PRO A 21 -31.18 -15.07 24.76
N ALA A 22 -31.42 -16.20 24.10
CA ALA A 22 -31.63 -17.37 24.95
C ALA A 22 -31.23 -18.15 26.21
N ASP A 23 -32.20 -18.69 26.92
CA ASP A 23 -32.07 -19.06 28.32
C ASP A 23 -31.22 -20.31 28.62
N ASP A 24 -30.94 -21.01 27.53
CA ASP A 24 -30.33 -22.30 27.43
C ASP A 24 -28.87 -22.14 27.16
N ASP A 25 -28.62 -21.26 26.21
CA ASP A 25 -27.32 -20.93 25.57
C ASP A 25 -26.25 -20.63 26.61
N PRO A 26 -25.27 -21.55 26.75
CA PRO A 26 -24.15 -21.36 27.67
C PRO A 26 -23.07 -20.52 26.93
N GLY A 27 -23.35 -20.27 25.65
CA GLY A 27 -22.56 -19.39 24.78
C GLY A 27 -23.07 -17.94 24.72
N ALA A 28 -24.18 -17.62 25.41
CA ALA A 28 -24.77 -16.27 25.32
C ALA A 28 -23.87 -15.18 25.89
N ILE A 29 -23.94 -13.98 25.31
CA ILE A 29 -23.28 -12.80 25.90
C ILE A 29 -24.24 -12.18 26.86
N ARG A 30 -23.94 -12.33 28.14
CA ARG A 30 -24.83 -11.92 29.21
C ARG A 30 -24.33 -10.75 30.04
N THR A 31 -23.01 -10.60 30.15
CA THR A 31 -22.41 -9.57 31.00
C THR A 31 -21.53 -8.68 30.09
N VAL A 32 -21.54 -7.37 30.32
CA VAL A 32 -20.65 -6.44 29.62
C VAL A 32 -19.96 -5.59 30.68
N GLY A 33 -18.66 -5.51 30.54
CA GLY A 33 -17.78 -4.64 31.35
C GLY A 33 -17.35 -3.41 30.54
N VAL A 34 -17.86 -2.26 30.93
CA VAL A 34 -17.45 -0.98 30.39
C VAL A 34 -16.28 -0.41 31.23
N ILE A 35 -15.12 -0.34 30.61
CA ILE A 35 -13.92 -0.03 31.35
C ILE A 35 -13.56 1.42 31.22
N GLY A 36 -13.93 2.20 32.23
CA GLY A 36 -13.78 3.64 32.17
C GLY A 36 -15.06 4.44 32.44
N GLY A 37 -14.93 5.53 33.18
CA GLY A 37 -16.08 6.33 33.66
C GLY A 37 -16.10 7.81 33.28
N GLY A 38 -15.60 8.16 32.13
CA GLY A 38 -15.84 9.53 31.68
C GLY A 38 -17.15 9.53 30.91
N THR A 39 -17.36 10.51 30.05
CA THR A 39 -18.61 10.54 29.32
C THR A 39 -18.71 9.35 28.37
N ALA A 40 -17.59 8.87 27.81
CA ALA A 40 -17.69 7.72 26.92
C ALA A 40 -18.24 6.51 27.66
N GLY A 41 -17.74 6.26 28.85
CA GLY A 41 -18.08 5.05 29.57
C GLY A 41 -19.56 5.12 30.03
N TYR A 42 -19.97 6.27 30.54
CA TYR A 42 -21.36 6.39 31.07
C TYR A 42 -22.38 6.35 29.95
N LEU A 43 -22.10 7.02 28.83
CA LEU A 43 -23.01 6.95 27.74
C LEU A 43 -23.12 5.56 27.18
N THR A 44 -22.02 4.82 27.10
CA THR A 44 -22.09 3.46 26.62
C THR A 44 -22.88 2.59 27.57
N ALA A 45 -22.61 2.69 28.88
CA ALA A 45 -23.32 1.85 29.86
C ALA A 45 -24.85 2.14 29.88
N LEU A 46 -25.22 3.42 29.76
CA LEU A 46 -26.63 3.80 29.72
C LEU A 46 -27.33 3.29 28.46
N ALA A 47 -26.62 3.33 27.31
CA ALA A 47 -27.15 2.83 26.05
C ALA A 47 -27.36 1.32 26.07
N LEU A 48 -26.38 0.56 26.65
CA LEU A 48 -26.52 -0.86 26.76
C LEU A 48 -27.71 -1.27 27.62
N LYS A 49 -27.82 -0.69 28.78
CA LYS A 49 -28.91 -0.98 29.66
C LYS A 49 -30.30 -0.50 29.10
N ALA A 50 -30.36 0.60 28.33
CA ALA A 50 -31.62 1.10 27.76
C ALA A 50 -32.12 0.17 26.70
N LYS A 51 -31.22 -0.28 25.82
CA LYS A 51 -31.65 -1.04 24.67
C LYS A 51 -31.57 -2.54 24.85
N ARG A 52 -30.79 -3.05 25.81
CA ARG A 52 -30.60 -4.47 26.05
C ARG A 52 -30.69 -4.69 27.55
N PRO A 53 -31.87 -4.41 28.13
CA PRO A 53 -31.94 -4.35 29.58
C PRO A 53 -31.71 -5.66 30.26
N TRP A 54 -31.80 -6.75 29.55
CA TRP A 54 -31.43 -8.04 30.09
C TRP A 54 -29.91 -8.21 30.38
N LEU A 55 -29.05 -7.37 29.80
CA LEU A 55 -27.63 -7.50 30.06
C LEU A 55 -27.28 -7.10 31.46
N ASP A 56 -26.33 -7.81 32.03
CA ASP A 56 -25.71 -7.31 33.24
C ASP A 56 -24.55 -6.38 32.84
N VAL A 57 -24.67 -5.09 33.12
CA VAL A 57 -23.71 -4.12 32.64
C VAL A 57 -23.01 -3.52 33.84
N ALA A 58 -21.69 -3.61 33.85
CA ALA A 58 -20.86 -3.13 34.95
C ALA A 58 -19.96 -2.03 34.41
N LEU A 59 -19.83 -0.93 35.12
CA LEU A 59 -18.89 0.08 34.81
C LEU A 59 -17.73 0.05 35.81
N VAL A 60 -16.48 -0.09 35.30
CA VAL A 60 -15.24 -0.15 36.06
C VAL A 60 -14.42 1.13 35.89
N GLU A 61 -14.07 1.79 36.98
CA GLU A 61 -13.27 3.00 36.89
C GLU A 61 -12.37 3.22 38.11
N SER A 62 -11.27 3.88 37.83
CA SER A 62 -10.23 4.10 38.80
C SER A 62 -10.45 5.46 39.41
N ALA A 63 -10.62 5.52 40.71
CA ALA A 63 -10.67 6.79 41.38
C ALA A 63 -9.33 7.53 41.24
N ASP A 64 -8.27 6.81 40.86
CA ASP A 64 -6.92 7.40 40.79
C ASP A 64 -6.46 7.88 39.42
N ILE A 65 -7.25 7.65 38.37
CA ILE A 65 -6.91 8.19 37.05
C ILE A 65 -8.10 9.05 36.67
N PRO A 66 -7.93 10.37 36.75
CA PRO A 66 -9.10 11.20 36.56
C PRO A 66 -9.51 11.18 35.09
N ILE A 67 -10.79 11.44 34.90
CA ILE A 67 -11.31 11.70 33.57
C ILE A 67 -10.67 12.95 32.96
N ILE A 68 -10.76 13.07 31.65
CA ILE A 68 -10.03 14.12 30.98
C ILE A 68 -10.52 15.58 31.35
N GLY A 69 -11.80 15.72 31.61
CA GLY A 69 -12.30 16.85 32.38
C GLY A 69 -12.80 18.02 31.55
N VAL A 70 -12.89 17.84 30.22
CA VAL A 70 -13.02 18.97 29.30
C VAL A 70 -13.98 19.09 28.09
N GLY A 71 -14.79 18.10 27.72
CA GLY A 71 -15.59 18.16 26.46
C GLY A 71 -17.04 18.66 26.67
N GLU A 72 -17.30 19.94 26.32
CA GLU A 72 -18.53 20.63 26.75
C GLU A 72 -19.51 21.09 25.63
N ALA A 73 -19.10 21.16 24.39
CA ALA A 73 -19.99 21.61 23.33
C ALA A 73 -20.39 20.41 22.48
N THR A 74 -21.58 20.44 21.89
CA THR A 74 -22.02 19.32 21.07
C THR A 74 -22.64 19.81 19.77
N VAL A 75 -23.22 18.86 19.04
CA VAL A 75 -23.94 19.16 17.80
C VAL A 75 -25.42 18.76 17.97
N SER A 76 -26.23 19.15 16.99
CA SER A 76 -27.66 19.03 17.10
C SER A 76 -28.12 17.58 17.31
N TYR A 77 -27.44 16.63 16.68
CA TYR A 77 -27.78 15.20 16.84
C TYR A 77 -27.77 14.70 18.28
N MET A 78 -26.85 15.28 19.04
CA MET A 78 -26.65 14.84 20.41
C MET A 78 -27.89 15.08 21.24
N VAL A 79 -28.65 16.12 20.91
CA VAL A 79 -29.93 16.34 21.61
C VAL A 79 -30.92 15.18 21.50
N MET A 80 -31.08 14.65 20.27
CA MET A 80 -31.84 13.44 20.06
C MET A 80 -31.30 12.20 20.70
N PHE A 81 -29.99 12.00 20.59
CA PHE A 81 -29.36 10.88 21.28
C PHE A 81 -29.64 10.85 22.78
N LEU A 82 -29.44 11.99 23.44
CA LEU A 82 -29.65 12.03 24.85
C LEU A 82 -31.10 11.70 25.19
N HIS A 83 -32.03 12.41 24.55
CA HIS A 83 -33.38 12.31 24.99
C HIS A 83 -34.13 11.07 24.43
N HIS A 84 -33.90 10.73 23.16
CA HIS A 84 -34.63 9.66 22.52
C HIS A 84 -33.89 8.35 22.77
N TYR A 85 -32.62 8.26 22.44
CA TYR A 85 -31.94 6.99 22.50
C TYR A 85 -31.72 6.58 23.93
N LEU A 86 -31.29 7.53 24.78
CA LEU A 86 -31.05 7.15 26.18
C LEU A 86 -32.28 7.43 27.08
N GLY A 87 -33.36 7.99 26.53
CA GLY A 87 -34.61 8.23 27.33
C GLY A 87 -34.39 9.18 28.52
N ILE A 88 -33.51 10.15 28.37
CA ILE A 88 -33.27 11.12 29.45
C ILE A 88 -34.37 12.16 29.41
N ASP A 89 -35.09 12.30 30.53
CA ASP A 89 -36.14 13.29 30.67
C ASP A 89 -35.62 14.72 30.59
N PRO A 90 -36.19 15.52 29.71
CA PRO A 90 -35.58 16.86 29.53
C PRO A 90 -35.69 17.81 30.67
N ALA A 91 -36.77 17.75 31.45
CA ALA A 91 -36.90 18.65 32.59
C ALA A 91 -35.84 18.33 33.62
N GLU A 92 -35.66 17.05 33.89
CA GLU A 92 -34.63 16.59 34.80
C GLU A 92 -33.21 16.92 34.34
N PHE A 93 -32.97 16.72 33.08
CA PHE A 93 -31.67 17.08 32.45
C PHE A 93 -31.40 18.57 32.64
N TYR A 94 -32.41 19.37 32.38
CA TYR A 94 -32.22 20.80 32.53
C TYR A 94 -31.96 21.21 33.98
N GLN A 95 -32.64 20.51 34.86
CA GLN A 95 -32.49 20.80 36.26
C GLN A 95 -31.10 20.42 36.77
N HIS A 96 -30.61 19.26 36.39
CA HIS A 96 -29.36 18.77 36.92
C HIS A 96 -28.17 19.24 36.12
N VAL A 97 -28.31 19.38 34.82
CA VAL A 97 -27.06 19.72 34.03
C VAL A 97 -26.94 21.23 33.78
N ARG A 98 -28.07 21.91 33.73
CA ARG A 98 -28.13 23.31 33.45
C ARG A 98 -27.47 23.72 32.12
N PRO A 99 -27.96 23.19 30.99
CA PRO A 99 -27.32 23.43 29.72
C PRO A 99 -27.60 24.83 29.23
N THR A 100 -26.72 25.32 28.38
CA THR A 100 -26.98 26.41 27.47
C THR A 100 -27.08 25.96 26.02
N TRP A 101 -27.40 26.90 25.15
CA TRP A 101 -27.77 26.59 23.82
C TRP A 101 -26.70 27.04 22.86
N LYS A 102 -26.51 26.20 21.86
CA LYS A 102 -25.50 26.46 20.78
C LYS A 102 -26.22 26.43 19.41
N LEU A 103 -26.35 27.60 18.80
CA LEU A 103 -26.99 27.80 17.52
C LEU A 103 -25.97 27.61 16.41
N GLY A 104 -24.73 27.60 16.82
CA GLY A 104 -23.61 27.39 15.90
C GLY A 104 -22.28 27.80 16.53
N ILE A 105 -21.29 28.01 15.64
CA ILE A 105 -19.99 28.46 16.03
C ILE A 105 -19.73 29.85 15.39
N ARG A 106 -19.32 30.78 16.24
CA ARG A 106 -18.75 32.02 15.79
C ARG A 106 -17.25 31.93 15.60
N PHE A 107 -16.85 32.17 14.37
CA PHE A 107 -15.45 32.02 13.97
C PHE A 107 -14.74 33.39 13.85
N GLU A 108 -13.88 33.73 14.82
CA GLU A 108 -13.01 34.90 14.68
C GLU A 108 -11.74 34.36 14.00
N TRP A 109 -11.82 34.38 12.69
CA TRP A 109 -11.06 33.48 11.88
C TRP A 109 -11.04 34.00 10.44
N GLY A 110 -9.93 33.76 9.74
CA GLY A 110 -9.78 34.27 8.42
C GLY A 110 -9.53 35.77 8.38
N SER A 111 -9.52 36.31 7.18
CA SER A 111 -9.10 37.69 6.99
C SER A 111 -10.19 38.71 7.12
N ARG A 112 -11.45 38.30 7.24
CA ARG A 112 -12.51 39.29 7.53
C ARG A 112 -12.41 39.81 8.95
N PRO A 113 -12.34 41.14 9.12
CA PRO A 113 -12.21 41.67 10.49
C PRO A 113 -13.30 41.19 11.44
N GLU A 114 -14.52 41.03 10.91
CA GLU A 114 -15.68 40.58 11.74
C GLU A 114 -15.77 39.06 11.86
N GLY A 115 -14.92 38.31 11.18
CA GLY A 115 -15.09 36.86 11.20
C GLY A 115 -16.37 36.44 10.46
N PHE A 116 -16.91 35.28 10.85
CA PHE A 116 -18.14 34.74 10.22
C PHE A 116 -18.73 33.76 11.18
N VAL A 117 -19.97 33.41 10.92
CA VAL A 117 -20.71 32.50 11.79
C VAL A 117 -21.16 31.30 10.99
N ALA A 118 -21.20 30.17 11.67
CA ALA A 118 -21.54 28.90 11.11
C ALA A 118 -22.68 28.30 11.91
N PRO A 119 -23.88 28.33 11.36
CA PRO A 119 -25.05 27.88 12.06
C PRO A 119 -25.43 26.41 11.78
N PHE A 120 -26.32 25.84 12.58
CA PHE A 120 -26.77 24.46 12.38
C PHE A 120 -28.00 24.32 11.43
N ASP A 121 -28.63 25.42 11.04
CA ASP A 121 -30.02 25.39 10.48
C ASP A 121 -30.19 25.52 8.97
N TRP A 122 -29.13 25.29 8.24
CA TRP A 122 -29.29 25.01 6.83
C TRP A 122 -30.51 24.17 6.52
N GLY A 123 -31.31 24.58 5.53
CA GLY A 123 -32.59 23.89 5.35
C GLY A 123 -33.74 24.74 5.82
N THR A 124 -34.36 24.40 6.96
CA THR A 124 -35.54 25.19 7.44
C THR A 124 -35.23 26.67 7.66
N GLY A 125 -34.01 26.97 8.13
CA GLY A 125 -33.57 28.36 8.32
C GLY A 125 -32.91 29.04 7.12
N SER A 126 -32.79 28.35 5.99
CA SER A 126 -32.02 28.91 4.87
C SER A 126 -32.60 30.22 4.34
N VAL A 127 -31.71 31.18 4.10
CA VAL A 127 -32.09 32.46 3.45
C VAL A 127 -31.39 32.48 2.12
N GLY A 128 -30.10 32.15 2.13
CA GLY A 128 -29.39 31.83 0.90
C GLY A 128 -27.98 32.34 0.90
N LEU A 129 -27.04 31.45 0.63
CA LEU A 129 -25.64 31.76 0.77
C LEU A 129 -25.15 32.72 -0.29
N VAL A 130 -25.58 32.50 -1.52
CA VAL A 130 -25.13 33.32 -2.62
C VAL A 130 -25.68 34.72 -2.48
N GLY A 131 -26.93 34.82 -2.08
CA GLY A 131 -27.55 36.13 -1.86
C GLY A 131 -26.87 36.86 -0.69
N SER A 132 -26.53 36.13 0.36
CA SER A 132 -25.83 36.78 1.52
C SER A 132 -24.50 37.36 1.00
N LEU A 133 -23.75 36.56 0.27
CA LEU A 133 -22.43 37.05 -0.25
C LEU A 133 -22.54 38.26 -1.22
N ARG A 134 -23.51 38.19 -2.10
CA ARG A 134 -23.67 39.30 -3.10
C ARG A 134 -24.15 40.59 -2.43
N GLU A 135 -25.08 40.48 -1.50
CA GLU A 135 -25.70 41.64 -0.86
C GLU A 135 -24.91 42.14 0.33
N THR A 136 -24.14 41.28 1.03
CA THR A 136 -23.46 41.71 2.25
C THR A 136 -21.97 41.55 2.27
N GLY A 137 -21.40 40.84 1.33
CA GLY A 137 -19.99 40.67 1.34
C GLY A 137 -19.52 39.53 2.27
N ASN A 138 -20.44 38.85 2.93
CA ASN A 138 -20.09 37.74 3.86
C ASN A 138 -21.29 36.73 3.98
N VAL A 139 -21.16 35.74 4.84
CA VAL A 139 -22.04 34.60 4.92
C VAL A 139 -23.03 34.70 6.05
N ASN A 140 -23.05 35.84 6.74
CA ASN A 140 -23.71 35.97 8.00
C ASN A 140 -25.19 36.27 7.88
N GLU A 141 -25.69 36.36 6.66
CA GLU A 141 -27.13 36.37 6.43
C GLU A 141 -27.57 35.19 5.61
N ALA A 142 -26.79 34.10 5.68
CA ALA A 142 -27.12 32.94 4.92
C ALA A 142 -28.30 32.16 5.48
N THR A 143 -28.58 32.30 6.76
CA THR A 143 -29.68 31.61 7.40
C THR A 143 -30.22 32.47 8.54
N LEU A 144 -31.37 32.08 9.08
CA LEU A 144 -31.97 32.73 10.25
C LEU A 144 -31.09 32.57 11.48
N GLN A 145 -30.52 31.36 11.74
CA GLN A 145 -29.69 31.19 12.89
C GLN A 145 -28.44 32.02 12.79
N ALA A 146 -27.96 32.23 11.56
CA ALA A 146 -26.78 33.11 11.38
C ALA A 146 -27.11 34.50 11.85
N MET A 147 -28.32 34.98 11.55
CA MET A 147 -28.79 36.30 12.06
C MET A 147 -29.07 36.32 13.58
N LEU A 148 -29.64 35.25 14.12
CA LEU A 148 -29.77 35.15 15.58
C LEU A 148 -28.41 35.23 16.28
N MET A 149 -27.43 34.52 15.72
CA MET A 149 -26.08 34.59 16.31
C MET A 149 -25.46 36.01 16.31
N THR A 150 -25.52 36.69 15.17
CA THR A 150 -25.01 38.08 15.15
C THR A 150 -25.82 39.07 16.02
N GLU A 151 -27.09 38.77 16.27
CA GLU A 151 -27.87 39.55 17.23
C GLU A 151 -27.66 39.13 18.68
N ASP A 152 -26.95 38.02 18.94
CA ASP A 152 -26.91 37.39 20.26
C ASP A 152 -28.33 37.19 20.83
N ARG A 153 -29.23 36.63 20.02
CA ARG A 153 -30.59 36.38 20.48
C ARG A 153 -30.93 34.94 20.11
N VAL A 154 -32.06 34.45 20.59
CA VAL A 154 -32.49 33.07 20.36
C VAL A 154 -33.94 33.08 19.87
N PRO A 155 -34.36 32.06 19.11
CA PRO A 155 -35.66 32.14 18.42
C PRO A 155 -36.85 31.70 19.34
N VAL A 156 -36.98 32.46 20.42
CA VAL A 156 -38.01 32.24 21.44
C VAL A 156 -38.60 33.63 21.65
N TYR A 157 -39.91 33.70 21.86
CA TYR A 157 -40.65 34.99 21.80
C TYR A 157 -41.74 35.01 22.84
N ARG A 158 -41.86 36.12 23.55
CA ARG A 158 -43.02 36.27 24.39
C ARG A 158 -44.22 36.37 23.45
N GLY A 159 -45.14 35.42 23.57
CA GLY A 159 -46.39 35.43 22.83
C GLY A 159 -47.45 35.93 23.78
N GLU A 160 -48.63 36.21 23.24
CA GLU A 160 -49.77 36.63 24.06
C GLU A 160 -50.11 35.54 25.09
N GLY A 161 -49.90 35.84 26.36
CA GLY A 161 -50.10 34.89 27.44
C GLY A 161 -49.28 33.62 27.26
N GLY A 162 -47.99 33.81 26.99
CA GLY A 162 -47.07 32.68 26.88
C GLY A 162 -45.77 32.95 26.17
N HIS A 163 -45.21 31.87 25.65
CA HIS A 163 -43.97 31.88 24.88
C HIS A 163 -44.21 31.08 23.66
N VAL A 164 -43.65 31.54 22.56
CA VAL A 164 -43.71 30.85 21.33
C VAL A 164 -42.23 30.55 21.04
N SER A 165 -41.89 29.28 20.88
CA SER A 165 -40.52 28.93 20.55
C SER A 165 -40.46 28.34 19.16
N LEU A 166 -39.55 28.84 18.34
CA LEU A 166 -39.22 28.19 17.09
C LEU A 166 -38.03 27.23 17.13
N MET A 167 -37.61 26.87 18.32
CA MET A 167 -36.50 25.92 18.50
C MET A 167 -36.79 24.58 17.82
N LYS A 168 -38.06 24.21 17.78
CA LYS A 168 -38.44 22.92 17.18
C LYS A 168 -38.27 22.88 15.67
N TYR A 169 -38.15 24.06 15.06
CA TYR A 169 -37.96 24.16 13.63
C TYR A 169 -36.52 24.34 13.23
N LEU A 170 -35.62 24.70 14.17
CA LEU A 170 -34.24 25.08 13.81
C LEU A 170 -33.22 24.28 14.69
N PRO A 171 -32.50 23.33 14.09
CA PRO A 171 -31.57 22.45 14.84
C PRO A 171 -30.56 23.23 15.68
N PHE A 172 -30.35 22.79 16.90
CA PHE A 172 -29.44 23.45 17.87
C PHE A 172 -28.88 22.38 18.79
N ALA A 173 -27.86 22.75 19.56
CA ALA A 173 -27.15 21.81 20.41
C ALA A 173 -26.97 22.41 21.79
N TYR A 174 -26.36 21.62 22.66
CA TYR A 174 -26.14 22.05 24.01
C TYR A 174 -24.68 22.39 24.25
N HIS A 175 -24.51 23.29 25.19
CA HIS A 175 -23.24 23.37 25.95
C HIS A 175 -23.54 22.87 27.37
N MET A 176 -22.66 22.00 27.88
CA MET A 176 -22.88 21.28 29.15
C MET A 176 -21.60 21.26 30.00
N ASP A 177 -21.71 21.83 31.19
CA ASP A 177 -20.68 21.72 32.19
C ASP A 177 -20.33 20.29 32.43
N ASN A 178 -19.06 19.95 32.23
CA ASN A 178 -18.65 18.60 32.28
C ASN A 178 -18.81 17.90 33.60
N ALA A 179 -18.47 18.58 34.69
CA ALA A 179 -18.64 17.99 36.00
C ALA A 179 -20.14 17.73 36.29
N ARG A 180 -21.06 18.64 35.95
CA ARG A 180 -22.48 18.36 36.19
C ARG A 180 -22.95 17.26 35.31
N LEU A 181 -22.49 17.20 34.06
CA LEU A 181 -22.96 16.15 33.17
C LEU A 181 -22.60 14.78 33.63
N VAL A 182 -21.32 14.62 33.93
CA VAL A 182 -20.84 13.36 34.47
C VAL A 182 -21.56 12.89 35.73
N ARG A 183 -21.81 13.81 36.66
CA ARG A 183 -22.43 13.47 37.92
C ARG A 183 -23.87 12.94 37.61
N TYR A 184 -24.55 13.64 36.72
CA TYR A 184 -25.88 13.24 36.34
C TYR A 184 -25.96 11.91 35.66
N LEU A 185 -25.10 11.70 34.67
CA LEU A 185 -25.03 10.41 34.05
C LEU A 185 -24.66 9.30 35.04
N THR A 186 -23.83 9.63 36.00
CA THR A 186 -23.43 8.63 36.99
C THR A 186 -24.61 8.23 37.87
N GLU A 187 -25.40 9.22 38.20
CA GLU A 187 -26.62 9.00 38.99
C GLU A 187 -27.63 8.20 38.21
N LEU A 188 -27.82 8.53 36.93
CA LEU A 188 -28.75 7.82 36.10
C LEU A 188 -28.37 6.39 35.96
N ALA A 189 -27.09 6.11 35.73
CA ALA A 189 -26.63 4.74 35.56
C ALA A 189 -26.95 3.88 36.82
N ALA A 190 -26.74 4.47 38.00
CA ALA A 190 -26.99 3.75 39.27
C ALA A 190 -28.48 3.50 39.42
N ARG A 191 -29.29 4.50 39.11
CA ARG A 191 -30.71 4.38 39.24
C ARG A 191 -31.22 3.33 38.27
N ARG A 192 -30.61 3.18 37.12
CA ARG A 192 -31.04 2.20 36.17
C ARG A 192 -30.39 0.84 36.24
N GLY A 193 -29.63 0.55 37.26
CA GLY A 193 -29.13 -0.83 37.48
C GLY A 193 -27.76 -1.16 36.85
N VAL A 194 -27.07 -0.15 36.34
CA VAL A 194 -25.67 -0.36 35.94
C VAL A 194 -24.86 -0.63 37.23
N ARG A 195 -24.08 -1.71 37.29
CA ARG A 195 -23.25 -1.96 38.51
C ARG A 195 -21.95 -1.18 38.43
N HIS A 196 -21.53 -0.58 39.53
CA HIS A 196 -20.29 0.13 39.57
C HIS A 196 -19.17 -0.73 40.23
N VAL A 197 -17.95 -0.72 39.64
CA VAL A 197 -16.77 -1.36 40.21
C VAL A 197 -15.62 -0.32 40.34
N ASP A 198 -15.11 -0.09 41.55
CA ASP A 198 -14.01 0.81 41.73
C ASP A 198 -12.74 0.00 41.66
N ALA A 199 -11.96 0.19 40.61
CA ALA A 199 -10.74 -0.62 40.42
C ALA A 199 -9.79 0.06 39.45
N THR A 200 -8.51 -0.19 39.63
CA THR A 200 -7.51 0.24 38.69
C THR A 200 -7.02 -0.97 38.00
N VAL A 201 -7.26 -1.05 36.68
CA VAL A 201 -6.84 -2.26 35.91
C VAL A 201 -5.34 -2.21 35.73
N ALA A 202 -4.65 -3.33 36.06
CA ALA A 202 -3.15 -3.46 35.94
C ALA A 202 -2.79 -4.23 34.70
N GLU A 203 -3.56 -5.26 34.40
CA GLU A 203 -3.27 -6.10 33.27
C GLU A 203 -4.54 -6.58 32.63
N VAL A 204 -4.54 -6.52 31.31
CA VAL A 204 -5.59 -7.08 30.50
C VAL A 204 -5.04 -8.39 30.02
N ARG A 205 -5.65 -9.48 30.50
CA ARG A 205 -5.15 -10.78 30.20
C ARG A 205 -5.94 -11.42 29.08
N LEU A 206 -5.25 -11.73 27.99
CA LEU A 206 -5.84 -12.41 26.83
C LEU A 206 -5.88 -13.89 27.13
N ASP A 207 -6.80 -14.64 26.55
CA ASP A 207 -6.78 -16.11 26.65
C ASP A 207 -6.83 -16.74 25.28
N GLY A 208 -6.68 -15.94 24.24
CA GLY A 208 -6.50 -16.48 22.94
C GLY A 208 -6.28 -15.35 21.97
N PRO A 209 -6.25 -15.70 20.70
CA PRO A 209 -6.19 -14.70 19.65
C PRO A 209 -7.47 -13.84 19.73
N ASP A 210 -7.25 -12.52 19.83
CA ASP A 210 -8.33 -11.55 19.75
C ASP A 210 -9.41 -11.70 20.81
N HIS A 211 -9.06 -12.25 21.97
CA HIS A 211 -10.05 -12.58 23.01
C HIS A 211 -9.46 -12.23 24.40
N VAL A 212 -10.11 -11.29 25.12
CA VAL A 212 -9.72 -10.89 26.45
C VAL A 212 -10.35 -11.93 27.34
N GLY A 213 -9.54 -12.58 28.18
CA GLY A 213 -10.02 -13.56 29.16
C GLY A 213 -10.40 -12.93 30.49
N GLY A 214 -9.77 -11.82 30.83
CA GLY A 214 -10.03 -11.19 32.08
C GLY A 214 -9.19 -9.99 32.37
N LEU A 215 -9.53 -9.28 33.43
CA LEU A 215 -8.75 -8.12 33.86
C LEU A 215 -8.22 -8.34 35.29
N ILE A 216 -6.95 -8.03 35.52
CA ILE A 216 -6.37 -8.09 36.87
C ILE A 216 -6.19 -6.66 37.39
N THR A 217 -6.81 -6.36 38.51
CA THR A 217 -6.64 -5.07 39.13
C THR A 217 -5.31 -4.95 39.84
N THR A 218 -4.92 -3.73 40.13
CA THR A 218 -3.68 -3.49 40.88
C THR A 218 -3.65 -4.17 42.26
N ASP A 219 -4.79 -4.33 42.91
CA ASP A 219 -4.86 -5.00 44.24
C ASP A 219 -5.00 -6.46 44.10
N GLY A 220 -5.19 -6.98 42.87
CA GLY A 220 -5.28 -8.41 42.59
C GLY A 220 -6.65 -9.03 42.34
N ARG A 221 -7.74 -8.27 42.36
CA ARG A 221 -9.01 -8.80 41.88
C ARG A 221 -8.87 -9.21 40.40
N ARG A 222 -9.64 -10.23 40.01
CA ARG A 222 -9.82 -10.67 38.66
C ARG A 222 -11.25 -10.40 38.22
N LEU A 223 -11.38 -9.55 37.23
CA LEU A 223 -12.69 -9.22 36.68
C LEU A 223 -12.86 -9.96 35.33
N HIS A 224 -14.05 -10.48 35.10
CA HIS A 224 -14.33 -11.21 33.88
C HIS A 224 -15.66 -10.80 33.37
N TYR A 225 -15.76 -10.56 32.07
CA TYR A 225 -17.05 -10.21 31.40
C TYR A 225 -17.11 -10.92 30.06
N ASP A 226 -18.29 -11.08 29.53
CA ASP A 226 -18.41 -11.70 28.21
C ASP A 226 -17.94 -10.79 27.09
N PHE A 227 -18.11 -9.48 27.27
CA PHE A 227 -17.68 -8.48 26.31
C PHE A 227 -17.13 -7.29 27.07
N TYR A 228 -16.11 -6.64 26.51
CA TYR A 228 -15.51 -5.46 27.13
C TYR A 228 -15.64 -4.22 26.22
N VAL A 229 -15.96 -3.08 26.80
CA VAL A 229 -15.90 -1.81 26.06
C VAL A 229 -14.68 -1.04 26.60
N ASP A 230 -13.74 -0.66 25.71
CA ASP A 230 -12.62 0.12 26.13
C ASP A 230 -12.94 1.63 26.09
N CYS A 231 -13.22 2.17 27.27
CA CYS A 231 -13.43 3.60 27.49
C CYS A 231 -12.31 4.15 28.38
N THR A 232 -11.06 3.71 28.14
CA THR A 232 -10.00 4.10 29.05
C THR A 232 -9.32 5.38 28.68
N GLY A 233 -9.86 6.13 27.72
CA GLY A 233 -9.27 7.37 27.27
C GLY A 233 -8.04 7.16 26.38
N PHE A 234 -7.17 8.15 26.30
CA PHE A 234 -6.01 8.06 25.35
C PHE A 234 -5.10 6.85 25.56
N ARG A 235 -4.90 6.40 26.81
CA ARG A 235 -4.14 5.22 27.16
C ARG A 235 -4.54 3.94 26.42
N SER A 236 -5.84 3.85 26.11
CA SER A 236 -6.39 2.80 25.27
C SER A 236 -5.84 1.43 25.68
N LEU A 237 -6.15 1.05 26.93
CA LEU A 237 -5.53 -0.10 27.60
C LEU A 237 -5.85 -1.43 26.92
N LEU A 238 -7.14 -1.62 26.57
CA LEU A 238 -7.52 -2.86 25.92
C LEU A 238 -7.21 -2.87 24.46
N LEU A 239 -7.65 -1.83 23.74
CA LEU A 239 -7.56 -1.82 22.27
C LEU A 239 -6.10 -1.76 21.76
N GLU A 240 -5.42 -0.69 22.18
CA GLU A 240 -4.04 -0.45 21.72
C GLU A 240 -3.09 -1.31 22.51
N LYS A 241 -3.15 -1.28 23.82
CA LYS A 241 -2.05 -1.86 24.58
C LYS A 241 -2.16 -3.40 24.62
N ALA A 242 -3.31 -3.93 24.99
CA ALA A 242 -3.48 -5.39 25.02
C ALA A 242 -3.61 -6.06 23.61
N LEU A 243 -4.42 -5.50 22.74
CA LEU A 243 -4.71 -6.13 21.47
C LEU A 243 -3.70 -5.67 20.41
N GLY A 244 -2.86 -4.70 20.74
CA GLY A 244 -1.85 -4.22 19.78
C GLY A 244 -2.35 -3.49 18.55
N ILE A 245 -3.59 -2.96 18.57
CA ILE A 245 -4.17 -2.26 17.40
C ILE A 245 -3.36 -0.94 17.21
N PRO A 246 -2.70 -0.75 16.07
CA PRO A 246 -1.88 0.44 16.03
C PRO A 246 -2.63 1.82 15.81
N PHE A 247 -1.93 2.90 16.10
CA PHE A 247 -2.38 4.27 15.96
C PHE A 247 -2.01 4.89 14.61
N GLU A 248 -2.96 5.57 14.00
CA GLU A 248 -2.75 6.37 12.78
C GLU A 248 -2.98 7.84 13.07
N SER A 249 -1.84 8.51 13.11
CA SER A 249 -1.74 9.91 13.38
C SER A 249 -2.36 10.76 12.28
N TYR A 250 -3.04 11.84 12.67
CA TYR A 250 -3.50 12.86 11.79
C TYR A 250 -2.60 14.13 11.81
N ALA A 251 -1.37 13.95 12.25
CA ALA A 251 -0.48 15.05 12.53
C ALA A 251 -0.03 15.83 11.31
N SER A 252 0.00 15.21 10.14
CA SER A 252 0.27 15.97 8.93
C SER A 252 -0.79 17.07 8.71
N SER A 253 -1.99 16.88 9.26
CA SER A 253 -3.04 17.89 9.06
C SER A 253 -3.35 18.71 10.31
N LEU A 254 -3.23 18.08 11.48
CA LEU A 254 -3.71 18.65 12.71
C LEU A 254 -2.50 18.64 13.65
N PHE A 255 -1.92 19.83 13.86
CA PHE A 255 -0.63 20.00 14.53
C PHE A 255 -0.74 20.35 16.03
N THR A 256 -1.92 20.75 16.52
CA THR A 256 -2.00 21.12 17.94
C THR A 256 -2.00 19.89 18.86
N ASP A 257 -1.57 20.04 20.11
CA ASP A 257 -1.48 18.91 20.99
C ASP A 257 -1.68 19.20 22.46
N ALA A 258 -2.08 20.45 22.78
CA ALA A 258 -2.25 20.86 24.16
C ALA A 258 -3.31 21.93 24.24
N ALA A 259 -3.93 22.03 25.42
CA ALA A 259 -4.82 23.12 25.73
C ALA A 259 -4.64 23.61 27.17
N VAL A 260 -4.71 24.92 27.32
CA VAL A 260 -4.75 25.54 28.63
C VAL A 260 -6.21 26.00 28.82
N THR A 261 -6.82 25.55 29.89
CA THR A 261 -8.18 25.92 30.15
C THR A 261 -8.36 26.95 31.28
N GLY A 262 -9.49 27.64 31.25
CA GLY A 262 -9.78 28.59 32.31
C GLY A 262 -11.22 29.09 32.20
N THR A 263 -11.68 29.94 33.15
CA THR A 263 -13.05 30.49 33.09
C THR A 263 -12.96 32.00 33.13
N LEU A 264 -13.98 32.63 32.57
CA LEU A 264 -14.07 34.09 32.47
C LEU A 264 -15.54 34.52 32.76
N ALA A 265 -15.72 35.50 33.61
CA ALA A 265 -17.03 35.98 33.95
C ALA A 265 -17.72 36.55 32.75
N HIS A 266 -19.04 36.40 32.66
CA HIS A 266 -19.79 36.97 31.51
C HIS A 266 -20.94 37.93 31.88
N GLY A 267 -21.11 38.23 33.16
CA GLY A 267 -22.16 39.12 33.64
C GLY A 267 -23.57 38.49 33.64
N GLY A 268 -23.69 37.17 33.41
CA GLY A 268 -24.96 36.54 33.04
C GLY A 268 -25.45 36.69 31.60
N HIS A 269 -24.68 37.34 30.74
CA HIS A 269 -24.97 37.41 29.33
C HIS A 269 -24.46 36.15 28.59
N LEU A 270 -25.39 35.34 28.06
CA LEU A 270 -25.06 33.98 27.59
C LEU A 270 -25.09 34.01 26.06
N LYS A 271 -23.90 33.99 25.44
CA LYS A 271 -23.81 33.92 23.98
C LYS A 271 -24.38 32.57 23.46
N PRO A 272 -25.27 32.63 22.46
CA PRO A 272 -25.92 31.41 21.96
C PRO A 272 -25.14 30.65 20.89
N TYR A 273 -23.87 30.41 21.21
CA TYR A 273 -22.97 29.80 20.33
C TYR A 273 -21.62 29.54 21.04
N THR A 274 -20.82 28.68 20.42
CA THR A 274 -19.45 28.49 20.81
C THR A 274 -18.64 29.51 19.98
N THR A 275 -17.58 30.07 20.55
CA THR A 275 -16.71 30.98 19.79
C THR A 275 -15.37 30.25 19.57
N ALA A 276 -14.83 30.40 18.36
CA ALA A 276 -13.50 29.90 18.01
C ALA A 276 -12.70 31.09 17.55
N THR A 277 -11.66 31.41 18.33
CA THR A 277 -10.88 32.63 18.14
C THR A 277 -9.45 32.27 17.74
N THR A 278 -8.96 32.85 16.68
CA THR A 278 -7.60 32.56 16.21
C THR A 278 -6.62 33.19 17.22
N MET A 279 -5.54 32.46 17.56
CA MET A 279 -4.57 32.82 18.54
C MET A 279 -3.19 32.66 17.84
N ASN A 280 -2.13 33.06 18.50
CA ASN A 280 -0.82 33.12 17.81
C ASN A 280 -0.29 31.75 17.40
N ALA A 281 -0.58 30.76 18.22
CA ALA A 281 -0.09 29.39 17.99
C ALA A 281 -1.21 28.36 18.07
N GLY A 282 -2.41 28.70 17.57
CA GLY A 282 -3.59 27.82 17.66
C GLY A 282 -4.85 28.65 17.77
N TRP A 283 -5.75 28.25 18.66
CA TRP A 283 -7.03 28.96 18.74
C TRP A 283 -7.64 28.71 20.10
N CYS A 284 -8.66 29.51 20.45
CA CYS A 284 -9.24 29.45 21.75
C CYS A 284 -10.76 29.33 21.68
N TRP A 285 -11.33 28.38 22.38
CA TRP A 285 -12.81 28.24 22.47
C TRP A 285 -13.34 29.07 23.57
N THR A 286 -14.61 29.46 23.41
CA THR A 286 -15.41 30.08 24.46
C THR A 286 -16.76 29.39 24.45
N ILE A 287 -17.04 28.65 25.53
CA ILE A 287 -18.24 27.84 25.69
C ILE A 287 -19.00 28.39 26.93
N PRO A 288 -20.13 29.09 26.71
CA PRO A 288 -20.93 29.62 27.84
C PRO A 288 -21.56 28.54 28.70
N THR A 289 -21.44 28.68 30.01
CA THR A 289 -22.31 27.96 30.98
C THR A 289 -23.11 29.02 31.76
N PRO A 290 -24.12 28.61 32.56
CA PRO A 290 -24.86 29.71 33.23
C PRO A 290 -23.99 30.52 34.21
N GLU A 291 -22.97 29.91 34.77
CA GLU A 291 -22.18 30.57 35.83
C GLU A 291 -21.01 31.40 35.25
N SER A 292 -20.44 31.02 34.12
CA SER A 292 -19.31 31.69 33.48
C SER A 292 -19.00 31.16 32.04
N ASP A 293 -18.14 31.85 31.33
CA ASP A 293 -17.58 31.36 30.06
C ASP A 293 -16.42 30.40 30.39
N HIS A 294 -16.47 29.21 29.75
CA HIS A 294 -15.38 28.23 29.82
C HIS A 294 -14.52 28.37 28.56
N LEU A 295 -13.23 28.56 28.77
CA LEU A 295 -12.31 28.82 27.68
C LEU A 295 -11.22 27.75 27.60
N GLY A 296 -10.67 27.58 26.39
CA GLY A 296 -9.50 26.75 26.20
C GLY A 296 -8.68 27.14 24.99
N TYR A 297 -7.42 27.45 25.25
CA TYR A 297 -6.45 27.74 24.19
C TYR A 297 -5.76 26.45 23.79
N VAL A 298 -6.19 25.98 22.64
CA VAL A 298 -5.63 24.83 21.96
C VAL A 298 -4.42 25.32 21.15
N PHE A 299 -3.30 24.73 21.40
CA PHE A 299 -2.03 25.22 20.79
C PHE A 299 -1.12 24.06 20.38
N SER A 300 -0.14 24.36 19.50
CA SER A 300 1.02 23.49 19.25
C SER A 300 2.13 23.73 20.25
N SER A 301 2.42 22.74 21.07
CA SER A 301 3.46 22.89 22.08
C SER A 301 4.87 23.07 21.39
N ALA A 302 4.97 22.68 20.13
CA ALA A 302 6.21 22.93 19.39
C ALA A 302 6.38 24.41 19.11
N ALA A 303 5.27 25.15 19.15
CA ALA A 303 5.28 26.58 18.73
C ALA A 303 5.31 27.53 19.90
N ILE A 304 4.87 27.11 21.09
CA ILE A 304 4.77 27.99 22.23
C ILE A 304 4.81 27.16 23.51
N ASP A 305 5.52 27.64 24.52
CA ASP A 305 5.56 26.97 25.82
C ASP A 305 4.18 27.16 26.51
N PRO A 306 3.73 26.18 27.32
CA PRO A 306 2.44 26.32 27.97
C PRO A 306 2.24 27.57 28.83
N ASP A 307 3.24 27.98 29.59
CA ASP A 307 3.16 29.24 30.36
C ASP A 307 3.03 30.46 29.46
N ASP A 308 3.72 30.49 28.33
CA ASP A 308 3.54 31.57 27.38
C ASP A 308 2.14 31.52 26.75
N ALA A 309 1.59 30.32 26.55
CA ALA A 309 0.20 30.20 26.06
C ALA A 309 -0.80 30.73 27.04
N ALA A 310 -0.64 30.34 28.30
CA ALA A 310 -1.46 30.91 29.36
C ALA A 310 -1.33 32.43 29.45
N ALA A 311 -0.14 32.98 29.21
CA ALA A 311 0.06 34.43 29.22
C ALA A 311 -0.65 35.15 28.08
N GLU A 312 -0.60 34.53 26.88
CA GLU A 312 -1.30 35.03 25.70
C GLU A 312 -2.82 35.02 25.96
N MET A 313 -3.30 33.93 26.49
CA MET A 313 -4.72 33.78 26.74
C MET A 313 -5.23 34.90 27.68
N ALA A 314 -4.47 35.19 28.73
CA ALA A 314 -4.78 36.29 29.63
C ALA A 314 -4.64 37.66 28.97
N ARG A 315 -3.74 37.83 28.01
CA ARG A 315 -3.78 39.06 27.26
C ARG A 315 -5.04 39.20 26.44
N ARG A 316 -5.44 38.10 25.76
CA ARG A 316 -6.52 38.18 24.81
C ARG A 316 -7.91 38.24 25.55
N PHE A 317 -7.97 37.62 26.71
CA PHE A 317 -9.21 37.43 27.49
C PHE A 317 -8.93 37.82 28.96
N PRO A 318 -8.76 39.12 29.18
CA PRO A 318 -8.32 39.58 30.51
C PRO A 318 -9.29 39.19 31.58
N GLY A 319 -8.75 38.65 32.64
CA GLY A 319 -9.54 38.15 33.77
C GLY A 319 -9.68 36.66 33.79
N VAL A 320 -9.22 35.98 32.74
CA VAL A 320 -9.49 34.53 32.59
C VAL A 320 -8.68 33.84 33.68
N THR A 321 -9.22 32.83 34.33
CA THR A 321 -8.37 32.03 35.21
C THR A 321 -7.53 31.01 34.45
N ARG A 322 -6.64 30.37 35.16
CA ARG A 322 -5.82 29.32 34.57
C ARG A 322 -6.08 28.09 35.39
N GLU A 323 -6.78 27.12 34.82
CA GLU A 323 -7.24 25.97 35.59
C GLU A 323 -6.44 24.73 35.36
N ALA A 324 -6.22 24.38 34.09
CA ALA A 324 -5.64 23.05 33.75
C ALA A 324 -4.86 23.12 32.44
N LEU A 325 -3.87 22.26 32.31
CA LEU A 325 -3.20 21.98 31.04
C LEU A 325 -3.58 20.53 30.63
N VAL A 326 -4.12 20.36 29.45
CA VAL A 326 -4.56 19.06 28.97
C VAL A 326 -3.75 18.74 27.69
N ARG A 327 -3.24 17.52 27.53
CA ARG A 327 -2.45 17.14 26.33
C ARG A 327 -3.25 16.11 25.55
N PHE A 328 -3.02 16.07 24.27
CA PHE A 328 -3.78 15.14 23.42
C PHE A 328 -3.05 14.83 22.17
N ARG A 329 -3.56 13.86 21.39
CA ARG A 329 -3.03 13.62 20.07
C ARG A 329 -4.15 13.32 19.12
N SER A 330 -4.01 13.79 17.89
CA SER A 330 -5.06 13.69 16.87
C SER A 330 -4.76 12.51 16.01
N GLY A 331 -5.76 11.67 15.84
CA GLY A 331 -5.59 10.43 15.09
C GLY A 331 -6.60 9.43 15.49
N ARG A 332 -6.55 8.28 14.84
CA ARG A 332 -7.44 7.19 15.17
C ARG A 332 -6.63 5.91 15.15
N HIS A 333 -7.13 4.87 15.82
CA HIS A 333 -6.61 3.53 15.67
C HIS A 333 -7.13 2.87 14.40
N ARG A 334 -6.42 1.84 13.95
CA ARG A 334 -6.75 1.15 12.71
C ARG A 334 -8.13 0.57 12.82
N GLU A 335 -8.47 0.06 14.01
CA GLU A 335 -9.74 -0.58 14.20
C GLU A 335 -10.28 -0.15 15.54
N ALA A 336 -11.59 -0.15 15.66
CA ALA A 336 -12.25 0.09 16.93
C ALA A 336 -12.72 -1.17 17.64
N TRP A 337 -13.00 -2.22 16.87
CA TRP A 337 -13.56 -3.44 17.41
C TRP A 337 -12.69 -4.59 16.96
N ARG A 338 -12.28 -5.38 17.93
CA ARG A 338 -11.60 -6.63 17.67
C ARG A 338 -11.98 -7.69 18.70
N GLY A 339 -12.49 -8.81 18.20
CA GLY A 339 -12.97 -9.91 19.06
C GLY A 339 -14.01 -9.40 20.04
N ASN A 340 -13.72 -9.54 21.33
CA ASN A 340 -14.66 -9.18 22.37
C ASN A 340 -14.35 -7.84 23.02
N VAL A 341 -13.68 -6.97 22.25
CA VAL A 341 -13.38 -5.62 22.70
C VAL A 341 -13.84 -4.62 21.67
N MET A 342 -14.64 -3.65 22.09
CA MET A 342 -14.84 -2.45 21.26
C MET A 342 -14.39 -1.20 22.03
N ALA A 343 -13.71 -0.30 21.36
CA ALA A 343 -13.33 0.96 21.95
C ALA A 343 -14.28 2.13 21.60
N VAL A 344 -14.56 2.93 22.61
CA VAL A 344 -15.43 4.09 22.47
C VAL A 344 -14.77 5.25 23.12
N GLY A 345 -14.77 6.38 22.41
CA GLY A 345 -14.23 7.66 22.90
C GLY A 345 -12.73 7.84 22.61
N ASN A 346 -11.98 8.45 23.51
CA ASN A 346 -10.60 8.80 23.23
C ASN A 346 -9.69 7.57 23.10
N SER A 347 -10.08 6.44 23.67
CA SER A 347 -9.37 5.19 23.43
C SER A 347 -9.28 4.81 21.95
N TYR A 348 -10.25 5.23 21.13
CA TYR A 348 -10.26 4.93 19.71
C TYR A 348 -9.65 6.02 18.89
N ALA A 349 -10.12 7.24 19.06
CA ALA A 349 -9.75 8.36 18.20
C ALA A 349 -10.01 9.68 18.86
N PHE A 350 -9.40 10.75 18.35
CA PHE A 350 -9.58 12.12 18.91
C PHE A 350 -9.20 13.12 17.85
N VAL A 351 -9.97 14.17 17.70
CA VAL A 351 -9.51 15.39 16.99
C VAL A 351 -9.81 16.58 17.89
N GLU A 352 -9.12 17.67 17.66
CA GLU A 352 -9.28 18.87 18.49
C GLU A 352 -10.73 19.32 18.37
N PRO A 353 -11.22 19.99 19.39
CA PRO A 353 -12.63 20.26 19.43
C PRO A 353 -13.07 21.42 18.60
N LEU A 354 -12.42 21.69 17.48
CA LEU A 354 -12.85 22.84 16.64
C LEU A 354 -14.32 22.76 16.06
N GLU A 355 -14.81 21.57 15.88
CA GLU A 355 -16.22 21.38 15.38
C GLU A 355 -17.11 20.57 16.33
N SER A 356 -16.64 20.42 17.58
CA SER A 356 -17.17 19.47 18.60
C SER A 356 -17.77 18.18 18.11
N SER A 357 -16.92 17.40 17.51
CA SER A 357 -17.29 16.11 17.04
C SER A 357 -17.09 15.01 18.09
N GLY A 358 -16.46 15.28 19.23
CA GLY A 358 -16.12 14.21 20.20
C GLY A 358 -17.30 13.38 20.66
N LEU A 359 -18.30 14.06 21.22
CA LEU A 359 -19.53 13.44 21.73
C LEU A 359 -20.37 12.80 20.60
N LEU A 360 -20.39 13.46 19.46
CA LEU A 360 -21.03 12.89 18.29
C LEU A 360 -20.46 11.57 17.95
N MET A 361 -19.13 11.47 17.91
CA MET A 361 -18.50 10.22 17.56
C MET A 361 -18.59 9.12 18.61
N ILE A 362 -18.67 9.54 19.87
CA ILE A 362 -18.95 8.63 20.95
C ILE A 362 -20.34 8.08 20.67
N ALA A 363 -21.31 8.98 20.45
CA ALA A 363 -22.69 8.53 20.26
C ALA A 363 -22.81 7.55 19.05
N THR A 364 -22.09 7.86 17.99
CA THR A 364 -22.09 7.01 16.82
C THR A 364 -21.51 5.64 17.10
N ALA A 365 -20.34 5.58 17.77
CA ALA A 365 -19.74 4.32 18.20
C ALA A 365 -20.67 3.51 19.10
N VAL A 366 -21.34 4.19 20.03
CA VAL A 366 -22.34 3.53 20.90
C VAL A 366 -23.47 2.89 20.10
N GLN A 367 -23.98 3.60 19.11
CA GLN A 367 -25.09 3.02 18.31
C GLN A 367 -24.65 1.85 17.55
N ILE A 368 -23.43 1.90 17.04
CA ILE A 368 -22.83 0.76 16.36
C ILE A 368 -22.74 -0.46 17.29
N LEU A 369 -22.18 -0.25 18.46
CA LEU A 369 -22.03 -1.34 19.42
C LEU A 369 -23.37 -1.90 19.81
N VAL A 370 -24.30 -1.02 20.11
CA VAL A 370 -25.59 -1.47 20.67
C VAL A 370 -26.43 -2.23 19.66
N SER A 371 -26.36 -1.78 18.42
CA SER A 371 -26.99 -2.49 17.33
C SER A 371 -26.35 -3.79 16.95
N LEU A 372 -25.02 -3.85 16.96
CA LEU A 372 -24.31 -4.96 16.39
C LEU A 372 -23.77 -6.02 17.37
N LEU A 373 -23.84 -5.75 18.67
CA LEU A 373 -23.31 -6.67 19.69
C LEU A 373 -23.98 -8.03 19.50
N PRO A 374 -23.19 -9.11 19.33
CA PRO A 374 -23.89 -10.40 19.19
C PRO A 374 -24.60 -10.84 20.46
N SER A 375 -25.59 -11.69 20.28
CA SER A 375 -26.30 -12.33 21.38
C SER A 375 -25.49 -13.44 22.01
N SER A 376 -24.52 -13.97 21.29
CA SER A 376 -23.78 -15.14 21.75
C SER A 376 -22.44 -15.27 21.01
N ARG A 377 -21.51 -16.03 21.61
CA ARG A 377 -20.16 -16.16 21.04
C ARG A 377 -20.18 -17.01 19.75
N ARG A 378 -21.26 -17.72 19.50
CA ARG A 378 -21.40 -18.47 18.24
C ARG A 378 -21.77 -17.55 17.02
N ASP A 379 -22.72 -16.62 17.19
CA ASP A 379 -23.13 -15.64 16.15
C ASP A 379 -21.97 -15.02 15.29
N PRO A 380 -22.24 -14.67 14.02
CA PRO A 380 -21.18 -13.98 13.20
C PRO A 380 -20.76 -12.60 13.78
N LEU A 381 -19.48 -12.27 13.69
CA LEU A 381 -19.01 -11.03 14.34
C LEU A 381 -18.88 -9.89 13.32
N PRO A 382 -19.67 -8.82 13.42
CA PRO A 382 -19.59 -7.78 12.37
C PRO A 382 -18.63 -6.65 12.69
N SER A 383 -17.45 -6.99 13.16
CA SER A 383 -16.48 -6.02 13.56
C SER A 383 -15.81 -5.32 12.35
N ASP A 384 -15.66 -5.98 11.21
CA ASP A 384 -15.09 -5.25 10.04
C ASP A 384 -16.03 -4.12 9.57
N ALA A 385 -17.34 -4.37 9.57
CA ALA A 385 -18.28 -3.33 9.15
C ALA A 385 -18.19 -2.12 10.05
N ALA A 386 -18.13 -2.38 11.36
CA ALA A 386 -18.03 -1.33 12.37
C ALA A 386 -16.75 -0.59 12.15
N ASN A 387 -15.63 -1.29 11.95
CA ASN A 387 -14.37 -0.61 11.79
C ASN A 387 -14.25 0.29 10.57
N GLN A 388 -14.76 -0.20 9.43
CA GLN A 388 -14.79 0.60 8.22
C GLN A 388 -15.69 1.81 8.32
N ALA A 389 -16.82 1.69 9.00
CA ALA A 389 -17.74 2.80 9.11
C ALA A 389 -17.12 3.89 9.97
N LEU A 390 -16.52 3.46 11.07
CA LEU A 390 -15.87 4.44 11.96
C LEU A 390 -14.64 5.10 11.35
N ALA A 391 -13.80 4.34 10.70
CA ALA A 391 -12.64 4.92 10.03
C ALA A 391 -13.10 5.98 9.01
N HIS A 392 -14.15 5.69 8.26
CA HIS A 392 -14.54 6.60 7.16
C HIS A 392 -15.09 7.94 7.76
N ARG A 393 -15.88 7.82 8.80
CA ARG A 393 -16.46 8.98 9.48
C ARG A 393 -15.36 9.84 10.11
N TRP A 394 -14.40 9.22 10.82
CA TRP A 394 -13.33 9.99 11.45
C TRP A 394 -12.41 10.65 10.40
N ASP A 395 -12.07 9.91 9.35
CA ASP A 395 -11.19 10.42 8.32
C ASP A 395 -11.79 11.64 7.59
N ALA A 396 -13.09 11.62 7.35
CA ALA A 396 -13.78 12.75 6.76
C ALA A 396 -13.72 14.00 7.69
N ILE A 397 -13.93 13.81 9.00
CA ILE A 397 -13.82 14.87 9.96
C ILE A 397 -12.42 15.43 9.91
N ARG A 398 -11.43 14.57 9.78
CA ARG A 398 -10.06 15.02 9.75
C ARG A 398 -9.84 16.02 8.60
N TRP A 399 -10.21 15.63 7.41
CA TRP A 399 -10.06 16.47 6.24
C TRP A 399 -10.88 17.74 6.32
N PHE A 400 -12.06 17.69 6.92
CA PHE A 400 -12.80 18.95 7.15
C PHE A 400 -12.06 19.89 8.11
N LEU A 401 -11.53 19.38 9.22
CA LEU A 401 -10.76 20.21 10.09
C LEU A 401 -9.52 20.75 9.38
N SER A 402 -8.92 19.93 8.51
CA SER A 402 -7.69 20.37 7.82
C SER A 402 -7.89 21.73 7.07
N ILE A 403 -9.06 21.95 6.50
CA ILE A 403 -9.31 23.19 5.77
C ILE A 403 -9.57 24.36 6.69
N HIS A 404 -9.84 24.13 7.99
CA HIS A 404 -9.93 25.25 8.96
C HIS A 404 -8.52 25.85 9.17
N TYR A 405 -7.48 25.01 9.02
CA TYR A 405 -6.11 25.42 9.24
C TYR A 405 -5.41 25.97 8.02
N ARG A 406 -5.55 25.28 6.88
CA ARG A 406 -4.83 25.62 5.65
C ARG A 406 -5.17 27.03 5.16
N PHE A 407 -6.41 27.50 5.41
CA PHE A 407 -6.87 28.72 4.74
C PHE A 407 -7.15 29.91 5.70
N ASN A 408 -6.59 29.81 6.92
CA ASN A 408 -6.83 30.85 7.90
C ASN A 408 -5.82 31.98 7.77
N GLY A 409 -6.17 32.98 6.96
CA GLY A 409 -5.32 34.14 6.76
C GLY A 409 -5.33 35.25 7.78
N ARG A 410 -5.80 35.01 9.01
CA ARG A 410 -5.99 36.08 9.97
C ARG A 410 -4.68 36.61 10.51
N LEU A 411 -3.72 35.73 10.90
CA LEU A 411 -2.53 36.18 11.65
C LEU A 411 -1.23 35.85 10.89
N ASP A 412 -0.19 36.64 11.10
CA ASP A 412 1.10 36.42 10.39
C ASP A 412 2.23 35.82 11.28
N THR A 413 1.86 34.96 12.19
CA THR A 413 2.78 34.36 13.16
C THR A 413 3.42 33.10 12.53
N PRO A 414 4.57 32.65 13.08
CA PRO A 414 5.24 31.49 12.47
C PRO A 414 4.31 30.25 12.48
N PHE A 415 3.55 30.02 13.56
CA PHE A 415 2.53 28.92 13.54
C PHE A 415 1.59 29.05 12.34
N TRP A 416 1.06 30.24 12.05
CA TRP A 416 0.04 30.37 11.06
C TRP A 416 0.59 30.39 9.66
N LYS A 417 1.78 30.93 9.50
CA LYS A 417 2.49 30.74 8.24
C LYS A 417 2.73 29.26 7.93
N GLU A 418 3.19 28.52 8.91
CA GLU A 418 3.41 27.08 8.74
C GLU A 418 2.11 26.35 8.44
N ALA A 419 1.03 26.64 9.16
CA ALA A 419 -0.21 26.07 8.83
C ALA A 419 -0.67 26.34 7.42
N ARG A 420 -0.53 27.56 6.93
CA ARG A 420 -1.05 27.88 5.63
C ARG A 420 -0.21 27.26 4.49
N ALA A 421 1.06 27.02 4.80
CA ALA A 421 1.99 26.46 3.83
C ALA A 421 2.03 24.95 3.85
N GLU A 422 1.87 24.31 5.02
CA GLU A 422 2.14 22.85 5.13
C GLU A 422 0.99 21.89 5.58
N THR A 423 -0.17 22.43 5.98
CA THR A 423 -1.30 21.58 6.37
C THR A 423 -1.67 20.64 5.24
N ASP A 424 -1.65 19.34 5.54
CA ASP A 424 -2.01 18.31 4.57
C ASP A 424 -3.53 18.37 4.39
N ILE A 425 -3.96 18.67 3.15
CA ILE A 425 -5.35 18.69 2.76
C ILE A 425 -5.61 17.67 1.63
N SER A 426 -4.73 16.68 1.47
CA SER A 426 -4.78 15.77 0.35
C SER A 426 -6.09 15.13 0.20
N GLY A 427 -6.73 14.74 1.28
CA GLY A 427 -7.93 13.92 1.17
C GLY A 427 -9.17 14.70 0.77
N ILE A 428 -9.10 16.03 0.81
CA ILE A 428 -10.25 16.85 0.41
C ILE A 428 -9.89 17.77 -0.77
N GLU A 429 -8.67 17.67 -1.22
CA GLU A 429 -8.23 18.43 -2.34
C GLU A 429 -9.08 18.24 -3.61
N PRO A 430 -9.56 17.01 -3.89
CA PRO A 430 -10.41 16.91 -5.09
C PRO A 430 -11.68 17.70 -4.95
N LEU A 431 -12.23 17.71 -3.74
CA LEU A 431 -13.42 18.54 -3.45
C LEU A 431 -13.11 20.05 -3.54
N LEU A 432 -11.91 20.46 -3.08
CA LEU A 432 -11.51 21.89 -3.18
C LEU A 432 -11.41 22.40 -4.63
N ARG A 433 -10.99 21.51 -5.52
CA ARG A 433 -10.89 21.82 -6.97
C ARG A 433 -12.23 21.99 -7.57
N LEU A 434 -13.22 21.22 -7.09
CA LEU A 434 -14.60 21.40 -7.52
C LEU A 434 -15.16 22.78 -7.07
N PHE A 435 -14.97 23.04 -5.77
CA PHE A 435 -15.35 24.33 -5.16
C PHE A 435 -14.86 25.55 -5.95
N ALA A 436 -13.58 25.56 -6.26
CA ALA A 436 -12.94 26.67 -6.95
C ALA A 436 -13.60 27.01 -8.28
N ALA A 437 -14.04 25.97 -8.97
CA ALA A 437 -14.57 26.12 -10.30
C ALA A 437 -15.98 26.67 -10.22
N GLY A 438 -16.60 26.61 -9.05
CA GLY A 438 -17.96 27.16 -8.89
C GLY A 438 -18.52 26.96 -7.51
N ALA A 439 -18.41 28.00 -6.70
CA ALA A 439 -18.83 27.99 -5.29
C ALA A 439 -20.17 28.75 -5.08
N PRO A 440 -20.98 28.34 -4.13
CA PRO A 440 -20.82 27.25 -3.17
C PRO A 440 -21.21 25.93 -3.83
N LEU A 441 -20.64 24.85 -3.32
CA LEU A 441 -20.94 23.54 -3.81
C LEU A 441 -22.37 23.22 -3.60
N THR A 442 -22.94 23.72 -2.51
CA THR A 442 -24.38 23.53 -2.27
C THR A 442 -25.26 24.25 -3.33
N GLY A 443 -24.70 25.14 -4.16
CA GLY A 443 -25.42 25.76 -5.27
C GLY A 443 -25.26 25.03 -6.60
N ARG A 444 -24.42 23.99 -6.64
CA ARG A 444 -24.25 23.22 -7.87
C ARG A 444 -25.45 22.41 -8.21
N ASP A 445 -25.40 21.81 -9.40
CA ASP A 445 -26.49 20.91 -9.82
C ASP A 445 -26.52 19.68 -8.94
N SER A 446 -27.65 19.00 -8.98
CA SER A 446 -27.94 17.91 -8.09
C SER A 446 -26.98 16.73 -8.23
N PHE A 447 -26.53 16.49 -9.45
CA PHE A 447 -25.63 15.36 -9.68
C PHE A 447 -24.28 15.68 -9.07
N THR A 448 -23.80 16.89 -9.31
CA THR A 448 -22.48 17.37 -8.82
C THR A 448 -22.48 17.39 -7.29
N ARG A 449 -23.60 17.85 -6.68
CA ARG A 449 -23.81 17.85 -5.21
C ARG A 449 -23.71 16.46 -4.61
N TYR A 450 -24.45 15.51 -5.17
CA TYR A 450 -24.31 14.12 -4.78
C TYR A 450 -22.83 13.55 -4.91
N LEU A 451 -22.13 13.89 -5.98
CA LEU A 451 -20.74 13.45 -6.12
C LEU A 451 -19.84 14.09 -5.03
N ALA A 452 -19.97 15.39 -4.86
CA ALA A 452 -19.22 16.16 -3.86
C ALA A 452 -19.44 15.68 -2.41
N ASP A 453 -20.70 15.44 -2.10
CA ASP A 453 -21.14 14.88 -0.84
C ASP A 453 -20.23 13.83 -0.26
N GLY A 454 -19.75 12.92 -1.10
CA GLY A 454 -19.02 11.76 -0.64
C GLY A 454 -17.76 12.14 0.07
N ALA A 455 -17.23 13.33 -0.18
CA ALA A 455 -16.03 13.82 0.52
C ALA A 455 -16.30 14.66 1.78
N ALA A 456 -17.56 15.03 2.02
CA ALA A 456 -17.87 15.84 3.15
C ALA A 456 -18.30 14.95 4.34
N PRO A 457 -18.22 15.48 5.56
CA PRO A 457 -18.55 14.65 6.68
C PRO A 457 -20.05 14.55 6.72
N LEU A 458 -20.52 13.45 7.19
CA LEU A 458 -21.93 13.18 7.17
C LEU A 458 -22.73 14.15 7.97
N PHE A 459 -22.28 14.47 9.18
CA PHE A 459 -23.12 15.38 9.93
C PHE A 459 -22.99 16.82 9.40
N TYR A 460 -21.78 17.26 9.13
CA TYR A 460 -21.45 18.68 8.85
C TYR A 460 -21.81 19.04 7.41
N GLY A 461 -21.55 18.11 6.49
CA GLY A 461 -22.07 18.16 5.12
C GLY A 461 -21.36 19.15 4.26
N LEU A 462 -21.82 19.25 3.01
CA LEU A 462 -21.31 20.18 2.07
C LEU A 462 -21.51 21.59 2.55
N GLU A 463 -22.62 21.84 3.24
CA GLU A 463 -22.90 23.18 3.78
C GLU A 463 -21.80 23.63 4.75
N GLY A 464 -21.26 22.72 5.54
CA GLY A 464 -20.22 23.07 6.47
C GLY A 464 -18.93 23.40 5.74
N VAL A 465 -18.62 22.60 4.74
CA VAL A 465 -17.41 22.86 3.90
C VAL A 465 -17.55 24.21 3.18
N ASP A 466 -18.69 24.46 2.57
CA ASP A 466 -18.94 25.76 1.91
C ASP A 466 -18.77 26.94 2.90
N THR A 467 -19.26 26.80 4.11
CA THR A 467 -19.26 27.94 5.02
C THR A 467 -17.84 28.27 5.43
N LEU A 468 -17.05 27.26 5.73
CA LEU A 468 -15.68 27.42 6.14
C LEU A 468 -14.86 28.02 5.03
N LEU A 469 -15.08 27.56 3.80
CA LEU A 469 -14.23 28.00 2.69
C LEU A 469 -14.60 29.48 2.26
N LEU A 470 -15.88 29.78 2.22
CA LEU A 470 -16.32 31.13 1.85
C LEU A 470 -16.07 32.10 3.01
N GLY A 471 -16.24 31.60 4.23
CA GLY A 471 -15.90 32.45 5.41
C GLY A 471 -14.48 32.90 5.43
N GLN A 472 -13.61 32.01 5.01
CA GLN A 472 -12.16 32.26 4.94
C GLN A 472 -11.69 32.86 3.61
N GLU A 473 -12.63 33.27 2.73
CA GLU A 473 -12.36 34.00 1.45
C GLU A 473 -11.39 33.24 0.59
N VAL A 474 -11.59 31.95 0.50
CA VAL A 474 -10.83 31.07 -0.40
C VAL A 474 -11.31 31.36 -1.86
N PRO A 475 -10.37 31.69 -2.77
CA PRO A 475 -10.79 32.16 -4.10
C PRO A 475 -11.62 31.13 -4.84
N ALA A 476 -12.70 31.57 -5.48
CA ALA A 476 -13.51 30.69 -6.29
C ALA A 476 -14.37 31.52 -7.19
N ARG A 477 -14.85 30.93 -8.29
CA ARG A 477 -15.86 31.53 -9.13
C ARG A 477 -17.16 31.38 -8.39
N LEU A 478 -17.76 32.52 -8.05
CA LEU A 478 -19.03 32.52 -7.36
C LEU A 478 -20.13 32.25 -8.35
N LEU A 479 -21.00 31.33 -8.02
CA LEU A 479 -22.08 31.03 -8.89
C LEU A 479 -23.06 32.23 -8.95
N PRO A 480 -23.66 32.43 -10.13
CA PRO A 480 -24.82 33.28 -10.23
C PRO A 480 -25.98 32.82 -9.34
N PRO A 481 -26.85 33.77 -8.89
CA PRO A 481 -28.01 33.43 -8.09
C PRO A 481 -29.10 32.84 -8.97
N ARG A 482 -29.98 32.08 -8.37
CA ARG A 482 -31.00 31.36 -9.12
C ARG A 482 -32.38 32.03 -9.02
N GLU A 483 -32.40 33.22 -8.46
CA GLU A 483 -33.63 33.93 -8.23
C GLU A 483 -33.28 35.41 -8.30
N PRO A 484 -34.27 36.24 -8.60
CA PRO A 484 -34.02 37.68 -8.66
C PRO A 484 -33.53 38.20 -7.28
N PRO A 485 -32.63 39.20 -7.27
CA PRO A 485 -32.09 39.60 -5.98
C PRO A 485 -33.13 40.11 -4.97
N GLU A 486 -34.25 40.65 -5.44
CA GLU A 486 -35.30 41.16 -4.57
C GLU A 486 -36.00 40.08 -3.83
N GLN A 487 -36.10 38.89 -4.40
CA GLN A 487 -36.64 37.79 -3.65
C GLN A 487 -35.75 37.39 -2.45
N TRP A 488 -34.43 37.31 -2.67
CA TRP A 488 -33.51 37.01 -1.55
C TRP A 488 -33.68 38.08 -0.49
N ARG A 489 -33.61 39.35 -0.92
CA ARG A 489 -33.76 40.47 -0.03
C ARG A 489 -35.04 40.43 0.79
N ALA A 490 -36.16 40.04 0.17
CA ALA A 490 -37.42 39.95 0.93
C ALA A 490 -37.33 38.92 2.02
N ARG A 491 -36.80 37.76 1.68
CA ARG A 491 -36.71 36.65 2.60
C ARG A 491 -35.73 37.00 3.74
N ALA A 492 -34.66 37.76 3.40
CA ALA A 492 -33.66 38.20 4.38
C ALA A 492 -34.29 39.14 5.37
N ALA A 493 -35.09 40.07 4.86
CA ALA A 493 -35.76 41.05 5.73
C ALA A 493 -36.77 40.38 6.67
N ALA A 494 -37.54 39.39 6.20
CA ALA A 494 -38.40 38.59 7.08
C ALA A 494 -37.58 37.95 8.20
N ALA A 495 -36.50 37.27 7.81
CA ALA A 495 -35.56 36.65 8.76
C ALA A 495 -34.94 37.63 9.79
N ARG A 496 -34.46 38.78 9.30
CA ARG A 496 -33.86 39.83 10.16
C ARG A 496 -34.86 40.30 11.19
N SER A 497 -36.09 40.47 10.73
CA SER A 497 -37.23 40.74 11.61
C SER A 497 -37.37 39.77 12.77
N LEU A 498 -37.49 38.49 12.45
CA LEU A 498 -37.49 37.46 13.45
C LEU A 498 -36.23 37.43 14.31
N ALA A 499 -35.06 37.62 13.71
CA ALA A 499 -33.86 37.50 14.52
C ALA A 499 -33.74 38.63 15.55
N SER A 500 -34.03 39.86 15.12
CA SER A 500 -33.99 41.00 16.04
C SER A 500 -35.02 40.99 17.20
N ARG A 501 -36.12 40.25 17.08
CA ARG A 501 -37.15 40.18 18.11
C ARG A 501 -37.00 38.99 19.07
N GLY A 502 -36.01 38.12 18.84
CA GLY A 502 -35.83 36.98 19.73
C GLY A 502 -35.42 37.42 21.11
N LEU A 503 -35.75 36.62 22.10
CA LEU A 503 -35.31 36.89 23.47
C LEU A 503 -33.77 36.76 23.58
N ARG A 504 -33.21 37.36 24.59
CA ARG A 504 -31.89 37.00 25.06
C ARG A 504 -31.95 35.63 25.58
N GLN A 505 -30.81 34.92 25.52
CA GLN A 505 -30.85 33.48 25.90
C GLN A 505 -31.31 33.26 27.35
N SER A 506 -30.85 34.11 28.24
CA SER A 506 -30.96 33.81 29.62
C SER A 506 -32.50 33.77 30.02
N GLU A 507 -33.27 34.70 29.45
CA GLU A 507 -34.75 34.73 29.65
C GLU A 507 -35.44 33.49 29.08
N ALA A 508 -34.97 33.07 27.91
CA ALA A 508 -35.52 31.91 27.27
C ALA A 508 -35.24 30.59 27.99
N LEU A 509 -34.04 30.43 28.57
CA LEU A 509 -33.73 29.25 29.36
C LEU A 509 -34.65 29.19 30.61
N ASP A 510 -34.92 30.36 31.19
CA ASP A 510 -35.88 30.47 32.29
C ASP A 510 -37.32 30.05 31.91
N ALA A 511 -37.73 30.36 30.68
CA ALA A 511 -39.00 29.87 30.13
C ALA A 511 -39.02 28.37 30.00
N TYR A 512 -37.95 27.76 29.45
CA TYR A 512 -37.91 26.32 29.37
C TYR A 512 -37.91 25.58 30.72
N ALA A 513 -37.28 26.17 31.74
CA ALA A 513 -37.27 25.59 33.10
C ALA A 513 -38.63 25.69 33.73
N ALA A 514 -39.32 26.79 33.46
CA ALA A 514 -40.64 27.05 33.98
C ALA A 514 -41.79 26.22 33.31
N ASP A 515 -41.62 25.86 32.04
CA ASP A 515 -42.64 25.15 31.31
C ASP A 515 -42.04 23.95 30.56
N PRO A 516 -42.16 22.75 31.16
CA PRO A 516 -41.67 21.51 30.57
C PRO A 516 -42.25 21.15 29.21
N CYS A 517 -43.37 21.76 28.82
CA CYS A 517 -44.00 21.45 27.56
C CYS A 517 -43.27 22.08 26.41
N LEU A 518 -42.41 23.08 26.65
CA LEU A 518 -41.56 23.54 25.54
C LEU A 518 -40.62 22.45 24.99
N ASN A 519 -39.91 21.80 25.91
CA ASN A 519 -39.12 20.64 25.54
C ASN A 519 -39.98 19.48 25.07
N ALA A 520 -41.17 19.28 25.67
CA ALA A 520 -42.00 18.16 25.22
C ALA A 520 -42.38 18.35 23.79
N GLU A 521 -42.70 19.57 23.36
CA GLU A 521 -43.09 19.76 21.93
C GLU A 521 -41.89 19.54 21.00
N LEU A 522 -40.70 19.90 21.47
CA LEU A 522 -39.43 19.69 20.70
C LEU A 522 -39.23 18.20 20.42
N LEU A 523 -39.49 17.38 21.42
CA LEU A 523 -39.26 15.93 21.28
C LEU A 523 -40.44 15.10 20.74
N SER A 524 -41.65 15.61 20.81
CA SER A 524 -42.78 14.82 20.35
C SER A 524 -43.36 15.31 19.04
N ASP A 525 -43.36 16.62 18.81
CA ASP A 525 -44.09 17.18 17.67
C ASP A 525 -43.61 16.64 16.31
N SER A 526 -44.57 16.24 15.47
CA SER A 526 -44.23 15.63 14.16
C SER A 526 -43.52 16.61 13.27
N ASP A 527 -43.77 17.92 13.48
CA ASP A 527 -43.09 19.05 12.77
C ASP A 527 -41.64 19.40 13.27
N SER A 528 -41.21 18.75 14.33
CA SER A 528 -39.95 19.16 14.98
C SER A 528 -38.77 18.45 14.38
N TRP A 529 -37.66 19.15 14.25
CA TRP A 529 -36.43 18.53 13.78
C TRP A 529 -35.97 17.40 14.73
N ALA A 530 -36.42 17.40 15.98
CA ALA A 530 -35.96 16.44 17.01
C ALA A 530 -37.14 15.59 17.51
N GLY A 531 -38.25 15.61 16.75
CA GLY A 531 -39.41 14.85 17.12
C GLY A 531 -39.31 13.33 16.93
N GLU A 532 -40.25 12.67 17.58
CA GLU A 532 -40.39 11.22 17.60
C GLU A 532 -40.22 10.60 16.24
N ARG A 533 -40.86 11.21 15.27
CA ARG A 533 -40.96 10.65 13.93
C ARG A 533 -39.58 10.71 13.23
N VAL A 534 -38.91 11.87 13.31
CA VAL A 534 -37.50 11.93 12.87
C VAL A 534 -36.62 10.95 13.67
N ALA A 535 -36.84 10.83 14.98
CA ALA A 535 -36.08 9.90 15.83
C ALA A 535 -36.25 8.45 15.36
N VAL A 536 -37.50 8.04 15.15
CA VAL A 536 -37.78 6.69 14.62
C VAL A 536 -36.99 6.44 13.34
N ARG A 537 -37.03 7.38 12.40
CA ARG A 537 -36.25 7.26 11.18
C ARG A 537 -34.75 7.23 11.35
N ALA A 538 -34.19 8.03 12.24
CA ALA A 538 -32.75 8.02 12.42
C ALA A 538 -32.27 6.78 13.20
N GLY A 539 -33.21 5.92 13.57
CA GLY A 539 -32.96 4.85 14.54
C GLY A 539 -32.79 5.40 15.93
N PRO B 26 29.34 27.40 13.99
CA PRO B 26 28.09 28.14 14.19
C PRO B 26 26.90 27.21 14.20
N GLY B 27 26.65 26.55 13.06
CA GLY B 27 25.69 25.45 12.97
C GLY B 27 26.30 24.07 13.25
N ALA B 28 27.55 24.02 13.68
CA ALA B 28 28.20 22.74 13.96
C ALA B 28 27.45 21.91 15.04
N ILE B 29 27.42 20.60 14.82
CA ILE B 29 26.88 19.70 15.83
C ILE B 29 28.03 19.40 16.78
N ARG B 30 28.03 19.99 17.96
CA ARG B 30 29.14 19.89 18.94
C ARG B 30 28.88 19.05 20.18
N THR B 31 27.60 18.93 20.51
CA THR B 31 27.09 18.29 21.70
C THR B 31 26.01 17.22 21.37
N VAL B 32 26.11 16.03 22.00
CA VAL B 32 25.15 14.93 21.78
C VAL B 32 24.67 14.47 23.16
N GLY B 33 23.35 14.39 23.40
CA GLY B 33 22.85 13.79 24.58
C GLY B 33 22.34 12.37 24.33
N VAL B 34 22.94 11.38 25.00
CA VAL B 34 22.50 10.02 24.95
C VAL B 34 21.55 9.87 26.10
N ILE B 35 20.29 9.65 25.76
CA ILE B 35 19.23 9.61 26.76
C ILE B 35 18.87 8.16 27.14
N GLY B 36 19.39 7.74 28.30
CA GLY B 36 19.27 6.43 28.75
C GLY B 36 20.56 5.70 28.92
N GLY B 37 20.62 4.81 29.94
CA GLY B 37 21.86 4.20 30.32
C GLY B 37 21.93 2.70 30.42
N GLY B 38 21.38 2.01 29.45
CA GLY B 38 21.55 0.56 29.59
C GLY B 38 22.66 0.22 28.63
N THR B 39 22.71 -1.00 28.10
CA THR B 39 23.81 -1.31 27.20
C THR B 39 23.66 -0.39 25.97
N ALA B 40 22.42 -0.01 25.59
CA ALA B 40 22.24 0.77 24.35
C ALA B 40 22.92 2.12 24.51
N GLY B 41 22.64 2.74 25.61
CA GLY B 41 23.11 4.07 25.95
C GLY B 41 24.63 4.11 26.10
N TYR B 42 25.16 3.21 26.94
CA TYR B 42 26.60 3.19 27.14
C TYR B 42 27.38 2.81 25.89
N LEU B 43 26.88 1.83 25.13
CA LEU B 43 27.60 1.45 23.89
C LEU B 43 27.61 2.63 22.91
N THR B 44 26.51 3.35 22.87
CA THR B 44 26.40 4.51 21.97
C THR B 44 27.38 5.63 22.40
N ALA B 45 27.36 5.99 23.68
CA ALA B 45 28.24 7.03 24.18
C ALA B 45 29.72 6.67 23.99
N LEU B 46 30.05 5.44 24.25
CA LEU B 46 31.43 4.97 24.04
C LEU B 46 31.87 5.07 22.57
N ALA B 47 31.01 4.67 21.66
CA ALA B 47 31.34 4.75 20.25
C ALA B 47 31.51 6.20 19.79
N LEU B 48 30.59 7.06 20.17
CA LEU B 48 30.72 8.46 19.77
C LEU B 48 32.06 9.07 20.22
N LYS B 49 32.46 8.80 21.47
CA LYS B 49 33.69 9.35 22.02
C LYS B 49 34.82 8.73 21.36
N ALA B 50 34.74 7.42 21.05
CA ALA B 50 35.88 6.73 20.41
C ALA B 50 36.10 7.20 19.01
N LYS B 51 35.06 7.43 18.25
CA LYS B 51 35.28 7.75 16.85
C LYS B 51 35.25 9.22 16.56
N ARG B 52 34.56 10.02 17.40
CA ARG B 52 34.46 11.47 17.18
C ARG B 52 34.86 12.15 18.47
N PRO B 53 36.15 12.01 18.84
CA PRO B 53 36.55 12.44 20.20
C PRO B 53 36.28 13.89 20.50
N TRP B 54 36.21 14.72 19.48
CA TRP B 54 35.91 16.14 19.65
C TRP B 54 34.49 16.46 20.15
N LEU B 55 33.53 15.53 20.14
CA LEU B 55 32.20 15.88 20.61
C LEU B 55 32.18 15.95 22.08
N ASP B 56 31.25 16.72 22.61
CA ASP B 56 30.90 16.69 24.03
C ASP B 56 29.70 15.73 24.17
N VAL B 57 29.96 14.54 24.72
CA VAL B 57 28.95 13.50 24.84
C VAL B 57 28.52 13.40 26.25
N ALA B 58 27.21 13.53 26.45
CA ALA B 58 26.59 13.42 27.76
C ALA B 58 25.68 12.22 27.77
N LEU B 59 25.73 11.45 28.86
CA LEU B 59 24.76 10.38 29.04
C LEU B 59 23.83 10.74 30.15
N VAL B 60 22.53 10.71 29.87
CA VAL B 60 21.50 11.15 30.80
C VAL B 60 20.69 9.95 31.29
N GLU B 61 20.64 9.71 32.58
CA GLU B 61 19.87 8.56 33.06
C GLU B 61 19.31 8.77 34.44
N SER B 62 18.21 8.08 34.69
CA SER B 62 17.42 8.19 35.91
C SER B 62 17.81 7.09 36.86
N ALA B 63 18.16 7.42 38.10
CA ALA B 63 18.39 6.38 39.13
C ALA B 63 17.07 5.71 39.54
N ASP B 64 15.96 6.38 39.24
CA ASP B 64 14.61 5.90 39.51
C ASP B 64 13.93 5.04 38.48
N ILE B 65 14.45 4.97 37.24
CA ILE B 65 13.93 4.08 36.18
C ILE B 65 14.94 3.06 35.72
N PRO B 66 14.76 1.82 36.08
CA PRO B 66 15.78 0.79 35.86
C PRO B 66 16.02 0.38 34.41
N ILE B 67 17.24 -0.12 34.17
CA ILE B 67 17.55 -0.75 32.86
C ILE B 67 16.72 -2.04 32.77
N ILE B 68 16.47 -2.46 31.52
CA ILE B 68 15.77 -3.72 31.29
C ILE B 68 16.34 -4.99 32.03
N GLY B 69 17.68 -5.16 32.12
CA GLY B 69 18.26 -6.05 33.12
C GLY B 69 18.59 -7.45 32.62
N VAL B 70 18.41 -7.70 31.33
CA VAL B 70 18.43 -9.08 30.88
C VAL B 70 19.38 -9.55 29.74
N GLY B 71 19.72 -8.76 28.70
CA GLY B 71 20.31 -9.36 27.49
C GLY B 71 21.72 -9.98 27.59
N GLU B 72 21.88 -11.31 27.65
CA GLU B 72 23.21 -11.77 28.08
C GLU B 72 24.02 -12.52 27.04
N ALA B 73 23.39 -13.06 25.98
CA ALA B 73 24.14 -13.85 24.97
C ALA B 73 24.36 -12.93 23.79
N THR B 74 25.45 -13.12 23.10
CA THR B 74 25.64 -12.39 21.83
C THR B 74 26.13 -13.26 20.66
N VAL B 75 26.61 -12.61 19.59
CA VAL B 75 27.08 -13.29 18.38
C VAL B 75 28.50 -12.92 18.14
N SER B 76 29.15 -13.64 17.25
CA SER B 76 30.60 -13.46 17.08
C SER B 76 31.05 -12.07 16.69
N TYR B 77 30.24 -11.39 15.87
CA TYR B 77 30.48 -10.00 15.47
C TYR B 77 30.73 -9.10 16.66
N MET B 78 29.99 -9.34 17.76
CA MET B 78 30.09 -8.49 18.93
C MET B 78 31.45 -8.51 19.57
N VAL B 79 32.20 -9.63 19.46
CA VAL B 79 33.53 -9.73 19.98
C VAL B 79 34.41 -8.68 19.31
N MET B 80 34.35 -8.61 18.01
CA MET B 80 35.05 -7.59 17.23
C MET B 80 34.56 -6.22 17.48
N PHE B 81 33.25 -6.02 17.61
CA PHE B 81 32.77 -4.68 17.93
C PHE B 81 33.31 -4.14 19.26
N LEU B 82 33.31 -4.97 20.26
CA LEU B 82 33.80 -4.56 21.57
C LEU B 82 35.25 -4.27 21.57
N HIS B 83 36.07 -5.20 21.07
CA HIS B 83 37.52 -5.02 21.17
C HIS B 83 38.19 -4.11 20.14
N HIS B 84 37.75 -4.15 18.90
CA HIS B 84 38.25 -3.28 17.86
C HIS B 84 37.54 -1.95 17.76
N TYR B 85 36.25 -1.94 17.62
CA TYR B 85 35.58 -0.67 17.42
C TYR B 85 35.63 0.18 18.66
N LEU B 86 35.42 -0.37 19.85
CA LEU B 86 35.32 0.40 21.08
C LEU B 86 36.59 0.32 21.84
N GLY B 87 37.54 -0.46 21.30
CA GLY B 87 38.90 -0.47 21.91
C GLY B 87 38.99 -1.07 23.31
N ILE B 88 38.08 -1.96 23.67
CA ILE B 88 38.08 -2.56 24.97
C ILE B 88 39.16 -3.63 25.09
N ASP B 89 40.06 -3.40 26.02
CA ASP B 89 41.17 -4.34 26.29
C ASP B 89 40.63 -5.69 26.76
N PRO B 90 41.06 -6.78 26.13
CA PRO B 90 40.37 -8.03 26.47
C PRO B 90 40.69 -8.55 27.87
N ALA B 91 41.91 -8.32 28.34
CA ALA B 91 42.27 -8.77 29.72
C ALA B 91 41.42 -8.10 30.76
N GLU B 92 41.25 -6.80 30.56
CA GLU B 92 40.43 -6.01 31.43
C GLU B 92 38.95 -6.41 31.35
N PHE B 93 38.46 -6.59 30.14
CA PHE B 93 37.10 -7.13 29.96
C PHE B 93 36.92 -8.47 30.69
N TYR B 94 37.85 -9.41 30.52
CA TYR B 94 37.73 -10.70 31.19
C TYR B 94 37.76 -10.59 32.68
N GLN B 95 38.63 -9.74 33.18
CA GLN B 95 38.72 -9.55 34.62
C GLN B 95 37.40 -8.95 35.18
N HIS B 96 36.82 -7.95 34.52
CA HIS B 96 35.66 -7.20 35.09
C HIS B 96 34.35 -7.87 34.77
N VAL B 97 34.24 -8.45 33.57
CA VAL B 97 32.95 -8.96 33.13
C VAL B 97 32.83 -10.46 33.36
N ARG B 98 33.95 -11.17 33.29
CA ARG B 98 33.94 -12.62 33.56
C ARG B 98 33.02 -13.40 32.61
N PRO B 99 33.22 -13.22 31.31
CA PRO B 99 32.47 -13.89 30.27
C PRO B 99 32.65 -15.38 30.25
N THR B 100 31.65 -16.06 29.72
CA THR B 100 31.83 -17.37 29.26
C THR B 100 31.71 -17.33 27.70
N TRP B 101 32.05 -18.47 27.11
CA TRP B 101 32.06 -18.68 25.67
C TRP B 101 30.81 -19.35 25.10
N LYS B 102 30.39 -18.85 23.96
CA LYS B 102 29.28 -19.39 23.25
C LYS B 102 29.76 -19.83 21.86
N LEU B 103 29.78 -21.15 21.62
CA LEU B 103 30.09 -21.75 20.33
C LEU B 103 28.88 -21.78 19.39
N GLY B 104 27.68 -21.57 19.91
CA GLY B 104 26.48 -21.62 19.10
C GLY B 104 25.28 -21.76 20.01
N ILE B 105 24.20 -22.28 19.47
CA ILE B 105 23.00 -22.54 20.24
C ILE B 105 22.65 -24.00 20.16
N ARG B 106 22.35 -24.64 21.31
CA ARG B 106 21.82 -25.95 21.31
C ARG B 106 20.32 -25.81 21.38
N PHE B 107 19.69 -26.31 20.33
CA PHE B 107 18.23 -26.30 20.18
C PHE B 107 17.56 -27.63 20.64
N GLU B 108 16.90 -27.60 21.79
CA GLU B 108 16.04 -28.69 22.19
C GLU B 108 14.67 -28.37 21.61
N TRP B 109 14.49 -28.79 20.36
CA TRP B 109 13.59 -28.13 19.43
C TRP B 109 13.30 -29.06 18.27
N GLY B 110 12.07 -29.01 17.77
CA GLY B 110 11.66 -29.97 16.70
C GLY B 110 11.37 -31.36 17.24
N SER B 111 10.98 -32.26 16.32
CA SER B 111 10.64 -33.66 16.71
C SER B 111 11.80 -34.55 16.99
N ARG B 112 13.03 -34.17 16.63
CA ARG B 112 14.14 -35.05 16.97
C ARG B 112 14.30 -35.06 18.47
N PRO B 113 14.36 -36.26 19.11
CA PRO B 113 14.51 -36.23 20.59
C PRO B 113 15.74 -35.50 21.15
N GLU B 114 16.89 -35.69 20.51
CA GLU B 114 18.14 -35.00 20.87
C GLU B 114 18.18 -33.52 20.40
N GLY B 115 17.22 -33.10 19.61
CA GLY B 115 17.29 -31.74 19.02
C GLY B 115 18.50 -31.60 18.12
N PHE B 116 18.99 -30.40 17.95
CA PHE B 116 20.14 -30.17 17.08
C PHE B 116 20.95 -28.98 17.56
N VAL B 117 22.21 -28.86 17.09
CA VAL B 117 23.05 -27.75 17.46
C VAL B 117 23.24 -26.84 16.22
N ALA B 118 23.39 -25.56 16.52
CA ALA B 118 23.64 -24.47 15.55
C ALA B 118 24.90 -23.71 15.91
N PRO B 119 26.04 -24.11 15.33
CA PRO B 119 27.26 -23.48 15.61
C PRO B 119 27.52 -22.24 14.80
N PHE B 120 28.48 -21.45 15.28
CA PHE B 120 28.90 -20.23 14.57
C PHE B 120 29.76 -20.51 13.38
N ASP B 121 30.40 -21.67 13.35
CA ASP B 121 31.41 -21.91 12.35
C ASP B 121 30.72 -22.41 11.07
N TRP B 122 30.93 -21.71 9.99
CA TRP B 122 30.58 -22.27 8.72
C TRP B 122 31.77 -22.33 7.79
N GLY B 123 32.65 -21.33 7.83
CA GLY B 123 33.86 -21.36 6.97
C GLY B 123 34.87 -22.42 7.38
N THR B 124 35.78 -22.01 8.25
CA THR B 124 36.93 -22.84 8.65
C THR B 124 36.62 -24.14 9.38
N GLY B 125 35.46 -24.19 10.04
CA GLY B 125 35.00 -25.37 10.77
C GLY B 125 34.25 -26.44 9.98
N SER B 126 33.82 -26.20 8.72
CA SER B 126 32.91 -27.20 8.05
C SER B 126 33.54 -28.56 7.77
N VAL B 127 32.80 -29.64 8.08
CA VAL B 127 33.13 -31.02 7.65
C VAL B 127 32.10 -31.51 6.59
N GLY B 128 30.84 -31.05 6.66
CA GLY B 128 29.93 -31.16 5.55
C GLY B 128 28.52 -31.47 6.01
N LEU B 129 27.57 -30.62 5.66
CA LEU B 129 26.19 -30.83 6.11
C LEU B 129 25.45 -32.03 5.48
N VAL B 130 25.62 -32.18 4.16
CA VAL B 130 24.95 -33.23 3.44
C VAL B 130 25.46 -34.60 3.93
N GLY B 131 26.76 -34.74 4.07
CA GLY B 131 27.32 -35.97 4.67
C GLY B 131 26.83 -36.25 6.05
N SER B 132 26.66 -35.20 6.86
CA SER B 132 26.23 -35.40 8.24
C SER B 132 24.85 -36.00 8.14
N LEU B 133 24.04 -35.43 7.29
CA LEU B 133 22.70 -35.91 7.24
C LEU B 133 22.65 -37.34 6.69
N ARG B 134 23.53 -37.64 5.74
CA ARG B 134 23.62 -38.96 5.13
C ARG B 134 24.10 -40.00 6.14
N GLU B 135 25.09 -39.69 6.94
CA GLU B 135 25.59 -40.70 7.89
C GLU B 135 24.78 -40.83 9.15
N THR B 136 24.20 -39.71 9.63
CA THR B 136 23.74 -39.67 10.98
C THR B 136 22.27 -39.40 11.07
N GLY B 137 21.70 -38.94 9.99
CA GLY B 137 20.31 -38.53 10.01
C GLY B 137 20.01 -37.14 10.60
N ASN B 138 21.03 -36.42 11.05
CA ASN B 138 20.87 -35.13 11.70
C ASN B 138 22.00 -34.18 11.30
N VAL B 139 21.93 -32.92 11.76
CA VAL B 139 22.98 -31.90 11.43
C VAL B 139 24.19 -31.72 12.43
N ASN B 140 24.29 -32.63 13.42
CA ASN B 140 25.22 -32.45 14.55
C ASN B 140 26.67 -32.85 14.22
N GLU B 141 26.89 -33.36 13.03
CA GLU B 141 28.28 -33.58 12.53
C GLU B 141 28.69 -32.74 11.34
N ALA B 142 27.94 -31.68 11.10
CA ALA B 142 28.18 -30.79 9.94
C ALA B 142 29.46 -29.99 10.09
N THR B 143 29.88 -29.65 11.33
CA THR B 143 31.06 -28.85 11.53
C THR B 143 31.81 -29.28 12.76
N LEU B 144 33.04 -28.83 12.85
CA LEU B 144 33.82 -29.00 14.06
C LEU B 144 33.21 -28.43 15.34
N GLN B 145 32.63 -27.23 15.27
CA GLN B 145 32.05 -26.64 16.43
C GLN B 145 30.80 -27.38 16.86
N ALA B 146 30.03 -27.90 15.90
CA ALA B 146 28.84 -28.71 16.25
C ALA B 146 29.25 -29.89 17.10
N MET B 147 30.35 -30.52 16.70
CA MET B 147 30.92 -31.62 17.52
C MET B 147 31.47 -31.20 18.90
N LEU B 148 32.25 -30.14 18.97
CA LEU B 148 32.59 -29.51 20.25
C LEU B 148 31.35 -29.31 21.13
N MET B 149 30.29 -28.77 20.55
CA MET B 149 29.08 -28.53 21.35
C MET B 149 28.54 -29.83 21.90
N THR B 150 28.41 -30.86 21.09
CA THR B 150 27.75 -32.09 21.59
C THR B 150 28.68 -32.86 22.55
N GLU B 151 29.99 -32.64 22.47
CA GLU B 151 30.95 -33.09 23.48
C GLU B 151 31.12 -32.25 24.74
N ASP B 152 30.53 -31.03 24.77
CA ASP B 152 30.69 -30.05 25.87
C ASP B 152 32.13 -29.75 26.12
N ARG B 153 32.87 -29.58 25.05
CA ARG B 153 34.27 -29.22 25.14
C ARG B 153 34.54 -27.99 24.26
N VAL B 154 35.68 -27.34 24.48
CA VAL B 154 36.07 -26.19 23.78
C VAL B 154 37.44 -26.46 23.07
N PRO B 155 37.69 -25.78 21.96
CA PRO B 155 38.94 -26.08 21.15
C PRO B 155 40.17 -25.40 21.69
N VAL B 156 40.47 -25.73 22.95
CA VAL B 156 41.67 -25.35 23.68
C VAL B 156 42.26 -26.65 24.24
N TYR B 157 43.57 -26.77 24.12
CA TYR B 157 44.31 -28.00 24.33
C TYR B 157 45.54 -27.67 25.15
N ARG B 158 45.92 -28.61 25.99
CA ARG B 158 47.02 -28.44 26.88
C ARG B 158 48.14 -28.95 26.04
N GLY B 159 49.04 -28.07 25.65
CA GLY B 159 50.12 -28.44 24.76
C GLY B 159 51.29 -28.88 25.59
N GLU B 160 52.49 -28.86 24.99
CA GLU B 160 53.72 -29.08 25.72
C GLU B 160 54.33 -27.74 26.11
N GLY B 161 54.30 -26.79 25.19
CA GLY B 161 54.66 -25.43 25.54
C GLY B 161 53.85 -25.09 26.76
N GLY B 162 52.55 -24.96 26.55
CA GLY B 162 51.61 -24.57 27.58
C GLY B 162 50.20 -24.89 27.11
N HIS B 163 49.52 -23.88 26.58
CA HIS B 163 48.20 -24.10 26.00
C HIS B 163 48.23 -23.75 24.53
N VAL B 164 47.41 -24.45 23.76
CA VAL B 164 47.23 -24.19 22.35
C VAL B 164 45.72 -23.98 22.10
N SER B 165 45.37 -22.87 21.46
CA SER B 165 43.99 -22.49 21.29
C SER B 165 43.69 -22.35 19.85
N LEU B 166 42.65 -23.04 19.41
CA LEU B 166 42.13 -22.83 18.07
C LEU B 166 40.97 -21.84 18.00
N MET B 167 40.73 -21.14 19.12
CA MET B 167 39.61 -20.21 19.18
C MET B 167 39.70 -19.15 18.08
N LYS B 168 40.93 -18.83 17.67
CA LYS B 168 41.17 -17.82 16.61
C LYS B 168 40.84 -18.26 15.21
N TYR B 169 40.57 -19.54 15.04
CA TYR B 169 40.13 -20.02 13.77
C TYR B 169 38.66 -20.31 13.71
N LEU B 170 37.96 -20.23 14.84
CA LEU B 170 36.59 -20.76 14.90
C LEU B 170 35.72 -19.67 15.58
N PRO B 171 34.97 -18.88 14.80
CA PRO B 171 34.27 -17.74 15.38
C PRO B 171 33.41 -18.16 16.57
N PHE B 172 33.41 -17.33 17.61
CA PHE B 172 32.64 -17.63 18.82
C PHE B 172 32.14 -16.32 19.44
N ALA B 173 31.22 -16.39 20.41
CA ALA B 173 30.69 -15.18 21.10
C ALA B 173 30.83 -15.28 22.61
N TYR B 174 30.32 -14.29 23.31
CA TYR B 174 30.38 -14.25 24.75
C TYR B 174 28.95 -14.40 25.35
N HIS B 175 28.89 -15.00 26.51
CA HIS B 175 27.74 -14.80 27.46
C HIS B 175 28.29 -13.88 28.57
N MET B 176 27.54 -12.85 28.95
CA MET B 176 28.06 -11.83 29.86
C MET B 176 26.96 -11.51 30.90
N ASP B 177 27.31 -11.63 32.19
CA ASP B 177 26.43 -11.17 33.26
C ASP B 177 26.05 -9.71 33.02
N ASN B 178 24.76 -9.45 33.03
CA ASN B 178 24.32 -8.11 32.67
C ASN B 178 24.78 -7.05 33.65
N ALA B 179 24.66 -7.34 34.95
CA ALA B 179 25.08 -6.37 35.96
C ALA B 179 26.53 -6.03 35.79
N ARG B 180 27.36 -7.06 35.65
CA ARG B 180 28.76 -6.82 35.42
C ARG B 180 29.11 -6.05 34.16
N LEU B 181 28.48 -6.40 33.04
CA LEU B 181 28.76 -5.68 31.82
C LEU B 181 28.41 -4.18 31.89
N VAL B 182 27.26 -3.84 32.43
CA VAL B 182 26.80 -2.53 32.48
C VAL B 182 27.67 -1.72 33.46
N ARG B 183 28.05 -2.36 34.57
CA ARG B 183 28.98 -1.74 35.49
C ARG B 183 30.25 -1.41 34.78
N TYR B 184 30.78 -2.34 34.00
CA TYR B 184 32.07 -2.09 33.33
C TYR B 184 31.98 -0.97 32.30
N LEU B 185 30.99 -1.06 31.45
CA LEU B 185 30.80 -0.01 30.45
C LEU B 185 30.59 1.40 31.11
N THR B 186 29.91 1.45 32.24
CA THR B 186 29.77 2.65 32.97
C THR B 186 31.15 3.22 33.43
N GLU B 187 31.98 2.37 33.99
CA GLU B 187 33.28 2.81 34.47
C GLU B 187 34.14 3.25 33.32
N LEU B 188 34.02 2.55 32.21
CA LEU B 188 34.78 2.88 31.02
C LEU B 188 34.35 4.21 30.37
N ALA B 189 33.04 4.47 30.40
CA ALA B 189 32.55 5.77 29.94
C ALA B 189 33.10 6.93 30.78
N ALA B 190 33.11 6.73 32.09
CA ALA B 190 33.66 7.74 32.98
C ALA B 190 35.12 7.96 32.68
N ARG B 191 35.88 6.90 32.34
CA ARG B 191 37.34 7.08 32.02
C ARG B 191 37.59 7.74 30.70
N ARG B 192 36.65 7.61 29.78
CA ARG B 192 36.81 8.11 28.44
C ARG B 192 36.16 9.44 28.15
N GLY B 193 35.75 10.17 29.19
CA GLY B 193 35.29 11.54 29.02
C GLY B 193 33.81 11.68 28.69
N VAL B 194 33.02 10.67 28.97
CA VAL B 194 31.58 10.77 28.79
C VAL B 194 31.06 11.46 30.03
N ARG B 195 30.33 12.56 29.87
CA ARG B 195 29.80 13.33 31.01
C ARG B 195 28.47 12.72 31.43
N HIS B 196 28.31 12.41 32.68
CA HIS B 196 27.11 11.76 33.15
C HIS B 196 26.21 12.78 33.74
N VAL B 197 24.90 12.65 33.54
CA VAL B 197 23.90 13.57 34.02
C VAL B 197 22.82 12.71 34.66
N ASP B 198 22.62 12.96 35.93
CA ASP B 198 21.64 12.28 36.71
C ASP B 198 20.33 13.05 36.67
N ALA B 199 19.35 12.49 35.96
CA ALA B 199 18.08 13.17 35.76
C ALA B 199 17.01 12.28 35.22
N THR B 200 15.77 12.60 35.59
CA THR B 200 14.64 11.91 35.05
C THR B 200 13.99 12.92 34.10
N VAL B 201 13.83 12.53 32.85
CA VAL B 201 13.10 13.41 31.86
C VAL B 201 11.61 13.33 32.14
N ALA B 202 10.98 14.49 32.27
CA ALA B 202 9.56 14.60 32.50
C ALA B 202 8.79 14.98 31.25
N GLU B 203 9.45 15.73 30.35
CA GLU B 203 8.85 16.17 29.10
C GLU B 203 9.88 16.34 27.99
N VAL B 204 9.57 15.84 26.77
CA VAL B 204 10.45 16.10 25.62
C VAL B 204 9.75 17.21 24.86
N ARG B 205 10.41 18.36 24.80
CA ARG B 205 9.81 19.54 24.12
C ARG B 205 10.29 19.72 22.73
N LEU B 206 9.39 19.75 21.77
CA LEU B 206 9.74 20.06 20.42
C LEU B 206 9.87 21.55 20.22
N ASP B 207 10.67 21.96 19.24
CA ASP B 207 10.70 23.39 18.82
C ASP B 207 10.50 23.57 17.36
N GLY B 208 10.08 22.52 16.72
CA GLY B 208 9.63 22.68 15.38
C GLY B 208 9.26 21.33 14.95
N PRO B 209 8.85 21.24 13.69
CA PRO B 209 8.51 19.94 13.22
C PRO B 209 9.81 19.11 13.13
N ASP B 210 9.74 17.87 13.59
CA ASP B 210 10.87 16.97 13.51
C ASP B 210 12.06 17.44 14.29
N HIS B 211 11.85 18.26 15.32
CA HIS B 211 13.01 18.84 15.98
C HIS B 211 12.78 18.97 17.46
N VAL B 212 13.60 18.24 18.21
CA VAL B 212 13.51 18.27 19.67
C VAL B 212 14.24 19.55 20.12
N GLY B 213 13.57 20.40 20.92
CA GLY B 213 14.16 21.66 21.41
C GLY B 213 14.83 21.53 22.76
N GLY B 214 14.39 20.59 23.59
CA GLY B 214 15.08 20.40 24.89
C GLY B 214 14.35 19.38 25.69
N LEU B 215 14.84 19.09 26.88
CA LEU B 215 14.25 18.11 27.75
C LEU B 215 14.04 18.76 29.09
N ILE B 216 12.83 18.67 29.63
CA ILE B 216 12.55 19.23 30.94
C ILE B 216 12.64 18.05 31.93
N THR B 217 13.45 18.16 32.97
CA THR B 217 13.61 17.10 33.93
C THR B 217 12.59 17.24 35.05
N THR B 218 12.40 16.19 35.84
CA THR B 218 11.48 16.28 36.99
C THR B 218 11.91 17.33 38.02
N ASP B 219 13.19 17.69 38.13
CA ASP B 219 13.55 18.80 39.06
C ASP B 219 13.69 20.15 38.37
N GLY B 220 13.10 20.34 37.19
CA GLY B 220 12.97 21.65 36.58
C GLY B 220 14.17 22.11 35.75
N ARG B 221 15.26 21.32 35.67
CA ARG B 221 16.30 21.65 34.67
C ARG B 221 15.79 21.52 33.23
N ARG B 222 16.40 22.29 32.34
CA ARG B 222 16.12 22.20 30.93
C ARG B 222 17.41 21.74 30.23
N LEU B 223 17.46 20.52 29.70
CA LEU B 223 18.68 20.00 29.01
C LEU B 223 18.53 20.24 27.52
N HIS B 224 19.62 20.65 26.86
CA HIS B 224 19.58 20.93 25.46
C HIS B 224 20.85 20.38 24.87
N TYR B 225 20.74 19.63 23.77
CA TYR B 225 21.89 19.14 22.98
C TYR B 225 21.63 19.40 21.51
N ASP B 226 22.68 19.33 20.72
CA ASP B 226 22.63 19.54 19.31
C ASP B 226 22.04 18.29 18.59
N PHE B 227 22.22 17.09 19.17
CA PHE B 227 21.63 15.88 18.65
C PHE B 227 21.29 14.97 19.88
N TYR B 228 20.21 14.21 19.79
CA TYR B 228 19.76 13.38 20.86
C TYR B 228 19.74 11.92 20.38
N VAL B 229 20.23 11.00 21.21
CA VAL B 229 20.02 9.61 20.98
C VAL B 229 18.98 9.09 21.97
N ASP B 230 17.96 8.48 21.42
CA ASP B 230 16.87 7.90 22.26
C ASP B 230 17.27 6.50 22.67
N CYS B 231 17.75 6.35 23.89
CA CYS B 231 18.06 5.02 24.41
C CYS B 231 17.17 4.79 25.65
N THR B 232 15.95 5.31 25.57
CA THR B 232 15.01 5.12 26.64
C THR B 232 14.27 3.78 26.99
N GLY B 233 14.51 2.53 26.62
CA GLY B 233 14.16 1.76 25.54
C GLY B 233 12.67 1.63 25.34
N PHE B 234 11.95 0.61 25.79
CA PHE B 234 10.58 0.32 25.24
C PHE B 234 9.65 1.54 25.21
N ARG B 235 9.73 2.36 26.26
CA ARG B 235 8.97 3.60 26.36
C ARG B 235 9.13 4.52 25.15
N SER B 236 10.33 4.53 24.58
CA SER B 236 10.58 5.23 23.35
C SER B 236 10.14 6.70 23.48
N LEU B 237 10.70 7.44 24.44
CA LEU B 237 10.17 8.76 24.79
C LEU B 237 10.38 9.82 23.73
N LEU B 238 11.55 9.79 23.06
CA LEU B 238 11.77 10.76 22.06
C LEU B 238 11.20 10.32 20.76
N LEU B 239 11.54 9.12 20.31
CA LEU B 239 11.17 8.66 18.96
C LEU B 239 9.67 8.50 18.78
N GLU B 240 9.09 7.67 19.64
CA GLU B 240 7.69 7.31 19.54
C GLU B 240 6.79 8.39 20.14
N LYS B 241 7.08 8.76 21.38
CA LYS B 241 6.15 9.64 22.12
C LYS B 241 6.25 11.09 21.74
N ALA B 242 7.46 11.67 21.56
CA ALA B 242 7.56 13.03 21.23
C ALA B 242 7.39 13.24 19.73
N LEU B 243 8.03 12.44 18.91
CA LEU B 243 8.03 12.67 17.48
C LEU B 243 6.90 11.96 16.77
N GLY B 244 6.18 11.08 17.47
CA GLY B 244 5.03 10.40 16.91
C GLY B 244 5.32 9.32 15.89
N ILE B 245 6.54 8.73 15.91
CA ILE B 245 6.85 7.64 14.99
C ILE B 245 6.13 6.34 15.38
N PRO B 246 5.38 5.73 14.43
CA PRO B 246 4.54 4.67 14.87
C PRO B 246 5.31 3.35 14.92
N PHE B 247 4.70 2.42 15.64
CA PHE B 247 5.21 1.11 15.90
C PHE B 247 4.63 0.12 14.91
N GLU B 248 5.51 -0.73 14.37
CA GLU B 248 5.09 -1.83 13.45
C GLU B 248 5.28 -3.21 14.09
N SER B 249 4.17 -3.77 14.52
CA SER B 249 4.18 -5.04 15.26
C SER B 249 4.63 -6.23 14.43
N TYR B 250 5.33 -7.17 15.09
CA TYR B 250 5.72 -8.44 14.47
C TYR B 250 4.85 -9.56 15.00
N ALA B 251 3.77 -9.22 15.66
CA ALA B 251 2.95 -10.22 16.37
C ALA B 251 2.28 -11.24 15.48
N SER B 252 2.11 -10.99 14.19
CA SER B 252 1.61 -12.06 13.35
C SER B 252 2.59 -13.26 13.29
N SER B 253 3.89 -13.01 13.47
CA SER B 253 4.88 -14.06 13.47
C SER B 253 5.42 -14.45 14.87
N LEU B 254 5.46 -13.48 15.77
CA LEU B 254 6.15 -13.60 17.08
C LEU B 254 5.16 -13.23 18.18
N PHE B 255 4.65 -14.26 18.85
CA PHE B 255 3.49 -14.26 19.70
C PHE B 255 3.85 -14.12 21.20
N THR B 256 5.10 -14.38 21.55
CA THR B 256 5.49 -14.28 22.99
C THR B 256 5.63 -12.83 23.50
N ASP B 257 5.39 -12.61 24.80
CA ASP B 257 5.47 -11.26 25.31
C ASP B 257 5.91 -11.09 26.74
N ALA B 258 6.46 -12.13 27.35
CA ALA B 258 6.91 -12.05 28.75
C ALA B 258 7.98 -13.10 28.97
N ALA B 259 8.80 -12.94 30.01
CA ALA B 259 9.73 -13.97 30.38
C ALA B 259 9.85 -13.98 31.90
N VAL B 260 9.87 -15.15 32.49
CA VAL B 260 10.19 -15.32 33.92
C VAL B 260 11.61 -15.78 33.95
N THR B 261 12.44 -15.07 34.70
CA THR B 261 13.87 -15.38 34.78
C THR B 261 14.23 -15.96 36.14
N GLY B 262 15.38 -16.64 36.17
CA GLY B 262 15.91 -17.26 37.36
C GLY B 262 17.31 -17.75 37.14
N THR B 263 17.91 -18.33 38.17
CA THR B 263 19.19 -18.96 38.07
C THR B 263 19.14 -20.41 38.54
N LEU B 264 20.12 -21.21 38.09
CA LEU B 264 20.10 -22.60 38.35
C LEU B 264 21.53 -23.08 38.59
N ALA B 265 21.79 -23.90 39.62
CA ALA B 265 23.15 -24.41 39.78
C ALA B 265 23.68 -25.21 38.61
N HIS B 266 24.95 -25.08 38.28
CA HIS B 266 25.51 -25.91 37.25
C HIS B 266 26.70 -26.75 37.75
N GLY B 267 26.98 -26.68 39.06
CA GLY B 267 28.06 -27.49 39.60
C GLY B 267 29.42 -27.17 39.05
N GLY B 268 29.60 -25.99 38.49
CA GLY B 268 30.87 -25.62 37.87
C GLY B 268 31.08 -26.06 36.44
N HIS B 269 30.11 -26.78 35.88
CA HIS B 269 30.18 -27.33 34.53
C HIS B 269 29.58 -26.28 33.58
N LEU B 270 30.43 -25.69 32.76
CA LEU B 270 30.04 -24.51 31.95
C LEU B 270 29.83 -24.96 30.52
N LYS B 271 28.55 -25.05 30.17
CA LYS B 271 28.15 -25.54 28.80
C LYS B 271 28.63 -24.46 27.79
N PRO B 272 29.43 -24.83 26.79
CA PRO B 272 29.97 -23.79 25.90
C PRO B 272 28.96 -23.31 24.80
N TYR B 273 27.72 -22.99 25.16
CA TYR B 273 26.70 -22.62 24.19
C TYR B 273 25.50 -22.10 24.97
N THR B 274 24.65 -21.40 24.32
CA THR B 274 23.22 -21.15 24.85
C THR B 274 22.37 -22.32 24.51
N THR B 275 21.48 -22.70 25.41
CA THR B 275 20.48 -23.67 25.15
C THR B 275 19.15 -22.97 24.99
N ALA B 276 18.39 -23.41 23.98
CA ALA B 276 17.02 -22.99 23.80
C ALA B 276 16.12 -24.18 23.92
N THR B 277 15.29 -24.25 24.96
CA THR B 277 14.49 -25.42 25.26
C THR B 277 13.00 -25.19 25.03
N THR B 278 12.34 -26.04 24.25
CA THR B 278 10.97 -25.86 23.89
C THR B 278 10.17 -26.11 25.17
N MET B 279 9.23 -25.23 25.44
CA MET B 279 8.39 -25.32 26.63
C MET B 279 6.90 -25.39 26.23
N ASN B 280 6.02 -25.58 27.21
CA ASN B 280 4.61 -25.72 26.85
C ASN B 280 4.02 -24.51 26.20
N ALA B 281 4.44 -23.32 26.62
CA ALA B 281 3.88 -22.09 26.06
C ALA B 281 4.94 -21.09 25.54
N GLY B 282 6.07 -21.61 25.05
CA GLY B 282 7.16 -20.79 24.60
C GLY B 282 8.44 -21.64 24.56
N TRP B 283 9.52 -21.07 25.14
CA TRP B 283 10.81 -21.68 25.17
C TRP B 283 11.61 -21.02 26.31
N CYS B 284 12.62 -21.72 26.78
CA CYS B 284 13.43 -21.27 27.91
C CYS B 284 14.86 -21.21 27.48
N TRP B 285 15.56 -20.09 27.71
CA TRP B 285 17.00 -20.06 27.47
C TRP B 285 17.78 -20.52 28.70
N THR B 286 18.99 -21.01 28.43
CA THR B 286 19.98 -21.29 29.45
C THR B 286 21.32 -20.68 29.01
N ILE B 287 21.79 -19.66 29.76
CA ILE B 287 22.97 -18.89 29.46
C ILE B 287 23.93 -19.07 30.65
N PRO B 288 25.05 -19.80 30.44
CA PRO B 288 25.97 -20.02 31.55
C PRO B 288 26.78 -18.78 31.92
N THR B 289 26.89 -18.54 33.21
CA THR B 289 27.88 -17.61 33.80
C THR B 289 28.80 -18.40 34.78
N PRO B 290 29.94 -17.81 35.17
CA PRO B 290 30.78 -18.64 36.07
C PRO B 290 30.08 -19.05 37.31
N GLU B 291 29.17 -18.23 37.83
CA GLU B 291 28.49 -18.53 39.11
C GLU B 291 27.34 -19.52 39.02
N SER B 292 26.56 -19.49 37.93
CA SER B 292 25.38 -20.29 37.83
C SER B 292 24.86 -20.17 36.37
N ASP B 293 23.88 -20.99 36.04
CA ASP B 293 23.15 -20.83 34.78
C ASP B 293 22.08 -19.79 34.91
N HIS B 294 21.99 -18.86 33.95
CA HIS B 294 20.87 -17.92 33.90
C HIS B 294 19.77 -18.40 32.91
N LEU B 295 18.50 -18.50 33.43
CA LEU B 295 17.40 -19.05 32.72
C LEU B 295 16.36 -18.02 32.48
N GLY B 296 15.70 -18.13 31.32
CA GLY B 296 14.43 -17.42 31.10
C GLY B 296 13.41 -18.14 30.28
N TYR B 297 12.21 -18.29 30.81
CA TYR B 297 11.15 -18.93 30.09
C TYR B 297 10.38 -17.79 29.40
N VAL B 298 10.56 -17.72 28.10
CA VAL B 298 9.87 -16.73 27.20
C VAL B 298 8.54 -17.36 26.83
N PHE B 299 7.46 -16.70 27.14
CA PHE B 299 6.16 -17.27 26.90
C PHE B 299 5.12 -16.21 26.43
N SER B 300 4.04 -16.75 25.86
CA SER B 300 2.88 -15.99 25.50
C SER B 300 1.97 -15.88 26.71
N SER B 301 1.71 -14.67 27.15
CA SER B 301 0.75 -14.40 28.25
C SER B 301 -0.68 -14.81 27.95
N ALA B 302 -1.03 -14.91 26.69
CA ALA B 302 -2.35 -15.47 26.29
C ALA B 302 -2.49 -16.95 26.60
N ALA B 303 -1.37 -17.68 26.70
CA ALA B 303 -1.43 -19.11 26.75
C ALA B 303 -1.13 -19.63 28.15
N ILE B 304 -0.51 -18.81 29.02
CA ILE B 304 -0.12 -19.31 30.35
C ILE B 304 0.07 -18.13 31.26
N ASP B 305 -0.42 -18.26 32.49
CA ASP B 305 -0.23 -17.27 33.55
C ASP B 305 1.22 -17.31 34.01
N PRO B 306 1.78 -16.17 34.42
CA PRO B 306 3.13 -16.08 34.92
C PRO B 306 3.50 -17.08 35.98
N ASP B 307 2.60 -17.26 36.94
CA ASP B 307 2.80 -18.15 38.08
C ASP B 307 2.80 -19.59 37.62
N ASP B 308 1.96 -19.91 36.62
CA ASP B 308 2.00 -21.19 36.06
C ASP B 308 3.23 -21.41 35.20
N ALA B 309 3.67 -20.39 34.51
CA ALA B 309 4.96 -20.53 33.77
C ALA B 309 6.14 -20.78 34.74
N ALA B 310 6.22 -20.04 35.83
CA ALA B 310 7.27 -20.27 36.84
C ALA B 310 7.23 -21.68 37.39
N ALA B 311 6.02 -22.19 37.59
CA ALA B 311 5.88 -23.53 38.17
C ALA B 311 6.36 -24.57 37.19
N GLU B 312 6.10 -24.35 35.91
CA GLU B 312 6.50 -25.34 34.89
C GLU B 312 8.02 -25.33 34.78
N MET B 313 8.55 -24.11 34.89
CA MET B 313 9.99 -23.89 34.78
C MET B 313 10.65 -24.64 35.96
N ALA B 314 10.02 -24.60 37.12
CA ALA B 314 10.59 -25.32 38.28
C ALA B 314 10.45 -26.82 38.14
N ARG B 315 9.43 -27.28 37.42
CA ARG B 315 9.28 -28.74 37.18
C ARG B 315 10.33 -29.19 36.21
N ARG B 316 10.58 -28.38 35.21
CA ARG B 316 11.52 -28.77 34.20
C ARG B 316 13.01 -28.61 34.58
N PHE B 317 13.31 -27.64 35.45
CA PHE B 317 14.66 -27.36 35.93
C PHE B 317 14.64 -27.30 37.47
N PRO B 318 14.47 -28.45 38.09
CA PRO B 318 14.43 -28.45 39.57
C PRO B 318 15.62 -27.73 40.18
N GLY B 319 15.35 -26.85 41.11
CA GLY B 319 16.39 -26.01 41.73
C GLY B 319 16.33 -24.56 41.26
N VAL B 320 15.64 -24.29 40.16
CA VAL B 320 15.72 -22.92 39.60
C VAL B 320 15.10 -21.92 40.54
N THR B 321 15.70 -20.75 40.70
CA THR B 321 15.01 -19.68 41.41
C THR B 321 14.04 -18.89 40.53
N ARG B 322 13.30 -18.02 41.18
CA ARG B 322 12.44 -17.09 40.47
C ARG B 322 12.84 -15.70 40.84
N GLU B 323 13.26 -14.91 39.87
CA GLU B 323 13.88 -13.63 40.11
C GLU B 323 13.10 -12.45 39.59
N ALA B 324 12.60 -12.51 38.37
CA ALA B 324 11.92 -11.35 37.77
C ALA B 324 10.96 -11.84 36.69
N LEU B 325 9.98 -10.99 36.37
CA LEU B 325 9.11 -11.18 35.24
C LEU B 325 9.34 -9.94 34.38
N VAL B 326 9.69 -10.15 33.12
CA VAL B 326 10.03 -9.08 32.15
C VAL B 326 8.99 -9.14 31.02
N ARG B 327 8.46 -7.97 30.60
CA ARG B 327 7.46 -7.90 29.57
C ARG B 327 8.06 -7.24 28.36
N PHE B 328 7.59 -7.61 27.17
CA PHE B 328 8.09 -7.00 25.97
C PHE B 328 7.14 -7.11 24.77
N ARG B 329 7.47 -6.44 23.66
CA ARG B 329 6.74 -6.61 22.45
C ARG B 329 7.68 -6.67 21.30
N SER B 330 7.36 -7.53 20.35
CA SER B 330 8.15 -7.79 19.17
C SER B 330 7.68 -6.91 17.99
N GLY B 331 8.62 -6.16 17.44
CA GLY B 331 8.37 -5.25 16.31
C GLY B 331 9.41 -4.16 16.27
N ARG B 332 9.21 -3.21 15.36
CA ARG B 332 10.07 -2.08 15.20
C ARG B 332 9.23 -0.89 14.91
N HIS B 333 9.82 0.28 15.09
CA HIS B 333 9.20 1.53 14.63
C HIS B 333 9.41 1.73 13.13
N ARG B 334 8.69 2.68 12.56
CA ARG B 334 8.77 2.90 11.10
C ARG B 334 10.09 3.46 10.73
N GLU B 335 10.62 4.31 11.60
CA GLU B 335 11.86 4.98 11.39
C GLU B 335 12.64 4.92 12.71
N ALA B 336 13.96 4.89 12.59
CA ALA B 336 14.91 5.07 13.74
C ALA B 336 15.41 6.46 13.90
N TRP B 337 15.43 7.23 12.81
CA TRP B 337 16.08 8.51 12.78
C TRP B 337 15.13 9.54 12.14
N ARG B 338 14.80 10.57 12.90
CA ARG B 338 13.95 11.65 12.37
C ARG B 338 14.50 12.91 12.95
N GLY B 339 14.84 13.84 12.08
CA GLY B 339 15.52 15.06 12.50
C GLY B 339 16.74 14.92 13.40
N ASN B 340 16.68 15.54 14.58
CA ASN B 340 17.82 15.55 15.49
C ASN B 340 17.75 14.40 16.56
N VAL B 341 17.00 13.35 16.29
CA VAL B 341 16.86 12.24 17.18
C VAL B 341 17.16 10.97 16.43
N MET B 342 18.04 10.12 16.97
CA MET B 342 18.06 8.70 16.50
C MET B 342 17.90 7.75 17.66
N ALA B 343 17.11 6.70 17.47
CA ALA B 343 16.82 5.70 18.52
C ALA B 343 17.75 4.47 18.34
N VAL B 344 18.31 4.03 19.46
CA VAL B 344 19.15 2.87 19.54
C VAL B 344 18.65 1.99 20.65
N GLY B 345 18.47 0.69 20.36
CA GLY B 345 18.03 -0.31 21.39
C GLY B 345 16.55 -0.55 21.33
N ASN B 346 15.96 -0.88 22.48
CA ASN B 346 14.57 -1.25 22.52
C ASN B 346 13.63 -0.08 22.19
N SER B 347 14.12 1.14 22.27
CA SER B 347 13.34 2.29 21.88
C SER B 347 12.97 2.26 20.40
N TYR B 348 13.84 1.65 19.58
CA TYR B 348 13.55 1.41 18.15
C TYR B 348 12.83 0.08 17.89
N ALA B 349 13.35 -1.05 18.41
CA ALA B 349 12.82 -2.33 17.98
C ALA B 349 13.27 -3.39 18.98
N PHE B 350 12.63 -4.53 18.95
CA PHE B 350 12.99 -5.68 19.77
C PHE B 350 12.43 -6.96 19.15
N VAL B 351 13.19 -8.05 19.22
CA VAL B 351 12.66 -9.42 19.03
C VAL B 351 13.13 -10.28 20.24
N GLU B 352 12.37 -11.29 20.58
CA GLU B 352 12.75 -12.19 21.66
C GLU B 352 14.14 -12.73 21.38
N PRO B 353 14.88 -13.05 22.46
CA PRO B 353 16.28 -13.45 22.27
C PRO B 353 16.58 -14.82 21.72
N LEU B 354 15.73 -15.38 20.88
CA LEU B 354 15.94 -16.73 20.39
C LEU B 354 17.25 -16.84 19.58
N GLU B 355 17.72 -15.77 18.96
CA GLU B 355 18.99 -15.83 18.13
C GLU B 355 20.02 -14.76 18.60
N SER B 356 19.79 -14.22 19.78
CA SER B 356 20.74 -13.31 20.40
C SER B 356 21.07 -12.14 19.48
N SER B 357 20.04 -11.48 18.96
CA SER B 357 20.24 -10.38 18.00
C SER B 357 20.31 -8.97 18.58
N GLY B 358 19.91 -8.85 19.84
CA GLY B 358 19.74 -7.54 20.50
C GLY B 358 20.94 -6.66 20.48
N LEU B 359 22.02 -7.12 21.07
CA LEU B 359 23.27 -6.32 21.07
C LEU B 359 23.87 -6.14 19.64
N LEU B 360 23.77 -7.18 18.82
CA LEU B 360 24.11 -7.11 17.40
C LEU B 360 23.42 -5.92 16.72
N MET B 361 22.14 -5.69 17.01
CA MET B 361 21.41 -4.64 16.33
C MET B 361 21.70 -3.27 16.97
N ILE B 362 22.11 -3.25 18.24
CA ILE B 362 22.53 -2.03 18.88
C ILE B 362 23.83 -1.62 18.22
N ALA B 363 24.77 -2.59 18.06
CA ALA B 363 26.05 -2.27 17.47
C ALA B 363 25.87 -1.68 16.07
N THR B 364 25.02 -2.35 15.27
CA THR B 364 24.66 -1.95 13.92
C THR B 364 24.12 -0.51 13.90
N ALA B 365 23.13 -0.22 14.75
CA ALA B 365 22.62 1.12 14.84
C ALA B 365 23.64 2.18 15.21
N VAL B 366 24.47 1.85 16.20
CA VAL B 366 25.54 2.68 16.61
C VAL B 366 26.52 2.96 15.47
N GLN B 367 26.91 1.94 14.71
CA GLN B 367 27.82 2.17 13.62
C GLN B 367 27.20 3.09 12.53
N ILE B 368 25.90 2.95 12.32
CA ILE B 368 25.17 3.89 11.41
C ILE B 368 25.23 5.35 11.91
N LEU B 369 24.83 5.54 13.17
CA LEU B 369 24.91 6.86 13.79
C LEU B 369 26.34 7.47 13.70
N VAL B 370 27.36 6.70 14.07
CA VAL B 370 28.67 7.25 14.22
C VAL B 370 29.21 7.57 12.82
N SER B 371 28.88 6.76 11.83
CA SER B 371 29.33 6.99 10.46
C SER B 371 28.60 8.16 9.84
N LEU B 372 27.29 8.26 10.09
CA LEU B 372 26.44 9.16 9.34
C LEU B 372 26.04 10.47 10.04
N LEU B 373 26.38 10.62 11.33
CA LEU B 373 26.06 11.82 12.09
C LEU B 373 26.63 13.06 11.28
N PRO B 374 25.80 14.06 10.95
CA PRO B 374 26.35 15.17 10.14
C PRO B 374 27.28 15.99 10.99
N SER B 375 28.30 16.57 10.38
CA SER B 375 29.12 17.61 11.07
C SER B 375 28.41 18.91 11.49
N SER B 376 27.37 19.29 10.75
CA SER B 376 26.68 20.56 10.88
C SER B 376 25.17 20.48 10.63
N ARG B 377 24.43 21.33 11.31
CA ARG B 377 23.00 21.49 11.05
C ARG B 377 22.68 21.80 9.59
N ARG B 378 23.60 22.41 8.86
CA ARG B 378 23.33 22.74 7.47
C ARG B 378 23.22 21.49 6.59
N ASP B 379 24.08 20.50 6.89
CA ASP B 379 24.41 19.42 5.95
C ASP B 379 23.19 18.55 5.56
N PRO B 380 23.24 17.88 4.38
CA PRO B 380 22.12 17.00 4.05
C PRO B 380 22.05 15.85 5.06
N LEU B 381 20.85 15.60 5.53
CA LEU B 381 20.57 14.66 6.58
C LEU B 381 20.32 13.24 5.99
N PRO B 382 21.18 12.24 6.27
CA PRO B 382 21.07 10.88 5.76
C PRO B 382 20.12 9.95 6.51
N SER B 383 19.05 10.47 7.07
CA SER B 383 18.18 9.64 7.87
C SER B 383 17.43 8.63 7.08
N ASP B 384 17.11 8.92 5.82
CA ASP B 384 16.40 7.91 5.01
C ASP B 384 17.22 6.67 4.81
N ALA B 385 18.49 6.84 4.49
CA ALA B 385 19.34 5.71 4.33
C ALA B 385 19.39 4.86 5.60
N ALA B 386 19.46 5.53 6.77
CA ALA B 386 19.67 4.77 8.01
C ALA B 386 18.37 4.04 8.26
N ASN B 387 17.23 4.71 8.01
CA ASN B 387 15.99 4.09 8.29
C ASN B 387 15.72 2.87 7.45
N GLN B 388 16.13 2.93 6.17
CA GLN B 388 15.89 1.82 5.27
C GLN B 388 16.79 0.68 5.67
N ALA B 389 18.02 0.98 6.03
CA ALA B 389 18.97 -0.07 6.32
C ALA B 389 18.49 -0.85 7.56
N LEU B 390 18.11 -0.13 8.59
CA LEU B 390 17.70 -0.80 9.83
C LEU B 390 16.42 -1.56 9.65
N ALA B 391 15.50 -0.98 8.92
CA ALA B 391 14.23 -1.65 8.61
C ALA B 391 14.50 -2.98 7.91
N HIS B 392 15.43 -3.02 6.97
CA HIS B 392 15.71 -4.22 6.22
C HIS B 392 16.34 -5.31 7.14
N ARG B 393 17.27 -4.87 7.99
CA ARG B 393 18.00 -5.80 8.86
C ARG B 393 17.06 -6.39 9.86
N TRP B 394 16.21 -5.54 10.45
CA TRP B 394 15.23 -6.04 11.46
C TRP B 394 14.15 -6.95 10.87
N ASP B 395 13.64 -6.57 9.71
CA ASP B 395 12.60 -7.40 9.09
C ASP B 395 13.15 -8.78 8.70
N ALA B 396 14.40 -8.85 8.25
CA ALA B 396 14.96 -10.15 7.88
C ALA B 396 15.14 -11.07 9.13
N ILE B 397 15.55 -10.50 10.25
CA ILE B 397 15.62 -11.26 11.50
C ILE B 397 14.23 -11.76 11.90
N ARG B 398 13.24 -10.91 11.72
CA ARG B 398 11.86 -11.27 12.01
C ARG B 398 11.41 -12.52 11.27
N TRP B 399 11.70 -12.59 9.98
CA TRP B 399 11.25 -13.76 9.17
C TRP B 399 12.10 -14.98 9.55
N PHE B 400 13.38 -14.78 9.80
CA PHE B 400 14.24 -15.90 10.27
C PHE B 400 13.66 -16.50 11.55
N LEU B 401 13.32 -15.63 12.49
CA LEU B 401 12.72 -16.14 13.73
C LEU B 401 11.38 -16.85 13.51
N SER B 402 10.58 -16.34 12.56
CA SER B 402 9.27 -16.95 12.30
C SER B 402 9.40 -18.41 11.99
N ILE B 403 10.48 -18.82 11.28
CA ILE B 403 10.65 -20.23 10.96
C ILE B 403 11.12 -21.11 12.13
N HIS B 404 11.51 -20.48 13.25
CA HIS B 404 11.81 -21.26 14.50
C HIS B 404 10.45 -21.70 15.12
N TYR B 405 9.38 -20.90 14.92
CA TYR B 405 8.03 -21.17 15.49
C TYR B 405 7.19 -22.04 14.59
N ARG B 406 7.14 -21.69 13.30
CA ARG B 406 6.27 -22.41 12.36
C ARG B 406 6.50 -23.91 12.27
N PHE B 407 7.77 -24.33 12.36
CA PHE B 407 8.11 -25.70 12.11
C PHE B 407 8.52 -26.54 13.31
N ASN B 408 8.18 -26.06 14.51
CA ASN B 408 8.60 -26.76 15.72
C ASN B 408 7.64 -27.85 16.07
N GLY B 409 8.01 -29.04 15.67
CA GLY B 409 7.13 -30.24 15.83
C GLY B 409 7.26 -30.97 17.19
N ARG B 410 7.93 -30.40 18.18
CA ARG B 410 8.27 -31.12 19.39
C ARG B 410 7.06 -31.47 20.25
N LEU B 411 6.17 -30.51 20.46
CA LEU B 411 5.11 -30.60 21.47
C LEU B 411 3.70 -30.44 20.90
N ASP B 412 2.72 -30.88 21.70
CA ASP B 412 1.29 -30.78 21.36
C ASP B 412 0.41 -29.92 22.22
N THR B 413 0.94 -28.83 22.69
CA THR B 413 0.18 -27.97 23.54
C THR B 413 -0.62 -27.04 22.64
N PRO B 414 -1.66 -26.41 23.18
CA PRO B 414 -2.39 -25.46 22.38
C PRO B 414 -1.49 -24.38 21.79
N PHE B 415 -0.55 -23.87 22.61
CA PHE B 415 0.37 -22.86 22.10
C PHE B 415 1.09 -23.33 20.84
N TRP B 416 1.68 -24.53 20.89
CA TRP B 416 2.50 -25.02 19.75
C TRP B 416 1.64 -25.45 18.55
N LYS B 417 0.44 -25.92 18.79
CA LYS B 417 -0.49 -26.20 17.67
C LYS B 417 -0.81 -24.96 16.88
N GLU B 418 -1.04 -23.89 17.59
CA GLU B 418 -1.31 -22.61 17.00
C GLU B 418 -0.09 -22.01 16.29
N ALA B 419 1.09 -22.13 16.93
CA ALA B 419 2.30 -21.68 16.27
C ALA B 419 2.48 -22.39 14.96
N ARG B 420 2.29 -23.70 14.94
CA ARG B 420 2.47 -24.50 13.73
C ARG B 420 1.41 -24.20 12.68
N ALA B 421 0.21 -23.84 13.09
CA ALA B 421 -0.85 -23.60 12.12
C ALA B 421 -0.82 -22.17 11.61
N GLU B 422 -0.52 -21.19 12.49
CA GLU B 422 -0.82 -19.79 12.23
C GLU B 422 0.36 -18.84 12.20
N THR B 423 1.59 -19.30 12.41
CA THR B 423 2.69 -18.36 12.39
C THR B 423 2.85 -17.78 10.93
N ASP B 424 2.89 -16.47 10.80
CA ASP B 424 3.13 -15.78 9.55
C ASP B 424 4.58 -15.93 9.17
N ILE B 425 4.78 -16.59 8.04
CA ILE B 425 6.12 -16.77 7.39
C ILE B 425 6.25 -16.11 6.01
N SER B 426 5.27 -15.27 5.73
CA SER B 426 5.03 -14.80 4.36
C SER B 426 6.31 -14.20 3.80
N GLY B 427 7.07 -13.51 4.66
CA GLY B 427 8.30 -12.84 4.22
C GLY B 427 9.43 -13.74 3.76
N ILE B 428 9.43 -14.99 4.21
CA ILE B 428 10.52 -15.90 3.84
C ILE B 428 9.96 -17.08 3.02
N GLU B 429 8.68 -17.09 2.71
CA GLU B 429 8.11 -18.21 1.87
C GLU B 429 8.83 -18.40 0.54
N PRO B 430 9.19 -17.31 -0.15
CA PRO B 430 9.88 -17.61 -1.44
C PRO B 430 11.20 -18.38 -1.23
N LEU B 431 12.00 -18.00 -0.25
CA LEU B 431 13.18 -18.75 0.07
C LEU B 431 12.82 -20.22 0.49
N LEU B 432 11.75 -20.41 1.22
CA LEU B 432 11.36 -21.75 1.68
C LEU B 432 11.02 -22.64 0.49
N ARG B 433 10.39 -22.07 -0.53
CA ARG B 433 10.12 -22.83 -1.74
C ARG B 433 11.38 -23.25 -2.43
N LEU B 434 12.38 -22.38 -2.47
CA LEU B 434 13.68 -22.76 -3.05
C LEU B 434 14.34 -23.93 -2.28
N PHE B 435 14.29 -23.85 -0.95
CA PHE B 435 14.91 -24.88 -0.07
C PHE B 435 14.31 -26.29 -0.34
N ALA B 436 13.00 -26.33 -0.39
CA ALA B 436 12.22 -27.52 -0.63
C ALA B 436 12.56 -28.23 -1.93
N ALA B 437 12.78 -27.44 -2.96
CA ALA B 437 13.19 -28.00 -4.25
C ALA B 437 14.59 -28.55 -4.20
N GLY B 438 15.39 -28.19 -3.19
CA GLY B 438 16.82 -28.62 -3.18
C GLY B 438 17.60 -28.04 -2.03
N ALA B 439 17.69 -28.83 -0.97
CA ALA B 439 18.30 -28.43 0.32
C ALA B 439 19.60 -29.19 0.56
N PRO B 440 20.55 -28.60 1.26
CA PRO B 440 20.70 -27.31 1.86
C PRO B 440 20.90 -26.27 0.78
N LEU B 441 20.30 -25.09 0.96
CA LEU B 441 20.55 -23.94 0.07
C LEU B 441 22.00 -23.64 -0.09
N THR B 442 22.74 -23.85 0.99
CA THR B 442 24.19 -23.65 0.98
C THR B 442 24.91 -24.65 0.05
N GLY B 443 24.26 -25.73 -0.36
CA GLY B 443 24.84 -26.68 -1.31
C GLY B 443 24.32 -26.55 -2.75
N ARG B 444 23.55 -25.50 -3.04
CA ARG B 444 23.08 -25.19 -4.43
C ARG B 444 24.17 -24.47 -5.24
N ASP B 445 23.95 -24.24 -6.53
CA ASP B 445 25.03 -23.72 -7.36
C ASP B 445 25.19 -22.31 -6.96
N SER B 446 26.31 -21.69 -7.32
CA SER B 446 26.62 -20.33 -6.79
C SER B 446 25.63 -19.26 -7.16
N PHE B 447 25.00 -19.46 -8.33
CA PHE B 447 24.14 -18.43 -8.78
C PHE B 447 22.91 -18.42 -7.92
N THR B 448 22.36 -19.61 -7.70
CA THR B 448 21.18 -19.81 -6.87
C THR B 448 21.48 -19.38 -5.43
N ARG B 449 22.71 -19.62 -4.96
CA ARG B 449 23.07 -19.21 -3.57
C ARG B 449 23.08 -17.74 -3.42
N TYR B 450 23.67 -17.09 -4.40
CA TYR B 450 23.74 -15.65 -4.40
C TYR B 450 22.34 -15.02 -4.40
N LEU B 451 21.43 -15.57 -5.19
CA LEU B 451 20.08 -15.07 -5.28
C LEU B 451 19.36 -15.35 -3.96
N ALA B 452 19.54 -16.56 -3.45
CA ALA B 452 18.85 -16.95 -2.23
C ALA B 452 19.36 -16.14 -1.02
N ASP B 453 20.64 -15.85 -1.03
CA ASP B 453 21.26 -15.02 0.05
C ASP B 453 20.60 -13.72 0.38
N GLY B 454 20.03 -13.02 -0.60
CA GLY B 454 19.31 -11.77 -0.31
C GLY B 454 18.10 -11.88 0.57
N ALA B 455 17.60 -13.08 0.81
CA ALA B 455 16.46 -13.20 1.77
C ALA B 455 16.89 -13.65 3.15
N ALA B 456 18.16 -14.03 3.29
CA ALA B 456 18.67 -14.49 4.58
C ALA B 456 19.14 -13.30 5.45
N PRO B 457 19.05 -13.41 6.78
CA PRO B 457 19.61 -12.25 7.51
C PRO B 457 21.08 -12.15 7.33
N LEU B 458 21.62 -10.96 7.46
CA LEU B 458 23.00 -10.68 7.06
C LEU B 458 24.00 -11.42 7.89
N PHE B 459 23.83 -11.42 9.21
CA PHE B 459 24.80 -12.15 10.01
C PHE B 459 24.57 -13.65 9.95
N TYR B 460 23.35 -14.07 10.15
CA TYR B 460 23.05 -15.47 10.31
C TYR B 460 23.13 -16.30 9.02
N GLY B 461 22.76 -15.72 7.88
CA GLY B 461 23.08 -16.32 6.62
C GLY B 461 22.13 -17.39 6.18
N LEU B 462 22.35 -17.82 4.95
CA LEU B 462 21.72 -19.03 4.45
C LEU B 462 22.04 -20.25 5.34
N GLU B 463 23.23 -20.32 5.89
CA GLU B 463 23.62 -21.41 6.74
C GLU B 463 22.69 -21.48 7.96
N GLY B 464 22.31 -20.35 8.53
CA GLY B 464 21.40 -20.36 9.69
C GLY B 464 20.04 -20.77 9.30
N VAL B 465 19.57 -20.35 8.11
CA VAL B 465 18.24 -20.78 7.66
C VAL B 465 18.22 -22.30 7.43
N ASP B 466 19.25 -22.81 6.75
CA ASP B 466 19.38 -24.24 6.47
C ASP B 466 19.42 -25.09 7.76
N THR B 467 20.16 -24.59 8.75
CA THR B 467 20.30 -25.31 10.01
C THR B 467 18.98 -25.44 10.71
N LEU B 468 18.22 -24.39 10.77
CA LEU B 468 16.94 -24.46 11.41
C LEU B 468 15.94 -25.29 10.68
N LEU B 469 15.93 -25.14 9.37
CA LEU B 469 15.00 -25.90 8.57
C LEU B 469 15.28 -27.39 8.63
N LEU B 470 16.53 -27.78 8.39
CA LEU B 470 16.93 -29.15 8.47
C LEU B 470 16.82 -29.71 9.89
N GLY B 471 17.23 -28.93 10.90
CA GLY B 471 17.08 -29.37 12.30
C GLY B 471 15.64 -29.71 12.64
N GLN B 472 14.70 -28.96 12.10
CA GLN B 472 13.30 -29.16 12.41
C GLN B 472 12.60 -30.12 11.39
N GLU B 473 13.38 -30.72 10.53
CA GLU B 473 12.92 -31.77 9.60
C GLU B 473 11.92 -31.23 8.63
N VAL B 474 12.13 -29.99 8.16
CA VAL B 474 11.23 -29.47 7.11
C VAL B 474 11.44 -30.30 5.83
N PRO B 475 10.32 -30.81 5.26
CA PRO B 475 10.44 -31.66 4.07
C PRO B 475 11.08 -30.93 2.93
N ALA B 476 12.06 -31.56 2.30
CA ALA B 476 12.72 -31.03 1.15
C ALA B 476 13.35 -32.18 0.38
N ARG B 477 13.60 -31.96 -0.91
CA ARG B 477 14.52 -32.79 -1.68
C ARG B 477 15.95 -32.51 -1.30
N LEU B 478 16.59 -33.51 -0.75
CA LEU B 478 17.99 -33.36 -0.38
C LEU B 478 18.92 -33.51 -1.58
N LEU B 479 19.94 -32.68 -1.65
CA LEU B 479 20.90 -32.75 -2.75
C LEU B 479 21.87 -33.94 -2.71
N PRO B 480 22.23 -34.48 -3.89
CA PRO B 480 23.33 -35.46 -4.02
C PRO B 480 24.63 -34.97 -3.39
N PRO B 481 25.40 -35.89 -2.75
CA PRO B 481 26.57 -35.63 -1.88
C PRO B 481 27.79 -34.91 -2.42
N ARG B 482 28.07 -34.95 -3.72
CA ARG B 482 29.30 -34.31 -4.31
C ARG B 482 30.61 -35.11 -4.29
N GLU B 483 30.82 -35.98 -3.29
CA GLU B 483 32.06 -36.73 -3.15
C GLU B 483 31.73 -38.11 -2.56
N PRO B 484 32.68 -39.05 -2.60
CA PRO B 484 32.46 -40.38 -1.98
C PRO B 484 32.24 -40.29 -0.47
N PRO B 485 31.39 -41.17 0.07
CA PRO B 485 31.09 -41.10 1.50
C PRO B 485 32.35 -41.20 2.36
N GLU B 486 33.34 -41.96 1.89
CA GLU B 486 34.60 -42.15 2.60
C GLU B 486 35.29 -40.83 2.84
N GLN B 487 35.18 -39.89 1.90
CA GLN B 487 35.93 -38.62 2.06
C GLN B 487 35.32 -37.78 3.19
N TRP B 488 33.98 -37.79 3.30
CA TRP B 488 33.29 -37.07 4.38
C TRP B 488 33.61 -37.79 5.68
N ARG B 489 33.56 -39.13 5.71
CA ARG B 489 33.82 -39.86 6.96
C ARG B 489 35.21 -39.69 7.48
N ALA B 490 36.17 -39.52 6.59
CA ALA B 490 37.51 -39.22 7.02
C ALA B 490 37.59 -37.82 7.63
N ARG B 491 36.97 -36.83 6.99
CA ARG B 491 36.95 -35.48 7.54
C ARG B 491 36.25 -35.52 8.91
N ALA B 492 35.12 -36.20 8.97
CA ALA B 492 34.41 -36.33 10.24
C ALA B 492 35.24 -37.01 11.30
N ALA B 493 36.06 -37.99 10.93
CA ALA B 493 36.78 -38.74 11.99
C ALA B 493 37.89 -37.86 12.59
N ALA B 494 38.53 -37.07 11.74
CA ALA B 494 39.54 -36.14 12.18
C ALA B 494 38.86 -35.10 13.08
N ALA B 495 37.67 -34.63 12.66
CA ALA B 495 37.06 -33.53 13.41
C ALA B 495 36.67 -34.01 14.79
N ARG B 496 36.11 -35.20 14.81
CA ARG B 496 35.68 -35.89 16.00
C ARG B 496 36.83 -36.05 17.00
N SER B 497 38.04 -36.35 16.52
CA SER B 497 39.20 -36.55 17.36
C SER B 497 39.61 -35.29 18.08
N LEU B 498 39.64 -34.22 17.31
CA LEU B 498 39.87 -32.88 17.82
C LEU B 498 38.76 -32.40 18.81
N ALA B 499 37.48 -32.64 18.48
CA ALA B 499 36.41 -32.23 19.36
C ALA B 499 36.51 -32.96 20.68
N SER B 500 36.73 -34.29 20.64
CA SER B 500 36.78 -35.14 21.84
C SER B 500 37.97 -34.86 22.72
N ARG B 501 39.01 -34.21 22.21
CA ARG B 501 40.17 -33.90 23.01
C ARG B 501 40.23 -32.47 23.56
N GLY B 502 39.30 -31.60 23.18
CA GLY B 502 39.28 -30.27 23.80
C GLY B 502 39.12 -30.28 25.34
N LEU B 503 39.62 -29.24 25.97
CA LEU B 503 39.46 -29.09 27.39
C LEU B 503 37.96 -28.81 27.71
N ARG B 504 37.60 -28.99 28.97
CA ARG B 504 36.32 -28.46 29.48
C ARG B 504 36.42 -26.96 29.52
N GLN B 505 35.28 -26.25 29.37
CA GLN B 505 35.33 -24.80 29.36
C GLN B 505 36.03 -24.16 30.58
N SER B 506 35.67 -24.55 31.79
CA SER B 506 36.21 -23.84 32.95
C SER B 506 37.75 -23.88 32.98
N GLU B 507 38.35 -24.97 32.62
CA GLU B 507 39.79 -25.03 32.58
C GLU B 507 40.36 -24.13 31.54
N ALA B 508 39.72 -24.09 30.36
CA ALA B 508 40.14 -23.20 29.34
C ALA B 508 40.08 -21.71 29.72
N LEU B 509 38.97 -21.33 30.35
CA LEU B 509 38.75 -19.98 30.80
C LEU B 509 39.81 -19.55 31.82
N ASP B 510 40.20 -20.47 32.69
CA ASP B 510 41.27 -20.20 33.64
C ASP B 510 42.58 -19.91 32.90
N ALA B 511 42.83 -20.68 31.85
CA ALA B 511 44.10 -20.49 31.05
C ALA B 511 44.12 -19.09 30.37
N TYR B 512 42.99 -18.62 29.84
CA TYR B 512 42.90 -17.27 29.25
C TYR B 512 43.04 -16.19 30.33
N ALA B 513 42.48 -16.43 31.52
CA ALA B 513 42.63 -15.44 32.59
C ALA B 513 44.06 -15.38 33.08
N ALA B 514 44.71 -16.52 33.17
CA ALA B 514 46.12 -16.60 33.57
C ALA B 514 47.09 -16.08 32.52
N ASP B 515 46.79 -16.25 31.22
CA ASP B 515 47.68 -15.80 30.13
C ASP B 515 47.01 -14.84 29.16
N PRO B 516 47.19 -13.54 29.38
CA PRO B 516 46.57 -12.52 28.53
C PRO B 516 46.96 -12.59 27.09
N CYS B 517 48.04 -13.31 26.77
CA CYS B 517 48.45 -13.34 25.36
C CYS B 517 47.56 -14.29 24.50
N LEU B 518 46.82 -15.20 25.12
CA LEU B 518 45.79 -15.95 24.37
C LEU B 518 44.76 -15.02 23.71
N ASN B 519 44.15 -14.06 24.45
CA ASN B 519 43.27 -13.08 23.76
C ASN B 519 44.02 -12.14 22.86
N ALA B 520 45.26 -11.83 23.23
CA ALA B 520 46.02 -10.95 22.35
C ALA B 520 46.21 -11.55 20.95
N GLU B 521 46.46 -12.86 20.81
CA GLU B 521 46.50 -13.50 19.46
C GLU B 521 45.19 -13.50 18.68
N LEU B 522 44.08 -13.57 19.40
CA LEU B 522 42.77 -13.59 18.77
C LEU B 522 42.59 -12.29 18.02
N LEU B 523 43.12 -11.20 18.57
CA LEU B 523 42.88 -9.89 17.99
C LEU B 523 44.03 -9.35 17.11
N SER B 524 45.28 -9.75 17.31
CA SER B 524 46.40 -9.27 16.48
C SER B 524 46.61 -10.10 15.21
N ASP B 525 46.95 -11.38 15.36
CA ASP B 525 47.08 -12.32 14.22
C ASP B 525 46.29 -12.08 12.95
N SER B 526 46.99 -12.11 11.80
CA SER B 526 46.39 -12.03 10.44
C SER B 526 45.52 -13.18 10.13
N ASP B 527 45.76 -14.34 10.70
CA ASP B 527 44.91 -15.49 10.40
C ASP B 527 43.75 -15.67 11.39
N SER B 528 43.55 -14.74 12.30
CA SER B 528 42.48 -14.87 13.27
C SER B 528 41.24 -14.34 12.66
N TRP B 529 40.11 -15.03 12.88
CA TRP B 529 38.84 -14.53 12.38
C TRP B 529 38.51 -13.14 12.94
N ALA B 530 39.13 -12.79 14.06
CA ALA B 530 38.84 -11.56 14.78
C ALA B 530 40.03 -10.69 14.83
N GLY B 531 41.02 -10.94 14.00
CA GLY B 531 42.16 -10.10 13.98
C GLY B 531 41.97 -8.74 13.29
N GLU B 532 43.04 -7.94 13.38
CA GLU B 532 43.09 -6.57 12.82
C GLU B 532 42.65 -6.43 11.37
N ARG B 533 43.14 -7.31 10.53
CA ARG B 533 42.88 -7.29 9.11
C ARG B 533 41.40 -7.41 8.79
N VAL B 534 40.75 -8.41 9.40
CA VAL B 534 39.33 -8.60 9.11
C VAL B 534 38.52 -7.43 9.71
N ALA B 535 38.96 -6.94 10.86
CA ALA B 535 38.34 -5.77 11.51
C ALA B 535 38.46 -4.53 10.61
N VAL B 536 39.67 -4.25 10.14
CA VAL B 536 39.85 -3.15 9.18
C VAL B 536 38.91 -3.30 8.01
N ARG B 537 38.80 -4.52 7.50
CA ARG B 537 38.07 -4.79 6.31
C ARG B 537 36.61 -4.79 6.56
N ALA B 538 36.18 -4.96 7.82
CA ALA B 538 34.76 -4.80 8.15
C ALA B 538 34.46 -3.34 8.58
N GLY B 539 35.47 -2.48 8.47
CA GLY B 539 35.36 -1.10 8.86
C GLY B 539 35.18 -0.91 10.35
N LEU B 540 35.88 -1.70 11.15
CA LEU B 540 35.89 -1.52 12.60
C LEU B 540 37.06 -0.70 13.14
N ARG B 541 38.07 -0.39 12.34
CA ARG B 541 39.08 0.61 12.81
C ARG B 541 39.79 1.43 11.71
N PRO C 26 -10.20 32.63 -26.24
CA PRO C 26 -9.03 32.35 -25.41
C PRO C 26 -8.77 30.87 -25.30
N GLY C 27 -8.30 30.42 -24.14
CA GLY C 27 -8.27 29.01 -23.78
C GLY C 27 -9.61 28.34 -23.38
N ALA C 28 -10.74 28.97 -23.74
CA ALA C 28 -12.05 28.31 -23.56
C ALA C 28 -12.02 26.90 -24.22
N ILE C 29 -12.55 25.89 -23.52
CA ILE C 29 -12.76 24.62 -24.16
C ILE C 29 -13.96 24.86 -25.05
N ARG C 30 -13.79 24.84 -26.38
CA ARG C 30 -14.89 25.09 -27.32
C ARG C 30 -15.23 23.92 -28.23
N THR C 31 -14.24 23.09 -28.54
CA THR C 31 -14.45 21.85 -29.30
C THR C 31 -14.08 20.58 -28.48
N VAL C 32 -14.88 19.54 -28.72
CA VAL C 32 -14.71 18.22 -28.16
C VAL C 32 -14.83 17.17 -29.26
N GLY C 33 -13.83 16.28 -29.33
CA GLY C 33 -13.84 15.15 -30.21
C GLY C 33 -14.10 13.86 -29.40
N VAL C 34 -15.24 13.23 -29.68
CA VAL C 34 -15.60 11.98 -29.18
C VAL C 34 -15.07 10.92 -30.16
N ILE C 35 -14.13 10.10 -29.67
CA ILE C 35 -13.37 9.21 -30.51
C ILE C 35 -13.92 7.80 -30.37
N GLY C 36 -14.67 7.40 -31.36
CA GLY C 36 -15.37 6.14 -31.28
C GLY C 36 -16.87 6.31 -31.26
N GLY C 37 -17.55 5.43 -31.96
CA GLY C 37 -18.97 5.58 -32.11
C GLY C 37 -19.82 4.44 -31.60
N GLY C 38 -19.72 4.06 -30.36
CA GLY C 38 -20.65 2.95 -30.06
C GLY C 38 -21.87 3.55 -29.40
N THR C 39 -22.50 2.79 -28.55
CA THR C 39 -23.37 3.41 -27.61
C THR C 39 -22.55 4.37 -26.74
N ALA C 40 -21.28 4.11 -26.43
CA ALA C 40 -20.57 5.02 -25.57
C ALA C 40 -20.38 6.37 -26.25
N GLY C 41 -19.88 6.35 -27.44
CA GLY C 41 -19.62 7.52 -28.23
C GLY C 41 -20.84 8.41 -28.49
N TYR C 42 -21.91 7.78 -28.90
CA TYR C 42 -23.16 8.48 -29.24
C TYR C 42 -23.85 9.03 -28.01
N LEU C 43 -23.89 8.27 -26.91
CA LEU C 43 -24.47 8.77 -25.62
C LEU C 43 -23.70 9.98 -25.13
N THR C 44 -22.38 9.93 -25.26
CA THR C 44 -21.54 11.00 -24.85
C THR C 44 -21.75 12.29 -25.70
N ALA C 45 -21.76 12.12 -27.02
CA ALA C 45 -21.88 13.27 -27.93
C ALA C 45 -23.27 13.90 -27.75
N LEU C 46 -24.29 13.09 -27.59
CA LEU C 46 -25.65 13.60 -27.36
C LEU C 46 -25.77 14.39 -26.06
N ALA C 47 -25.17 13.90 -24.98
CA ALA C 47 -25.20 14.61 -23.73
C ALA C 47 -24.46 15.93 -23.80
N LEU C 48 -23.28 15.93 -24.42
CA LEU C 48 -22.53 17.12 -24.51
C LEU C 48 -23.34 18.16 -25.29
N LYS C 49 -23.97 17.74 -26.37
CA LYS C 49 -24.80 18.68 -27.13
C LYS C 49 -26.06 19.12 -26.38
N ALA C 50 -26.67 18.23 -25.61
CA ALA C 50 -27.91 18.56 -24.95
C ALA C 50 -27.69 19.55 -23.81
N LYS C 51 -26.57 19.43 -23.13
CA LYS C 51 -26.34 20.22 -21.95
C LYS C 51 -25.38 21.37 -22.15
N ARG C 52 -24.55 21.28 -23.16
CA ARG C 52 -23.61 22.36 -23.42
C ARG C 52 -23.67 22.67 -24.89
N PRO C 53 -24.83 23.19 -25.32
CA PRO C 53 -25.09 23.23 -26.77
C PRO C 53 -24.20 24.19 -27.54
N TRP C 54 -23.46 25.06 -26.85
CA TRP C 54 -22.49 25.93 -27.50
C TRP C 54 -21.23 25.23 -27.91
N LEU C 55 -20.95 24.02 -27.36
CA LEU C 55 -19.75 23.28 -27.79
C LEU C 55 -19.89 22.81 -29.18
N ASP C 56 -18.78 22.82 -29.91
CA ASP C 56 -18.76 22.11 -31.17
C ASP C 56 -18.30 20.67 -30.84
N VAL C 57 -19.11 19.70 -31.20
CA VAL C 57 -18.88 18.29 -30.80
C VAL C 57 -18.84 17.49 -32.04
N ALA C 58 -17.74 16.78 -32.22
CA ALA C 58 -17.50 15.92 -33.36
C ALA C 58 -17.37 14.50 -32.84
N LEU C 59 -17.90 13.58 -33.59
CA LEU C 59 -17.81 12.16 -33.26
C LEU C 59 -17.03 11.54 -34.38
N VAL C 60 -15.90 10.96 -34.04
CA VAL C 60 -14.97 10.35 -34.98
C VAL C 60 -15.08 8.83 -34.94
N GLU C 61 -15.42 8.19 -36.04
CA GLU C 61 -15.40 6.74 -36.03
C GLU C 61 -14.95 6.14 -37.34
N SER C 62 -14.44 4.93 -37.24
CA SER C 62 -14.00 4.11 -38.36
C SER C 62 -15.15 3.35 -38.95
N ALA C 63 -15.48 3.56 -40.21
CA ALA C 63 -16.47 2.67 -40.84
C ALA C 63 -15.96 1.20 -41.02
N ASP C 64 -14.63 0.97 -40.96
CA ASP C 64 -14.00 -0.39 -41.08
C ASP C 64 -13.69 -1.20 -39.78
N ILE C 65 -13.54 -0.52 -38.62
CA ILE C 65 -13.45 -1.17 -37.31
C ILE C 65 -14.85 -1.15 -36.67
N PRO C 66 -15.48 -2.33 -36.55
CA PRO C 66 -16.84 -2.40 -36.05
C PRO C 66 -16.90 -2.12 -34.55
N ILE C 67 -18.07 -1.64 -34.11
CA ILE C 67 -18.35 -1.39 -32.68
C ILE C 67 -18.52 -2.72 -32.00
N ILE C 68 -18.22 -2.77 -30.70
CA ILE C 68 -18.29 -4.06 -29.99
C ILE C 68 -19.51 -5.00 -30.32
N GLY C 69 -20.73 -4.47 -30.33
CA GLY C 69 -21.88 -5.19 -30.86
C GLY C 69 -22.87 -5.82 -29.88
N VAL C 70 -22.61 -5.78 -28.56
CA VAL C 70 -23.50 -6.53 -27.59
C VAL C 70 -24.41 -5.84 -26.51
N GLY C 71 -23.95 -4.92 -25.64
CA GLY C 71 -24.78 -4.56 -24.44
C GLY C 71 -26.28 -4.18 -24.61
N GLU C 72 -27.20 -5.16 -24.43
CA GLU C 72 -28.62 -4.98 -24.91
C GLU C 72 -29.63 -4.85 -23.77
N ALA C 73 -29.29 -5.22 -22.55
CA ALA C 73 -30.32 -5.09 -21.46
C ALA C 73 -29.86 -3.94 -20.62
N THR C 74 -30.78 -3.27 -19.95
CA THR C 74 -30.34 -2.22 -19.02
C THR C 74 -31.08 -2.17 -17.72
N VAL C 75 -30.94 -1.06 -16.97
CA VAL C 75 -31.61 -0.86 -15.67
C VAL C 75 -32.57 0.31 -15.69
N SER C 76 -33.46 0.39 -14.70
CA SER C 76 -34.53 1.39 -14.76
C SER C 76 -34.04 2.84 -14.90
N TYR C 77 -32.93 3.18 -14.24
CA TYR C 77 -32.34 4.51 -14.30
C TYR C 77 -32.10 4.99 -15.74
N MET C 78 -31.75 4.03 -16.58
CA MET C 78 -31.46 4.29 -17.97
C MET C 78 -32.67 4.83 -18.72
N VAL C 79 -33.85 4.42 -18.32
CA VAL C 79 -35.06 4.95 -18.94
C VAL C 79 -35.15 6.46 -18.72
N MET C 80 -34.86 6.90 -17.51
CA MET C 80 -34.82 8.35 -17.22
C MET C 80 -33.65 9.06 -17.89
N PHE C 81 -32.50 8.40 -17.95
CA PHE C 81 -31.39 9.03 -18.65
C PHE C 81 -31.69 9.34 -20.11
N LEU C 82 -32.18 8.34 -20.81
CA LEU C 82 -32.50 8.50 -22.20
C LEU C 82 -33.60 9.56 -22.49
N HIS C 83 -34.72 9.43 -21.80
CA HIS C 83 -35.84 10.36 -21.93
C HIS C 83 -35.70 11.75 -21.29
N HIS C 84 -35.20 11.86 -20.08
CA HIS C 84 -35.11 13.18 -19.43
C HIS C 84 -33.80 13.85 -19.74
N TYR C 85 -32.72 13.17 -19.47
CA TYR C 85 -31.41 13.79 -19.62
C TYR C 85 -31.08 14.07 -21.08
N LEU C 86 -31.24 13.10 -21.97
CA LEU C 86 -31.01 13.34 -23.41
C LEU C 86 -32.24 13.82 -24.18
N GLY C 87 -33.40 13.90 -23.53
CA GLY C 87 -34.66 14.40 -24.13
C GLY C 87 -35.10 13.58 -25.33
N ILE C 88 -34.93 12.27 -25.28
CA ILE C 88 -35.38 11.42 -26.38
C ILE C 88 -36.87 11.15 -26.28
N ASP C 89 -37.59 11.46 -27.35
CA ASP C 89 -39.05 11.31 -27.37
C ASP C 89 -39.42 9.85 -27.25
N PRO C 90 -40.32 9.49 -26.31
CA PRO C 90 -40.54 8.05 -26.13
C PRO C 90 -41.32 7.34 -27.25
N ALA C 91 -42.26 8.03 -27.91
CA ALA C 91 -42.96 7.48 -29.06
C ALA C 91 -41.98 7.17 -30.20
N GLU C 92 -41.13 8.14 -30.54
CA GLU C 92 -40.16 7.96 -31.62
C GLU C 92 -39.09 6.86 -31.25
N PHE C 93 -38.68 6.85 -29.97
CA PHE C 93 -37.76 5.77 -29.48
C PHE C 93 -38.37 4.40 -29.70
N TYR C 94 -39.63 4.23 -29.29
CA TYR C 94 -40.29 2.95 -29.48
C TYR C 94 -40.41 2.53 -30.93
N GLN C 95 -40.78 3.47 -31.78
CA GLN C 95 -40.98 3.15 -33.18
C GLN C 95 -39.65 2.78 -33.83
N HIS C 96 -38.57 3.52 -33.54
CA HIS C 96 -37.26 3.25 -34.23
C HIS C 96 -36.50 2.05 -33.59
N VAL C 97 -36.53 1.93 -32.26
CA VAL C 97 -35.68 0.91 -31.60
C VAL C 97 -36.48 -0.36 -31.33
N ARG C 98 -37.78 -0.22 -31.14
CA ARG C 98 -38.63 -1.38 -30.85
C ARG C 98 -38.12 -2.15 -29.62
N PRO C 99 -38.10 -1.48 -28.47
CA PRO C 99 -37.64 -2.12 -27.23
C PRO C 99 -38.62 -3.07 -26.71
N THR C 100 -38.13 -4.00 -25.88
CA THR C 100 -38.98 -4.80 -25.06
C THR C 100 -38.71 -4.41 -23.59
N TRP C 101 -39.56 -4.88 -22.69
CA TRP C 101 -39.54 -4.45 -21.31
C TRP C 101 -38.77 -5.48 -20.46
N LYS C 102 -38.04 -4.98 -19.46
CA LYS C 102 -37.38 -5.79 -18.48
C LYS C 102 -37.88 -5.46 -17.10
N LEU C 103 -38.63 -6.38 -16.49
CA LEU C 103 -39.06 -6.25 -15.11
C LEU C 103 -38.03 -6.65 -14.06
N GLY C 104 -36.92 -7.27 -14.52
CA GLY C 104 -35.86 -7.76 -13.67
C GLY C 104 -35.13 -8.91 -14.37
N ILE C 105 -34.48 -9.73 -13.55
CA ILE C 105 -33.73 -10.85 -14.05
C ILE C 105 -34.30 -12.14 -13.45
N ARG C 106 -34.53 -13.13 -14.29
CA ARG C 106 -34.87 -14.48 -13.81
C ARG C 106 -33.57 -15.27 -13.69
N PHE C 107 -33.18 -15.63 -12.48
CA PHE C 107 -31.95 -16.41 -12.24
C PHE C 107 -32.23 -17.92 -12.19
N GLU C 108 -31.84 -18.64 -13.26
CA GLU C 108 -31.68 -20.12 -13.19
C GLU C 108 -30.32 -20.41 -12.55
N TRP C 109 -30.27 -20.40 -11.25
CA TRP C 109 -29.10 -20.04 -10.50
C TRP C 109 -29.29 -20.51 -9.08
N GLY C 110 -28.22 -20.97 -8.51
CA GLY C 110 -28.28 -21.56 -7.19
C GLY C 110 -28.93 -22.93 -7.15
N SER C 111 -28.99 -23.46 -5.94
CA SER C 111 -29.46 -24.84 -5.74
C SER C 111 -30.95 -25.01 -5.70
N ARG C 112 -31.73 -23.96 -5.72
CA ARG C 112 -33.20 -24.21 -5.86
C ARG C 112 -33.53 -24.65 -7.26
N PRO C 113 -34.17 -25.82 -7.43
CA PRO C 113 -34.47 -26.32 -8.79
C PRO C 113 -35.15 -25.28 -9.70
N GLU C 114 -36.10 -24.56 -9.16
CA GLU C 114 -36.79 -23.50 -9.91
C GLU C 114 -36.04 -22.13 -9.97
N GLY C 115 -34.89 -22.01 -9.30
CA GLY C 115 -34.17 -20.71 -9.20
C GLY C 115 -35.01 -19.60 -8.52
N PHE C 116 -34.88 -18.36 -8.98
CA PHE C 116 -35.50 -17.19 -8.33
C PHE C 116 -35.51 -15.99 -9.29
N VAL C 117 -36.37 -15.05 -8.99
CA VAL C 117 -36.49 -13.79 -9.76
C VAL C 117 -36.01 -12.59 -8.93
N ALA C 118 -35.48 -11.61 -9.61
CA ALA C 118 -34.85 -10.45 -9.03
C ALA C 118 -35.44 -9.24 -9.77
N PRO C 119 -36.54 -8.70 -9.21
CA PRO C 119 -37.27 -7.60 -9.80
C PRO C 119 -36.72 -6.23 -9.53
N PHE C 120 -37.13 -5.25 -10.31
CA PHE C 120 -36.70 -3.84 -10.11
C PHE C 120 -37.49 -3.11 -9.05
N ASP C 121 -38.75 -3.48 -8.88
CA ASP C 121 -39.62 -2.72 -7.99
C ASP C 121 -39.17 -3.03 -6.57
N TRP C 122 -39.39 -2.10 -5.66
CA TRP C 122 -39.06 -2.43 -4.29
C TRP C 122 -39.80 -1.67 -3.23
N GLY C 123 -40.01 -0.38 -3.44
CA GLY C 123 -40.93 0.36 -2.58
C GLY C 123 -42.37 0.11 -2.98
N THR C 124 -42.77 0.77 -4.07
CA THR C 124 -44.18 0.77 -4.45
C THR C 124 -44.72 -0.65 -4.72
N GLY C 125 -43.86 -1.57 -5.15
CA GLY C 125 -44.25 -2.97 -5.39
C GLY C 125 -44.02 -3.97 -4.25
N SER C 126 -43.42 -3.56 -3.13
CA SER C 126 -43.09 -4.52 -2.06
C SER C 126 -44.35 -5.17 -1.48
N VAL C 127 -44.37 -6.50 -1.48
CA VAL C 127 -45.31 -7.37 -0.76
C VAL C 127 -44.66 -7.89 0.51
N GLY C 128 -43.38 -8.31 0.43
CA GLY C 128 -42.64 -8.64 1.63
C GLY C 128 -41.78 -9.87 1.52
N LEU C 129 -40.49 -9.65 1.72
CA LEU C 129 -39.50 -10.66 1.48
C LEU C 129 -39.51 -11.78 2.53
N VAL C 130 -39.64 -11.43 3.80
CA VAL C 130 -39.63 -12.48 4.86
C VAL C 130 -40.89 -13.32 4.77
N GLY C 131 -42.01 -12.67 4.49
CA GLY C 131 -43.23 -13.38 4.17
C GLY C 131 -43.10 -14.32 2.99
N SER C 132 -42.52 -13.87 1.89
CA SER C 132 -42.28 -14.81 0.77
C SER C 132 -41.51 -16.05 1.26
N LEU C 133 -40.47 -15.84 2.06
CA LEU C 133 -39.58 -16.93 2.44
C LEU C 133 -40.24 -17.91 3.38
N ARG C 134 -40.96 -17.37 4.37
CA ARG C 134 -41.74 -18.17 5.30
C ARG C 134 -42.95 -18.83 4.61
N GLU C 135 -43.73 -18.13 3.80
CA GLU C 135 -44.89 -18.76 3.14
C GLU C 135 -44.47 -19.80 2.12
N THR C 136 -43.35 -19.55 1.42
CA THR C 136 -43.10 -20.17 0.13
C THR C 136 -41.76 -20.89 0.04
N GLY C 137 -40.86 -20.64 0.98
CA GLY C 137 -39.52 -21.18 0.90
C GLY C 137 -38.61 -20.51 -0.12
N ASN C 138 -39.08 -19.44 -0.78
CA ASN C 138 -38.35 -18.73 -1.84
C ASN C 138 -38.68 -17.23 -1.84
N VAL C 139 -37.99 -16.46 -2.69
CA VAL C 139 -38.19 -15.00 -2.79
C VAL C 139 -39.12 -14.55 -3.90
N ASN C 140 -39.75 -15.52 -4.52
CA ASN C 140 -40.49 -15.23 -5.71
C ASN C 140 -41.87 -14.55 -5.52
N GLU C 141 -42.27 -14.30 -4.27
CA GLU C 141 -43.47 -13.52 -3.98
C GLU C 141 -43.18 -12.31 -3.10
N ALA C 142 -41.95 -11.83 -3.17
CA ALA C 142 -41.54 -10.70 -2.36
C ALA C 142 -42.14 -9.39 -2.90
N THR C 143 -42.61 -9.41 -4.14
CA THR C 143 -42.94 -8.19 -4.80
C THR C 143 -43.94 -8.49 -5.93
N LEU C 144 -44.63 -7.47 -6.40
CA LEU C 144 -45.58 -7.53 -7.50
C LEU C 144 -44.89 -7.83 -8.82
N GLN C 145 -43.79 -7.13 -9.14
CA GLN C 145 -43.02 -7.51 -10.32
C GLN C 145 -42.48 -8.98 -10.29
N ALA C 146 -42.07 -9.46 -9.15
CA ALA C 146 -41.62 -10.85 -9.05
C ALA C 146 -42.73 -11.79 -9.47
N MET C 147 -43.96 -11.46 -9.06
CA MET C 147 -45.12 -12.29 -9.42
C MET C 147 -45.46 -12.08 -10.87
N LEU C 148 -45.42 -10.86 -11.38
CA LEU C 148 -45.57 -10.67 -12.82
C LEU C 148 -44.54 -11.51 -13.64
N MET C 149 -43.32 -11.59 -13.13
CA MET C 149 -42.29 -12.32 -13.90
C MET C 149 -42.62 -13.82 -13.98
N THR C 150 -43.03 -14.38 -12.88
CA THR C 150 -43.31 -15.80 -12.83
C THR C 150 -44.52 -16.12 -13.68
N GLU C 151 -45.38 -15.12 -13.96
CA GLU C 151 -46.56 -15.29 -14.85
C GLU C 151 -46.27 -15.02 -16.29
N ASP C 152 -45.06 -14.56 -16.66
CA ASP C 152 -44.82 -13.87 -17.93
C ASP C 152 -45.90 -12.88 -18.35
N ARG C 153 -46.20 -11.96 -17.44
CA ARG C 153 -47.16 -10.94 -17.72
C ARG C 153 -46.58 -9.60 -17.31
N VAL C 154 -47.25 -8.54 -17.76
CA VAL C 154 -46.86 -7.17 -17.51
C VAL C 154 -48.06 -6.37 -16.91
N PRO C 155 -47.78 -5.36 -16.07
CA PRO C 155 -48.85 -4.64 -15.36
C PRO C 155 -49.48 -3.56 -16.26
N VAL C 156 -49.99 -4.05 -17.38
CA VAL C 156 -50.84 -3.32 -18.28
C VAL C 156 -52.14 -4.14 -18.45
N TYR C 157 -53.29 -3.44 -18.51
CA TYR C 157 -54.61 -4.06 -18.40
C TYR C 157 -55.53 -3.40 -19.43
N ARG C 158 -56.21 -4.23 -20.18
CA ARG C 158 -57.29 -3.82 -21.03
C ARG C 158 -58.44 -3.49 -20.07
N GLY C 159 -58.65 -2.19 -19.84
CA GLY C 159 -59.75 -1.71 -19.02
C GLY C 159 -60.77 -1.04 -19.91
N GLU C 160 -61.87 -1.75 -20.20
CA GLU C 160 -63.05 -1.17 -20.87
C GLU C 160 -63.06 0.35 -20.72
N GLY C 161 -62.93 1.03 -21.85
CA GLY C 161 -62.44 2.38 -21.91
C GLY C 161 -61.30 2.42 -22.92
N GLY C 162 -60.21 1.74 -22.58
CA GLY C 162 -59.01 1.61 -23.42
C GLY C 162 -58.01 0.73 -22.67
N HIS C 163 -56.80 1.23 -22.46
CA HIS C 163 -55.83 0.49 -21.65
C HIS C 163 -55.55 1.21 -20.36
N VAL C 164 -55.20 0.46 -19.33
CA VAL C 164 -54.75 1.04 -18.07
C VAL C 164 -53.39 0.44 -17.65
N SER C 165 -52.33 1.27 -17.64
CA SER C 165 -50.96 0.80 -17.31
C SER C 165 -50.46 1.21 -15.91
N LEU C 166 -50.01 0.22 -15.13
CA LEU C 166 -49.30 0.50 -13.88
C LEU C 166 -47.76 0.61 -14.06
N MET C 167 -47.30 0.69 -15.31
CA MET C 167 -45.85 0.81 -15.56
C MET C 167 -45.27 2.08 -14.90
N LYS C 168 -46.12 3.06 -14.68
CA LYS C 168 -45.66 4.35 -14.19
C LYS C 168 -45.41 4.29 -12.69
N TYR C 169 -45.79 3.19 -12.07
CA TYR C 169 -45.62 3.03 -10.65
C TYR C 169 -44.56 2.02 -10.29
N LEU C 170 -44.10 1.24 -11.27
CA LEU C 170 -43.34 0.01 -11.02
C LEU C 170 -42.07 0.11 -11.88
N PRO C 171 -40.93 0.53 -11.32
CA PRO C 171 -39.78 0.79 -12.23
C PRO C 171 -39.40 -0.41 -13.05
N PHE C 172 -39.04 -0.16 -14.32
CA PHE C 172 -38.71 -1.18 -15.30
C PHE C 172 -37.59 -0.65 -16.18
N ALA C 173 -36.99 -1.54 -16.98
CA ALA C 173 -35.99 -1.18 -17.96
C ALA C 173 -36.33 -1.70 -19.36
N TYR C 174 -35.44 -1.43 -20.30
CA TYR C 174 -35.57 -1.87 -21.67
C TYR C 174 -34.57 -3.01 -22.05
N HIS C 175 -34.98 -3.86 -22.98
CA HIS C 175 -34.01 -4.58 -23.84
C HIS C 175 -34.04 -3.92 -25.23
N MET C 176 -32.88 -3.68 -25.79
CA MET C 176 -32.80 -2.93 -27.01
C MET C 176 -31.83 -3.60 -27.92
N ASP C 177 -32.27 -3.81 -29.16
CA ASP C 177 -31.42 -4.38 -30.20
C ASP C 177 -30.36 -3.41 -30.46
N ASN C 178 -29.14 -3.88 -30.47
CA ASN C 178 -28.04 -2.95 -30.44
C ASN C 178 -27.89 -2.14 -31.71
N ALA C 179 -28.03 -2.84 -32.83
CA ALA C 179 -27.91 -2.21 -34.14
C ALA C 179 -28.94 -1.08 -34.23
N ARG C 180 -30.18 -1.40 -33.88
CA ARG C 180 -31.26 -0.41 -33.97
C ARG C 180 -31.00 0.78 -33.04
N LEU C 181 -30.58 0.52 -31.81
CA LEU C 181 -30.33 1.62 -30.85
C LEU C 181 -29.25 2.53 -31.39
N VAL C 182 -28.12 1.95 -31.82
CA VAL C 182 -27.07 2.76 -32.35
C VAL C 182 -27.52 3.61 -33.61
N ARG C 183 -28.30 3.01 -34.51
CA ARG C 183 -28.81 3.74 -35.68
C ARG C 183 -29.59 4.92 -35.24
N TYR C 184 -30.53 4.73 -34.32
CA TYR C 184 -31.33 5.82 -33.86
C TYR C 184 -30.49 6.95 -33.19
N LEU C 185 -29.54 6.58 -32.33
CA LEU C 185 -28.74 7.57 -31.67
C LEU C 185 -27.90 8.35 -32.69
N THR C 186 -27.49 7.69 -33.76
CA THR C 186 -26.68 8.34 -34.77
C THR C 186 -27.57 9.39 -35.53
N GLU C 187 -28.81 9.02 -35.76
CA GLU C 187 -29.80 9.94 -36.39
C GLU C 187 -29.98 11.14 -35.49
N LEU C 188 -30.19 10.87 -34.20
CA LEU C 188 -30.28 11.92 -33.23
C LEU C 188 -29.08 12.85 -33.17
N ALA C 189 -27.90 12.29 -33.11
CA ALA C 189 -26.71 13.13 -33.11
C ALA C 189 -26.71 14.11 -34.32
N ALA C 190 -26.97 13.60 -35.50
CA ALA C 190 -26.99 14.45 -36.72
C ALA C 190 -27.99 15.62 -36.59
N ARG C 191 -29.18 15.34 -36.10
CA ARG C 191 -30.17 16.35 -35.78
C ARG C 191 -29.69 17.41 -34.87
N ARG C 192 -29.00 17.01 -33.83
CA ARG C 192 -28.72 17.95 -32.80
C ARG C 192 -27.43 18.67 -33.10
N GLY C 193 -26.85 18.43 -34.29
CA GLY C 193 -25.69 19.21 -34.73
C GLY C 193 -24.33 18.67 -34.30
N VAL C 194 -24.24 17.39 -33.91
CA VAL C 194 -22.95 16.74 -33.78
C VAL C 194 -22.34 16.57 -35.15
N ARG C 195 -21.07 16.91 -35.30
CA ARG C 195 -20.47 16.67 -36.58
C ARG C 195 -19.89 15.27 -36.65
N HIS C 196 -20.03 14.61 -37.78
CA HIS C 196 -19.46 13.28 -37.94
C HIS C 196 -18.21 13.32 -38.75
N VAL C 197 -17.22 12.53 -38.35
CA VAL C 197 -15.95 12.38 -39.08
C VAL C 197 -15.75 10.91 -39.28
N ASP C 198 -15.71 10.47 -40.54
CA ASP C 198 -15.23 9.13 -40.93
C ASP C 198 -13.74 9.06 -40.95
N ALA C 199 -13.16 8.26 -40.07
CA ALA C 199 -11.69 8.15 -40.01
C ALA C 199 -11.25 7.02 -39.05
N THR C 200 -10.08 6.45 -39.33
CA THR C 200 -9.43 5.51 -38.47
C THR C 200 -8.22 6.21 -37.92
N VAL C 201 -8.15 6.27 -36.59
CA VAL C 201 -6.98 6.82 -35.95
C VAL C 201 -5.79 5.87 -36.02
N ALA C 202 -4.68 6.36 -36.54
CA ALA C 202 -3.46 5.57 -36.68
C ALA C 202 -2.53 5.92 -35.55
N GLU C 203 -2.55 7.16 -35.05
CA GLU C 203 -1.69 7.57 -33.94
C GLU C 203 -2.28 8.69 -33.12
N VAL C 204 -2.02 8.62 -31.82
CA VAL C 204 -2.37 9.66 -30.90
C VAL C 204 -1.09 10.35 -30.52
N ARG C 205 -0.97 11.62 -30.89
CA ARG C 205 0.26 12.36 -30.56
C ARG C 205 0.08 13.24 -29.35
N LEU C 206 1.00 13.09 -28.40
CA LEU C 206 1.03 13.90 -27.23
C LEU C 206 1.84 15.11 -27.54
N ASP C 207 1.55 16.23 -26.89
CA ASP C 207 2.46 17.43 -26.99
C ASP C 207 2.89 17.93 -25.62
N GLY C 208 2.65 17.13 -24.60
CA GLY C 208 3.11 17.45 -23.29
C GLY C 208 2.68 16.28 -22.43
N PRO C 209 3.08 16.31 -21.19
CA PRO C 209 3.07 15.10 -20.34
C PRO C 209 1.72 14.25 -20.27
N ASP C 210 0.63 14.95 -20.00
CA ASP C 210 -0.71 14.40 -19.83
C ASP C 210 -1.63 15.13 -20.79
N HIS C 211 -1.17 15.35 -22.02
CA HIS C 211 -1.88 16.23 -22.95
C HIS C 211 -1.71 15.71 -24.40
N VAL C 212 -2.83 15.26 -24.95
CA VAL C 212 -2.98 14.87 -26.35
C VAL C 212 -2.92 16.16 -27.18
N GLY C 213 -2.05 16.15 -28.18
CA GLY C 213 -1.92 17.31 -29.08
C GLY C 213 -2.72 17.15 -30.33
N GLY C 214 -2.95 15.90 -30.76
CA GLY C 214 -3.75 15.63 -31.96
C GLY C 214 -3.79 14.16 -32.31
N LEU C 215 -4.64 13.84 -33.28
CA LEU C 215 -4.82 12.49 -33.79
C LEU C 215 -4.44 12.44 -35.31
N ILE C 216 -3.60 11.46 -35.71
CA ILE C 216 -3.26 11.26 -37.11
C ILE C 216 -4.03 10.10 -37.63
N THR C 217 -4.77 10.31 -38.72
CA THR C 217 -5.57 9.24 -39.27
C THR C 217 -4.69 8.39 -40.20
N THR C 218 -5.21 7.20 -40.51
CA THR C 218 -4.59 6.31 -41.50
C THR C 218 -4.48 6.97 -42.85
N ASP C 219 -5.37 7.88 -43.18
CA ASP C 219 -5.24 8.61 -44.46
C ASP C 219 -4.52 9.97 -44.37
N GLY C 220 -3.88 10.22 -43.25
CA GLY C 220 -3.03 11.40 -43.08
C GLY C 220 -3.66 12.68 -42.54
N ARG C 221 -4.96 12.69 -42.25
CA ARG C 221 -5.52 13.83 -41.63
C ARG C 221 -5.00 14.01 -40.18
N ARG C 222 -5.01 15.25 -39.67
CA ARG C 222 -4.61 15.55 -38.31
C ARG C 222 -5.79 16.21 -37.68
N LEU C 223 -6.40 15.57 -36.68
CA LEU C 223 -7.63 16.04 -36.05
C LEU C 223 -7.18 16.63 -34.72
N HIS C 224 -7.75 17.76 -34.31
CA HIS C 224 -7.29 18.45 -33.11
C HIS C 224 -8.58 18.92 -32.44
N TYR C 225 -8.72 18.67 -31.15
CA TYR C 225 -9.80 19.21 -30.37
C TYR C 225 -9.28 19.79 -29.04
N ASP C 226 -10.11 20.61 -28.37
CA ASP C 226 -9.75 21.13 -27.07
C ASP C 226 -9.84 20.01 -25.99
N PHE C 227 -10.67 19.01 -26.23
CA PHE C 227 -10.87 17.91 -25.25
C PHE C 227 -11.24 16.66 -26.04
N TYR C 228 -10.77 15.48 -25.54
CA TYR C 228 -10.97 14.24 -26.22
C TYR C 228 -11.69 13.29 -25.26
N VAL C 229 -12.67 12.58 -25.81
CA VAL C 229 -13.31 11.50 -25.07
C VAL C 229 -12.94 10.23 -25.74
N ASP C 230 -12.32 9.35 -24.96
CA ASP C 230 -11.89 8.07 -25.47
C ASP C 230 -13.04 7.06 -25.39
N CYS C 231 -13.70 6.83 -26.53
CA CYS C 231 -14.67 5.78 -26.61
C CYS C 231 -14.22 4.76 -27.61
N THR C 232 -12.92 4.43 -27.63
CA THR C 232 -12.39 3.50 -28.58
C THR C 232 -12.52 1.99 -28.21
N GLY C 233 -13.26 1.66 -27.18
CA GLY C 233 -13.53 0.26 -26.81
C GLY C 233 -12.35 -0.24 -26.00
N PHE C 234 -12.25 -1.58 -25.90
CA PHE C 234 -11.22 -2.27 -25.11
C PHE C 234 -9.77 -1.84 -25.43
N ARG C 235 -9.51 -1.50 -26.68
CA ARG C 235 -8.20 -1.03 -27.10
C ARG C 235 -7.70 0.20 -26.31
N SER C 236 -8.65 1.03 -25.86
CA SER C 236 -8.36 2.23 -25.06
C SER C 236 -7.14 3.01 -25.64
N LEU C 237 -7.26 3.49 -26.90
CA LEU C 237 -6.16 4.12 -27.64
C LEU C 237 -5.61 5.40 -27.02
N LEU C 238 -6.49 6.28 -26.49
CA LEU C 238 -6.02 7.49 -25.83
C LEU C 238 -5.61 7.21 -24.35
N LEU C 239 -6.53 6.59 -23.59
CA LEU C 239 -6.34 6.48 -22.15
C LEU C 239 -5.19 5.53 -21.80
N GLU C 240 -5.33 4.30 -22.23
CA GLU C 240 -4.31 3.29 -21.91
C GLU C 240 -3.06 3.42 -22.77
N LYS C 241 -3.26 3.44 -24.06
CA LYS C 241 -2.13 3.28 -24.95
C LYS C 241 -1.34 4.57 -25.06
N ALA C 242 -1.98 5.71 -25.30
CA ALA C 242 -1.25 6.95 -25.41
C ALA C 242 -0.80 7.56 -24.06
N LEU C 243 -1.66 7.58 -23.04
CA LEU C 243 -1.37 8.27 -21.79
C LEU C 243 -0.78 7.29 -20.73
N GLY C 244 -0.76 6.01 -21.07
CA GLY C 244 -0.16 4.97 -20.24
C GLY C 244 -0.87 4.61 -18.96
N ILE C 245 -2.19 4.80 -18.88
CA ILE C 245 -2.90 4.51 -17.65
C ILE C 245 -3.07 2.99 -17.56
N PRO C 246 -2.60 2.37 -16.45
CA PRO C 246 -2.61 0.94 -16.30
C PRO C 246 -4.01 0.40 -15.98
N PHE C 247 -4.16 -0.86 -16.32
CA PHE C 247 -5.37 -1.62 -16.13
C PHE C 247 -5.26 -2.39 -14.80
N GLU C 248 -6.37 -2.40 -14.04
CA GLU C 248 -6.53 -3.19 -12.78
C GLU C 248 -7.59 -4.32 -12.95
N SER C 249 -7.10 -5.52 -12.98
CA SER C 249 -7.87 -6.70 -13.27
C SER C 249 -8.84 -7.02 -12.13
N TYR C 250 -10.07 -7.48 -12.44
CA TYR C 250 -10.96 -8.01 -11.42
C TYR C 250 -10.94 -9.54 -11.37
N ALA C 251 -9.87 -10.11 -11.93
CA ALA C 251 -9.81 -11.53 -12.27
C ALA C 251 -9.79 -12.41 -11.04
N SER C 252 -9.41 -11.89 -9.89
CA SER C 252 -9.50 -12.72 -8.69
C SER C 252 -10.98 -12.97 -8.27
N SER C 253 -11.89 -12.12 -8.75
CA SER C 253 -13.30 -12.29 -8.46
C SER C 253 -14.13 -12.80 -9.66
N LEU C 254 -13.72 -12.44 -10.84
CA LEU C 254 -14.52 -12.60 -12.04
C LEU C 254 -13.62 -13.30 -13.08
N PHE C 255 -13.92 -14.56 -13.33
CA PHE C 255 -13.00 -15.47 -14.01
C PHE C 255 -13.41 -15.62 -15.50
N THR C 256 -14.57 -15.15 -15.92
CA THR C 256 -14.95 -15.41 -17.36
C THR C 256 -14.20 -14.40 -18.29
N ASP C 257 -14.05 -14.71 -19.57
CA ASP C 257 -13.32 -13.85 -20.47
C ASP C 257 -13.73 -13.95 -21.97
N ALA C 258 -14.82 -14.65 -22.25
CA ALA C 258 -15.37 -14.71 -23.60
C ALA C 258 -16.84 -14.97 -23.61
N ALA C 259 -17.48 -14.76 -24.78
CA ALA C 259 -18.87 -15.07 -24.94
C ALA C 259 -19.12 -15.55 -26.39
N VAL C 260 -19.93 -16.57 -26.54
CA VAL C 260 -20.46 -17.00 -27.83
C VAL C 260 -21.89 -16.53 -27.85
N THR C 261 -22.23 -15.76 -28.87
CA THR C 261 -23.60 -15.20 -28.99
C THR C 261 -24.35 -15.85 -30.17
N GLY C 262 -25.67 -15.81 -30.12
CA GLY C 262 -26.49 -16.27 -31.25
C GLY C 262 -27.91 -15.87 -30.93
N THR C 263 -28.85 -16.32 -31.76
CA THR C 263 -30.27 -15.97 -31.55
C THR C 263 -31.11 -17.22 -31.56
N LEU C 264 -32.28 -17.15 -30.93
CA LEU C 264 -33.15 -18.29 -30.84
C LEU C 264 -34.58 -17.83 -31.00
N ALA C 265 -35.37 -18.53 -31.81
CA ALA C 265 -36.72 -18.09 -32.06
C ALA C 265 -37.52 -18.28 -30.79
N HIS C 266 -38.44 -17.37 -30.54
CA HIS C 266 -39.29 -17.44 -29.33
C HIS C 266 -40.79 -17.59 -29.65
N GLY C 267 -41.12 -17.75 -30.92
CA GLY C 267 -42.54 -17.90 -31.34
C GLY C 267 -43.47 -16.71 -31.10
N GLY C 268 -42.88 -15.52 -30.90
CA GLY C 268 -43.65 -14.32 -30.54
C GLY C 268 -43.97 -14.17 -29.08
N HIS C 269 -43.60 -15.17 -28.25
CA HIS C 269 -43.81 -15.05 -26.81
C HIS C 269 -42.57 -14.31 -26.14
N LEU C 270 -42.84 -13.14 -25.55
CA LEU C 270 -41.81 -12.18 -25.10
C LEU C 270 -41.77 -12.20 -23.63
N LYS C 271 -40.71 -12.82 -23.08
CA LYS C 271 -40.57 -12.93 -21.63
C LYS C 271 -40.28 -11.51 -21.08
N PRO C 272 -41.05 -11.05 -20.07
CA PRO C 272 -40.76 -9.68 -19.59
C PRO C 272 -39.53 -9.58 -18.66
N TYR C 273 -38.38 -10.19 -19.03
CA TYR C 273 -37.19 -10.17 -18.16
C TYR C 273 -35.99 -10.68 -18.96
N THR C 274 -34.81 -10.36 -18.48
CA THR C 274 -33.62 -11.05 -18.90
C THR C 274 -33.51 -12.37 -18.11
N THR C 275 -33.01 -13.43 -18.76
CA THR C 275 -32.68 -14.70 -18.05
C THR C 275 -31.17 -14.89 -17.97
N ALA C 276 -30.73 -15.36 -16.82
CA ALA C 276 -29.32 -15.69 -16.56
C ALA C 276 -29.29 -17.14 -16.14
N THR C 277 -28.74 -17.99 -16.99
CA THR C 277 -28.80 -19.46 -16.84
C THR C 277 -27.43 -20.02 -16.56
N THR C 278 -27.29 -20.76 -15.46
CA THR C 278 -26.03 -21.40 -15.08
C THR C 278 -25.67 -22.42 -16.15
N MET C 279 -24.43 -22.33 -16.63
CA MET C 279 -23.86 -23.26 -17.60
C MET C 279 -22.66 -24.01 -17.00
N ASN C 280 -22.09 -24.98 -17.72
CA ASN C 280 -20.95 -25.75 -17.11
C ASN C 280 -19.71 -24.91 -16.77
N ALA C 281 -19.41 -23.91 -17.59
CA ALA C 281 -18.22 -23.06 -17.42
C ALA C 281 -18.50 -21.55 -17.46
N GLY C 282 -19.65 -21.14 -16.91
CA GLY C 282 -20.13 -19.81 -16.97
C GLY C 282 -21.65 -19.75 -16.80
N TRP C 283 -22.23 -18.89 -17.59
CA TRP C 283 -23.65 -18.64 -17.60
C TRP C 283 -24.06 -18.03 -18.97
N CYS C 284 -25.33 -18.18 -19.31
CA CYS C 284 -25.85 -17.80 -20.60
C CYS C 284 -26.94 -16.78 -20.41
N TRP C 285 -26.88 -15.64 -21.09
CA TRP C 285 -27.99 -14.69 -21.03
C TRP C 285 -29.03 -15.03 -22.14
N THR C 286 -30.29 -14.70 -21.84
CA THR C 286 -31.37 -14.61 -22.83
C THR C 286 -32.05 -13.28 -22.71
N ILE C 287 -31.97 -12.51 -23.77
CA ILE C 287 -32.52 -11.13 -23.85
C ILE C 287 -33.55 -11.07 -25.02
N PRO C 288 -34.82 -10.97 -24.70
CA PRO C 288 -35.85 -10.89 -25.76
C PRO C 288 -35.93 -9.59 -26.53
N THR C 289 -35.95 -9.69 -27.85
CA THR C 289 -36.32 -8.59 -28.74
C THR C 289 -37.58 -9.05 -29.51
N PRO C 290 -38.26 -8.12 -30.20
CA PRO C 290 -39.50 -8.54 -30.86
C PRO C 290 -39.24 -9.64 -31.83
N GLU C 291 -38.12 -9.67 -32.54
CA GLU C 291 -37.89 -10.64 -33.60
C GLU C 291 -37.51 -12.04 -33.06
N SER C 292 -36.80 -12.08 -31.93
CA SER C 292 -36.18 -13.32 -31.44
C SER C 292 -35.48 -13.09 -30.08
N ASP C 293 -35.07 -14.19 -29.43
CA ASP C 293 -34.28 -14.12 -28.22
C ASP C 293 -32.82 -14.00 -28.59
N HIS C 294 -32.10 -13.13 -27.91
CA HIS C 294 -30.66 -12.97 -28.19
C HIS C 294 -29.93 -13.62 -27.01
N LEU C 295 -28.99 -14.52 -27.33
CA LEU C 295 -28.27 -15.28 -26.31
C LEU C 295 -26.77 -15.02 -26.30
N GLY C 296 -26.17 -15.26 -25.15
CA GLY C 296 -24.75 -15.15 -24.95
C GLY C 296 -24.30 -16.06 -23.80
N TYR C 297 -23.46 -17.02 -24.15
CA TYR C 297 -22.79 -17.88 -23.17
C TYR C 297 -21.49 -17.26 -22.84
N VAL C 298 -21.46 -16.63 -21.67
CA VAL C 298 -20.30 -16.07 -21.05
C VAL C 298 -19.52 -17.16 -20.31
N PHE C 299 -18.29 -17.38 -20.68
CA PHE C 299 -17.52 -18.50 -20.16
C PHE C 299 -16.04 -18.17 -19.92
N SER C 300 -15.42 -19.02 -19.10
CA SER C 300 -13.96 -18.96 -18.91
C SER C 300 -13.23 -19.82 -19.92
N SER C 301 -12.40 -19.18 -20.74
CA SER C 301 -11.51 -19.84 -21.77
C SER C 301 -10.61 -20.89 -21.21
N ALA C 302 -10.24 -20.66 -19.97
CA ALA C 302 -9.41 -21.56 -19.23
C ALA C 302 -10.14 -22.86 -18.90
N ALA C 303 -11.46 -22.82 -18.78
CA ALA C 303 -12.22 -23.96 -18.37
C ALA C 303 -12.76 -24.70 -19.57
N ILE C 304 -12.90 -24.03 -20.71
CA ILE C 304 -13.41 -24.69 -21.91
C ILE C 304 -13.02 -23.99 -23.22
N ASP C 305 -12.90 -24.76 -24.30
CA ASP C 305 -12.58 -24.31 -25.67
C ASP C 305 -13.78 -23.61 -26.26
N PRO C 306 -13.58 -22.52 -27.05
CA PRO C 306 -14.75 -21.81 -27.57
C PRO C 306 -15.72 -22.69 -28.34
N ASP C 307 -15.21 -23.65 -29.10
CA ASP C 307 -16.04 -24.55 -29.86
C ASP C 307 -16.91 -25.42 -29.00
N ASP C 308 -16.33 -25.84 -27.90
CA ASP C 308 -16.99 -26.70 -26.95
C ASP C 308 -18.03 -25.92 -26.27
N ALA C 309 -17.75 -24.68 -25.96
CA ALA C 309 -18.75 -23.76 -25.38
C ALA C 309 -19.93 -23.57 -26.31
N ALA C 310 -19.63 -23.24 -27.57
CA ALA C 310 -20.67 -23.27 -28.62
C ALA C 310 -21.51 -24.56 -28.70
N ALA C 311 -20.87 -25.72 -28.60
CA ALA C 311 -21.59 -27.01 -28.63
C ALA C 311 -22.47 -27.16 -27.42
N GLU C 312 -21.96 -26.72 -26.26
CA GLU C 312 -22.79 -26.79 -25.06
C GLU C 312 -23.99 -25.89 -25.17
N MET C 313 -23.76 -24.67 -25.64
CA MET C 313 -24.89 -23.75 -25.90
C MET C 313 -25.97 -24.33 -26.83
N ALA C 314 -25.54 -24.91 -27.94
CA ALA C 314 -26.48 -25.56 -28.92
C ALA C 314 -27.26 -26.69 -28.33
N ARG C 315 -26.60 -27.45 -27.47
CA ARG C 315 -27.26 -28.53 -26.74
C ARG C 315 -28.24 -28.04 -25.69
N ARG C 316 -27.86 -27.01 -24.95
CA ARG C 316 -28.73 -26.50 -23.94
C ARG C 316 -29.96 -25.76 -24.52
N PHE C 317 -29.76 -25.17 -25.69
CA PHE C 317 -30.70 -24.30 -26.34
C PHE C 317 -30.90 -24.74 -27.82
N PRO C 318 -31.54 -25.89 -27.99
CA PRO C 318 -31.61 -26.46 -29.35
C PRO C 318 -32.30 -25.49 -30.29
N GLY C 319 -31.63 -25.19 -31.38
CA GLY C 319 -32.10 -24.30 -32.39
C GLY C 319 -31.35 -22.99 -32.44
N VAL C 320 -30.57 -22.71 -31.39
CA VAL C 320 -29.86 -21.45 -31.35
C VAL C 320 -28.84 -21.37 -32.45
N THR C 321 -28.71 -20.21 -33.09
CA THR C 321 -27.61 -20.01 -34.05
C THR C 321 -26.28 -19.77 -33.29
N ARG C 322 -25.22 -19.70 -34.07
CA ARG C 322 -23.89 -19.45 -33.58
C ARG C 322 -23.38 -18.27 -34.39
N GLU C 323 -23.22 -17.11 -33.76
CA GLU C 323 -23.01 -15.92 -34.56
C GLU C 323 -21.68 -15.28 -34.40
N ALA C 324 -21.07 -15.35 -33.23
CA ALA C 324 -19.88 -14.56 -32.95
C ALA C 324 -19.22 -15.02 -31.65
N LEU C 325 -17.92 -14.89 -31.64
CA LEU C 325 -17.09 -15.07 -30.43
C LEU C 325 -16.56 -13.70 -30.03
N VAL C 326 -16.81 -13.25 -28.80
CA VAL C 326 -16.28 -11.96 -28.35
C VAL C 326 -15.44 -12.20 -27.10
N ARG C 327 -14.31 -11.53 -27.03
CA ARG C 327 -13.41 -11.70 -25.93
C ARG C 327 -13.44 -10.41 -25.12
N PHE C 328 -13.22 -10.54 -23.81
CA PHE C 328 -13.17 -9.36 -22.95
C PHE C 328 -12.28 -9.58 -21.76
N ARG C 329 -12.05 -8.52 -20.97
CA ARG C 329 -11.41 -8.67 -19.69
C ARG C 329 -12.15 -7.84 -18.66
N SER C 330 -12.21 -8.36 -17.45
CA SER C 330 -12.98 -7.75 -16.43
C SER C 330 -12.04 -6.89 -15.58
N GLY C 331 -12.36 -5.64 -15.39
CA GLY C 331 -11.50 -4.74 -14.67
C GLY C 331 -11.70 -3.34 -15.10
N ARG C 332 -10.93 -2.41 -14.52
CA ARG C 332 -11.00 -1.01 -14.84
C ARG C 332 -9.56 -0.49 -14.91
N HIS C 333 -9.35 0.63 -15.58
CA HIS C 333 -8.14 1.37 -15.51
C HIS C 333 -8.08 2.14 -14.19
N ARG C 334 -6.87 2.54 -13.90
CA ARG C 334 -6.62 3.21 -12.63
C ARG C 334 -7.33 4.54 -12.61
N GLU C 335 -7.38 5.15 -13.79
CA GLU C 335 -7.96 6.49 -13.97
C GLU C 335 -8.85 6.50 -15.18
N ALA C 336 -9.95 7.26 -15.15
CA ALA C 336 -10.77 7.49 -16.32
C ALA C 336 -10.40 8.78 -17.02
N TRP C 337 -9.94 9.76 -16.21
CA TRP C 337 -9.74 11.15 -16.72
C TRP C 337 -8.30 11.53 -16.40
N ARG C 338 -7.56 11.82 -17.45
CA ARG C 338 -6.23 12.33 -17.27
C ARG C 338 -6.03 13.46 -18.29
N GLY C 339 -5.72 14.65 -17.80
CA GLY C 339 -5.42 15.76 -18.69
C GLY C 339 -6.62 16.15 -19.52
N ASN C 340 -6.46 16.20 -20.82
CA ASN C 340 -7.55 16.57 -21.74
C ASN C 340 -8.20 15.38 -22.35
N VAL C 341 -8.19 14.24 -21.63
CA VAL C 341 -8.84 13.03 -22.10
C VAL C 341 -9.67 12.40 -21.01
N MET C 342 -10.92 12.06 -21.27
CA MET C 342 -11.63 11.12 -20.39
C MET C 342 -12.16 9.93 -21.18
N ALA C 343 -12.12 8.75 -20.60
CA ALA C 343 -12.63 7.56 -21.23
C ALA C 343 -14.04 7.21 -20.76
N VAL C 344 -14.89 6.83 -21.72
CA VAL C 344 -16.26 6.43 -21.42
C VAL C 344 -16.47 5.09 -22.13
N GLY C 345 -17.03 4.12 -21.41
CA GLY C 345 -17.26 2.79 -21.96
C GLY C 345 -16.14 1.80 -21.72
N ASN C 346 -16.05 0.84 -22.61
CA ASN C 346 -15.11 -0.22 -22.53
C ASN C 346 -13.64 0.26 -22.53
N SER C 347 -13.34 1.42 -23.10
CA SER C 347 -11.97 1.97 -22.99
C SER C 347 -11.62 2.22 -21.51
N TYR C 348 -12.60 2.43 -20.61
CA TYR C 348 -12.26 2.60 -19.19
C TYR C 348 -12.33 1.27 -18.43
N ALA C 349 -13.49 0.61 -18.48
CA ALA C 349 -13.77 -0.54 -17.63
C ALA C 349 -14.86 -1.42 -18.27
N PHE C 350 -14.94 -2.63 -17.78
CA PHE C 350 -15.96 -3.66 -18.23
C PHE C 350 -16.11 -4.75 -17.18
N VAL C 351 -17.35 -5.19 -16.95
CA VAL C 351 -17.66 -6.45 -16.28
C VAL C 351 -18.69 -7.17 -17.15
N GLU C 352 -18.73 -8.49 -17.03
CA GLU C 352 -19.71 -9.28 -17.75
C GLU C 352 -21.10 -8.75 -17.42
N PRO C 353 -22.06 -8.95 -18.32
CA PRO C 353 -23.41 -8.37 -18.27
C PRO C 353 -24.36 -9.06 -17.37
N LEU C 354 -23.83 -9.64 -16.30
CA LEU C 354 -24.65 -10.37 -15.40
C LEU C 354 -25.67 -9.50 -14.69
N GLU C 355 -25.38 -8.21 -14.50
CA GLU C 355 -26.35 -7.32 -13.88
C GLU C 355 -26.69 -6.12 -14.78
N SER C 356 -26.35 -6.25 -16.05
CA SER C 356 -26.59 -5.18 -17.04
C SER C 356 -26.24 -3.79 -16.51
N SER C 357 -24.97 -3.66 -16.20
CA SER C 357 -24.41 -2.44 -15.62
C SER C 357 -23.64 -1.61 -16.68
N GLY C 358 -23.50 -2.14 -17.88
CA GLY C 358 -22.61 -1.47 -18.88
C GLY C 358 -23.13 -0.05 -19.26
N LEU C 359 -24.37 0.00 -19.71
CA LEU C 359 -24.97 1.25 -20.09
C LEU C 359 -25.14 2.23 -18.90
N LEU C 360 -25.48 1.70 -17.75
CA LEU C 360 -25.50 2.46 -16.50
C LEU C 360 -24.23 3.18 -16.22
N MET C 361 -23.10 2.49 -16.39
CA MET C 361 -21.79 3.09 -16.09
C MET C 361 -21.31 4.03 -17.17
N ILE C 362 -21.74 3.80 -18.39
CA ILE C 362 -21.52 4.81 -19.44
C ILE C 362 -22.30 6.05 -19.05
N ALA C 363 -23.59 5.91 -18.73
CA ALA C 363 -24.35 7.08 -18.39
C ALA C 363 -23.80 7.86 -17.17
N THR C 364 -23.32 7.13 -16.17
CA THR C 364 -22.70 7.74 -14.98
C THR C 364 -21.46 8.52 -15.40
N ALA C 365 -20.63 7.92 -16.23
CA ALA C 365 -19.43 8.59 -16.72
C ALA C 365 -19.74 9.83 -17.54
N VAL C 366 -20.74 9.72 -18.39
CA VAL C 366 -21.13 10.89 -19.19
C VAL C 366 -21.65 12.04 -18.30
N GLN C 367 -22.41 11.71 -17.25
CA GLN C 367 -22.94 12.72 -16.38
C GLN C 367 -21.81 13.41 -15.62
N ILE C 368 -20.86 12.63 -15.15
CA ILE C 368 -19.61 13.18 -14.60
C ILE C 368 -18.86 14.16 -15.58
N LEU C 369 -18.67 13.75 -16.81
CA LEU C 369 -18.00 14.62 -17.80
C LEU C 369 -18.79 15.91 -18.06
N VAL C 370 -20.09 15.79 -18.27
CA VAL C 370 -20.88 16.91 -18.68
C VAL C 370 -20.97 17.90 -17.52
N SER C 371 -21.05 17.40 -16.32
CA SER C 371 -21.05 18.24 -15.11
C SER C 371 -19.73 18.92 -14.77
N LEU C 372 -18.62 18.20 -14.93
CA LEU C 372 -17.31 18.60 -14.48
C LEU C 372 -16.36 19.22 -15.53
N LEU C 373 -16.69 19.07 -16.79
CA LEU C 373 -15.84 19.60 -17.86
C LEU C 373 -15.66 21.11 -17.64
N PRO C 374 -14.41 21.52 -17.61
CA PRO C 374 -14.11 22.90 -17.35
C PRO C 374 -14.56 23.82 -18.48
N SER C 375 -14.76 25.09 -18.13
CA SER C 375 -15.02 26.13 -19.14
C SER C 375 -13.81 26.49 -19.94
N SER C 376 -12.65 26.49 -19.30
CA SER C 376 -11.44 26.80 -19.98
C SER C 376 -10.27 25.89 -19.62
N ARG C 377 -9.28 25.88 -20.52
CA ARG C 377 -8.02 25.18 -20.31
C ARG C 377 -7.23 25.65 -19.09
N ARG C 378 -7.47 26.84 -18.59
CA ARG C 378 -6.68 27.30 -17.45
C ARG C 378 -7.30 26.93 -16.11
N ASP C 379 -8.49 26.34 -16.13
CA ASP C 379 -9.24 26.17 -14.89
C ASP C 379 -8.73 25.00 -14.02
N PRO C 380 -9.22 24.91 -12.74
CA PRO C 380 -8.83 23.75 -11.96
C PRO C 380 -9.58 22.51 -12.51
N LEU C 381 -8.77 21.55 -12.95
CA LEU C 381 -9.22 20.29 -13.52
C LEU C 381 -9.74 19.31 -12.45
N PRO C 382 -11.01 18.88 -12.54
CA PRO C 382 -11.51 18.01 -11.49
C PRO C 382 -11.36 16.51 -11.82
N SER C 383 -10.26 16.10 -12.38
CA SER C 383 -10.08 14.74 -12.77
C SER C 383 -9.98 13.82 -11.57
N ASP C 384 -9.40 14.28 -10.44
CA ASP C 384 -9.27 13.38 -9.29
C ASP C 384 -10.63 13.00 -8.77
N ALA C 385 -11.55 13.96 -8.72
CA ALA C 385 -12.87 13.63 -8.22
C ALA C 385 -13.59 12.63 -9.10
N ALA C 386 -13.44 12.82 -10.40
CA ALA C 386 -14.09 11.89 -11.36
C ALA C 386 -13.49 10.54 -11.21
N ASN C 387 -12.15 10.45 -11.09
CA ASN C 387 -11.52 9.18 -10.94
C ASN C 387 -11.96 8.35 -9.75
N GLN C 388 -12.07 9.03 -8.62
CA GLN C 388 -12.47 8.42 -7.37
C GLN C 388 -13.86 7.97 -7.46
N ALA C 389 -14.72 8.81 -8.03
CA ALA C 389 -16.17 8.47 -8.16
C ALA C 389 -16.42 7.19 -8.95
N LEU C 390 -15.81 7.12 -10.11
CA LEU C 390 -15.92 5.97 -10.97
C LEU C 390 -15.22 4.71 -10.41
N ALA C 391 -14.03 4.85 -9.83
CA ALA C 391 -13.36 3.70 -9.20
C ALA C 391 -14.33 3.08 -8.16
N HIS C 392 -14.93 3.96 -7.34
CA HIS C 392 -15.83 3.51 -6.26
C HIS C 392 -17.04 2.75 -6.80
N ARG C 393 -17.64 3.36 -7.80
CA ARG C 393 -18.80 2.73 -8.42
C ARG C 393 -18.47 1.38 -9.03
N TRP C 394 -17.39 1.29 -9.82
CA TRP C 394 -17.11 0.08 -10.53
C TRP C 394 -16.69 -1.01 -9.52
N ASP C 395 -15.88 -0.63 -8.55
CA ASP C 395 -15.36 -1.59 -7.59
C ASP C 395 -16.55 -2.13 -6.77
N ALA C 396 -17.57 -1.31 -6.48
CA ALA C 396 -18.74 -1.88 -5.78
C ALA C 396 -19.50 -2.89 -6.66
N ILE C 397 -19.64 -2.59 -7.95
CA ILE C 397 -20.23 -3.55 -8.86
C ILE C 397 -19.43 -4.86 -8.89
N ARG C 398 -18.13 -4.76 -8.89
CA ARG C 398 -17.31 -5.93 -8.90
C ARG C 398 -17.63 -6.87 -7.73
N TRP C 399 -17.69 -6.31 -6.53
CA TRP C 399 -17.90 -7.12 -5.34
C TRP C 399 -19.36 -7.67 -5.38
N PHE C 400 -20.29 -6.92 -5.93
CA PHE C 400 -21.70 -7.43 -6.04
C PHE C 400 -21.74 -8.65 -6.96
N LEU C 401 -21.04 -8.57 -8.10
CA LEU C 401 -20.95 -9.69 -9.02
C LEU C 401 -20.26 -10.86 -8.34
N SER C 402 -19.28 -10.61 -7.51
CA SER C 402 -18.50 -11.70 -6.90
C SER C 402 -19.38 -12.63 -6.11
N ILE C 403 -20.45 -12.09 -5.52
CA ILE C 403 -21.30 -12.96 -4.75
C ILE C 403 -22.26 -13.77 -5.62
N HIS C 404 -22.43 -13.43 -6.90
CA HIS C 404 -23.19 -14.29 -7.84
C HIS C 404 -22.39 -15.57 -8.07
N TYR C 405 -21.05 -15.42 -8.08
CA TYR C 405 -20.20 -16.57 -8.34
C TYR C 405 -19.92 -17.44 -7.10
N ARG C 406 -19.60 -16.80 -5.99
CA ARG C 406 -19.16 -17.54 -4.83
C ARG C 406 -20.18 -18.53 -4.34
N PHE C 407 -21.45 -18.15 -4.45
CA PHE C 407 -22.50 -18.90 -3.71
C PHE C 407 -23.39 -19.71 -4.63
N ASN C 408 -22.97 -19.93 -5.87
CA ASN C 408 -23.87 -20.62 -6.86
C ASN C 408 -23.70 -22.13 -6.77
N GLY C 409 -24.58 -22.75 -6.01
CA GLY C 409 -24.54 -24.19 -5.78
C GLY C 409 -25.14 -25.05 -6.84
N ARG C 410 -25.57 -24.50 -7.99
CA ARG C 410 -26.39 -25.26 -8.93
C ARG C 410 -25.74 -26.47 -9.58
N LEU C 411 -24.51 -26.27 -10.09
CA LEU C 411 -23.74 -27.30 -10.74
C LEU C 411 -22.37 -27.56 -10.09
N ASP C 412 -21.85 -28.75 -10.33
CA ASP C 412 -20.64 -29.26 -9.67
C ASP C 412 -19.58 -29.63 -10.68
N THR C 413 -19.46 -28.77 -11.69
CA THR C 413 -18.41 -28.87 -12.64
C THR C 413 -17.13 -28.27 -12.08
N PRO C 414 -15.99 -28.57 -12.73
CA PRO C 414 -14.76 -27.97 -12.25
C PRO C 414 -14.80 -26.44 -12.17
N PHE C 415 -15.49 -25.80 -13.12
CA PHE C 415 -15.60 -24.34 -13.06
C PHE C 415 -16.29 -23.83 -11.82
N TRP C 416 -17.47 -24.41 -11.55
CA TRP C 416 -18.25 -24.03 -10.40
C TRP C 416 -17.67 -24.43 -9.08
N LYS C 417 -17.05 -25.59 -9.00
CA LYS C 417 -16.26 -25.89 -7.77
C LYS C 417 -15.15 -24.83 -7.51
N GLU C 418 -14.35 -24.48 -8.52
CA GLU C 418 -13.34 -23.38 -8.41
C GLU C 418 -13.99 -22.02 -8.03
N ALA C 419 -15.11 -21.68 -8.65
CA ALA C 419 -15.78 -20.44 -8.31
C ALA C 419 -16.28 -20.41 -6.84
N ARG C 420 -16.88 -21.50 -6.35
CA ARG C 420 -17.27 -21.56 -4.96
C ARG C 420 -16.09 -21.60 -3.98
N ALA C 421 -14.96 -22.17 -4.35
CA ALA C 421 -13.86 -22.25 -3.41
C ALA C 421 -12.96 -20.99 -3.45
N GLU C 422 -12.76 -20.39 -4.62
CA GLU C 422 -11.69 -19.43 -4.81
C GLU C 422 -12.15 -18.01 -5.25
N THR C 423 -13.44 -17.75 -5.48
CA THR C 423 -13.84 -16.40 -5.82
C THR C 423 -13.50 -15.45 -4.67
N ASP C 424 -12.77 -14.39 -4.99
CA ASP C 424 -12.45 -13.30 -4.01
C ASP C 424 -13.66 -12.42 -3.74
N ILE C 425 -14.13 -12.46 -2.50
CA ILE C 425 -15.31 -11.68 -2.09
C ILE C 425 -14.89 -10.66 -1.02
N SER C 426 -13.60 -10.36 -0.93
CA SER C 426 -13.10 -9.63 0.23
C SER C 426 -13.71 -8.25 0.40
N GLY C 427 -14.03 -7.56 -0.69
CA GLY C 427 -14.59 -6.22 -0.59
C GLY C 427 -16.03 -6.13 -0.08
N ILE C 428 -16.75 -7.24 -0.07
CA ILE C 428 -18.13 -7.28 0.43
C ILE C 428 -18.24 -8.21 1.63
N GLU C 429 -17.16 -8.88 2.01
CA GLU C 429 -17.19 -9.79 3.18
C GLU C 429 -17.74 -9.15 4.47
N PRO C 430 -17.37 -7.86 4.75
CA PRO C 430 -17.95 -7.22 5.97
C PRO C 430 -19.49 -7.13 5.93
N LEU C 431 -20.09 -6.82 4.77
CA LEU C 431 -21.54 -6.86 4.63
C LEU C 431 -22.16 -8.28 4.72
N LEU C 432 -21.43 -9.28 4.20
CA LEU C 432 -21.90 -10.67 4.30
C LEU C 432 -22.01 -11.11 5.75
N ARG C 433 -21.04 -10.70 6.58
CA ARG C 433 -21.08 -11.05 8.00
C ARG C 433 -22.28 -10.40 8.67
N LEU C 434 -22.58 -9.18 8.29
CA LEU C 434 -23.77 -8.49 8.75
C LEU C 434 -25.07 -9.20 8.33
N PHE C 435 -25.13 -9.64 7.08
CA PHE C 435 -26.23 -10.44 6.62
C PHE C 435 -26.31 -11.74 7.42
N ALA C 436 -25.17 -12.42 7.62
CA ALA C 436 -25.20 -13.73 8.31
C ALA C 436 -25.88 -13.68 9.68
N ALA C 437 -25.66 -12.58 10.37
CA ALA C 437 -26.17 -12.37 11.70
C ALA C 437 -27.67 -12.09 11.72
N GLY C 438 -28.22 -11.55 10.65
CA GLY C 438 -29.64 -11.19 10.65
C GLY C 438 -30.14 -10.68 9.33
N ALA C 439 -30.73 -11.57 8.55
CA ALA C 439 -31.23 -11.29 7.19
C ALA C 439 -32.73 -11.23 7.14
N PRO C 440 -33.31 -10.46 6.22
CA PRO C 440 -32.67 -9.68 5.19
C PRO C 440 -32.16 -8.37 5.77
N LEU C 441 -31.05 -7.88 5.21
CA LEU C 441 -30.47 -6.63 5.61
C LEU C 441 -31.50 -5.50 5.50
N THR C 442 -32.32 -5.56 4.45
CA THR C 442 -33.46 -4.61 4.25
C THR C 442 -34.52 -4.70 5.37
N GLY C 443 -34.53 -5.77 6.14
CA GLY C 443 -35.38 -5.90 7.33
C GLY C 443 -34.74 -5.53 8.66
N ARG C 444 -33.53 -4.97 8.66
CA ARG C 444 -32.85 -4.59 9.88
C ARG C 444 -33.41 -3.27 10.35
N ASP C 445 -33.10 -2.94 11.60
CA ASP C 445 -33.37 -1.62 12.14
C ASP C 445 -32.67 -0.57 11.29
N SER C 446 -33.21 0.65 11.33
CA SER C 446 -32.81 1.73 10.40
C SER C 446 -31.37 2.07 10.45
N PHE C 447 -30.77 1.97 11.64
CA PHE C 447 -29.40 2.41 11.76
C PHE C 447 -28.46 1.40 11.09
N THR C 448 -28.70 0.13 11.35
CA THR C 448 -27.92 -0.96 10.76
C THR C 448 -28.12 -0.90 9.24
N ARG C 449 -29.36 -0.73 8.80
CA ARG C 449 -29.62 -0.64 7.34
C ARG C 449 -28.83 0.47 6.71
N TYR C 450 -28.86 1.61 7.38
CA TYR C 450 -28.13 2.74 6.90
C TYR C 450 -26.62 2.47 6.80
N LEU C 451 -26.10 1.79 7.80
CA LEU C 451 -24.67 1.44 7.82
C LEU C 451 -24.33 0.39 6.70
N ALA C 452 -25.17 -0.60 6.56
CA ALA C 452 -24.94 -1.63 5.56
C ALA C 452 -25.01 -1.04 4.14
N ASP C 453 -25.85 -0.02 3.97
CA ASP C 453 -26.05 0.65 2.70
C ASP C 453 -24.79 1.07 2.00
N GLY C 454 -23.74 1.45 2.72
CA GLY C 454 -22.53 1.94 2.08
C GLY C 454 -21.70 0.89 1.42
N ALA C 455 -21.92 -0.39 1.78
CA ALA C 455 -21.19 -1.47 1.08
C ALA C 455 -21.88 -1.97 -0.20
N ALA C 456 -23.14 -1.56 -0.36
CA ALA C 456 -23.99 -2.07 -1.43
C ALA C 456 -23.87 -1.20 -2.68
N PRO C 457 -23.99 -1.78 -3.87
CA PRO C 457 -23.86 -0.86 -4.98
C PRO C 457 -25.03 0.11 -4.98
N LEU C 458 -24.75 1.33 -5.37
CA LEU C 458 -25.75 2.31 -5.63
C LEU C 458 -26.55 1.73 -6.81
N PHE C 459 -27.78 2.10 -6.87
CA PHE C 459 -28.72 1.53 -7.80
C PHE C 459 -29.14 0.12 -7.39
N TYR C 460 -28.25 -0.87 -7.32
CA TYR C 460 -28.69 -2.28 -7.03
C TYR C 460 -29.11 -2.44 -5.57
N GLY C 461 -28.36 -1.77 -4.68
CA GLY C 461 -28.87 -1.52 -3.33
C GLY C 461 -28.75 -2.70 -2.44
N LEU C 462 -29.09 -2.48 -1.17
CA LEU C 462 -29.22 -3.60 -0.25
C LEU C 462 -30.26 -4.64 -0.72
N GLU C 463 -31.30 -4.21 -1.36
CA GLU C 463 -32.28 -5.14 -1.88
C GLU C 463 -31.70 -6.14 -2.96
N GLY C 464 -30.75 -5.71 -3.77
CA GLY C 464 -30.18 -6.61 -4.74
C GLY C 464 -29.24 -7.55 -4.06
N VAL C 465 -28.53 -7.10 -3.03
CA VAL C 465 -27.62 -8.03 -2.36
C VAL C 465 -28.45 -9.12 -1.63
N ASP C 466 -29.50 -8.70 -0.95
CA ASP C 466 -30.39 -9.62 -0.22
C ASP C 466 -31.05 -10.67 -1.16
N THR C 467 -31.50 -10.21 -2.33
CA THR C 467 -32.15 -11.09 -3.29
C THR C 467 -31.19 -12.18 -3.74
N LEU C 468 -29.97 -11.79 -4.10
CA LEU C 468 -28.97 -12.73 -4.50
C LEU C 468 -28.53 -13.71 -3.43
N LEU C 469 -28.31 -13.21 -2.24
CA LEU C 469 -27.94 -14.04 -1.12
C LEU C 469 -29.09 -14.97 -0.70
N LEU C 470 -30.32 -14.45 -0.63
CA LEU C 470 -31.45 -15.30 -0.23
C LEU C 470 -31.81 -16.25 -1.33
N GLY C 471 -31.72 -15.79 -2.57
CA GLY C 471 -31.99 -16.63 -3.72
C GLY C 471 -31.08 -17.82 -3.84
N GLN C 472 -29.84 -17.64 -3.42
CA GLN C 472 -28.87 -18.70 -3.47
C GLN C 472 -28.80 -19.43 -2.16
N GLU C 473 -29.71 -19.13 -1.24
CA GLU C 473 -29.72 -19.79 0.08
C GLU C 473 -28.43 -19.84 0.82
N VAL C 474 -27.85 -18.67 1.00
CA VAL C 474 -26.65 -18.51 1.77
C VAL C 474 -27.11 -18.59 3.24
N PRO C 475 -26.43 -19.41 4.06
CA PRO C 475 -26.84 -19.52 5.48
C PRO C 475 -26.82 -18.18 6.24
N ALA C 476 -27.94 -17.87 6.90
CA ALA C 476 -28.12 -16.68 7.69
C ALA C 476 -29.20 -16.94 8.75
N ARG C 477 -29.22 -16.16 9.82
CA ARG C 477 -30.35 -16.13 10.75
C ARG C 477 -31.43 -15.25 10.20
N LEU C 478 -32.58 -15.84 9.90
CA LEU C 478 -33.65 -15.07 9.34
C LEU C 478 -34.23 -14.21 10.45
N LEU C 479 -34.61 -12.99 10.12
CA LEU C 479 -35.25 -12.11 11.08
C LEU C 479 -36.73 -12.47 11.29
N PRO C 480 -37.25 -12.20 12.52
CA PRO C 480 -38.67 -12.37 12.82
C PRO C 480 -39.51 -11.45 11.96
N PRO C 481 -40.71 -11.93 11.55
CA PRO C 481 -41.52 -11.20 10.58
C PRO C 481 -41.99 -9.86 11.10
N ARG C 482 -42.22 -9.77 12.42
CA ARG C 482 -42.68 -8.51 12.99
C ARG C 482 -43.85 -8.00 12.12
N GLU C 483 -45.02 -8.57 12.38
CA GLU C 483 -46.25 -8.49 11.56
C GLU C 483 -46.75 -9.93 11.48
N PRO C 484 -48.07 -10.15 11.66
CA PRO C 484 -48.58 -11.53 11.65
C PRO C 484 -48.76 -12.11 10.24
N PRO C 485 -48.61 -13.44 10.09
CA PRO C 485 -48.70 -14.18 8.82
C PRO C 485 -49.89 -13.81 7.90
N GLU C 486 -51.11 -13.92 8.43
CA GLU C 486 -52.34 -13.64 7.68
C GLU C 486 -52.29 -12.29 6.97
N GLN C 487 -51.66 -11.31 7.58
CA GLN C 487 -51.51 -10.00 6.94
C GLN C 487 -50.69 -10.04 5.62
N TRP C 488 -49.47 -10.58 5.70
CA TRP C 488 -48.60 -10.73 4.52
C TRP C 488 -49.41 -11.44 3.45
N ARG C 489 -50.00 -12.57 3.86
CA ARG C 489 -50.94 -13.36 3.05
C ARG C 489 -52.05 -12.61 2.30
N ALA C 490 -52.61 -11.56 2.91
CA ALA C 490 -53.62 -10.73 2.20
C ALA C 490 -52.96 -9.79 1.19
N ARG C 491 -51.82 -9.19 1.56
CA ARG C 491 -51.06 -8.41 0.58
C ARG C 491 -50.71 -9.33 -0.58
N ALA C 492 -50.17 -10.52 -0.28
CA ALA C 492 -49.84 -11.51 -1.32
C ALA C 492 -50.96 -11.81 -2.30
N ALA C 493 -52.19 -11.92 -1.80
CA ALA C 493 -53.31 -12.23 -2.69
C ALA C 493 -53.75 -11.03 -3.56
N ALA C 494 -53.86 -9.83 -3.00
CA ALA C 494 -54.15 -8.69 -3.87
C ALA C 494 -53.11 -8.64 -5.04
N ALA C 495 -51.84 -8.89 -4.72
CA ALA C 495 -50.72 -8.82 -5.71
C ALA C 495 -50.80 -9.89 -6.78
N ARG C 496 -50.99 -11.13 -6.34
CA ARG C 496 -51.13 -12.25 -7.25
C ARG C 496 -52.28 -12.04 -8.21
N SER C 497 -53.34 -11.39 -7.74
CA SER C 497 -54.51 -11.21 -8.57
C SER C 497 -54.23 -10.09 -9.60
N LEU C 498 -53.68 -8.97 -9.16
CA LEU C 498 -53.19 -7.99 -10.15
C LEU C 498 -52.21 -8.65 -11.17
N ALA C 499 -51.28 -9.46 -10.67
CA ALA C 499 -50.28 -10.15 -11.53
C ALA C 499 -50.86 -11.06 -12.60
N SER C 500 -51.70 -12.01 -12.22
CA SER C 500 -52.27 -12.92 -13.27
C SER C 500 -53.25 -12.22 -14.23
N ARG C 501 -53.79 -11.08 -13.85
CA ARG C 501 -54.63 -10.34 -14.81
C ARG C 501 -53.84 -9.45 -15.77
N GLY C 502 -52.54 -9.27 -15.55
CA GLY C 502 -51.79 -8.48 -16.46
C GLY C 502 -51.86 -9.06 -17.85
N LEU C 503 -51.65 -8.20 -18.85
CA LEU C 503 -51.52 -8.62 -20.23
C LEU C 503 -50.23 -9.40 -20.48
N ARG C 504 -50.21 -10.09 -21.60
CA ARG C 504 -49.01 -10.65 -22.16
C ARG C 504 -48.26 -9.50 -22.75
N GLN C 505 -46.92 -9.60 -22.78
CA GLN C 505 -46.13 -8.47 -23.20
C GLN C 505 -46.42 -8.00 -24.61
N SER C 506 -46.52 -8.93 -25.55
CA SER C 506 -46.65 -8.54 -26.92
C SER C 506 -47.93 -7.63 -27.11
N GLU C 507 -49.03 -7.98 -26.46
CA GLU C 507 -50.24 -7.16 -26.58
C GLU C 507 -50.04 -5.78 -26.00
N ALA C 508 -49.42 -5.77 -24.82
CA ALA C 508 -49.10 -4.53 -24.12
C ALA C 508 -48.21 -3.61 -24.92
N LEU C 509 -47.17 -4.15 -25.59
CA LEU C 509 -46.34 -3.30 -26.46
C LEU C 509 -47.13 -2.71 -27.64
N ASP C 510 -48.05 -3.48 -28.22
CA ASP C 510 -48.92 -2.96 -29.31
C ASP C 510 -49.82 -1.77 -28.81
N ALA C 511 -50.38 -1.90 -27.60
CA ALA C 511 -51.04 -0.80 -26.92
C ALA C 511 -50.17 0.43 -26.79
N TYR C 512 -48.90 0.26 -26.39
CA TYR C 512 -48.03 1.42 -26.27
C TYR C 512 -47.75 2.06 -27.61
N ALA C 513 -47.63 1.25 -28.65
CA ALA C 513 -47.37 1.81 -29.95
C ALA C 513 -48.61 2.54 -30.48
N ALA C 514 -49.80 1.97 -30.25
CA ALA C 514 -51.08 2.54 -30.68
C ALA C 514 -51.41 3.86 -29.92
N ASP C 515 -51.10 3.93 -28.61
CA ASP C 515 -51.27 5.13 -27.82
C ASP C 515 -50.00 5.79 -27.35
N PRO C 516 -49.41 6.68 -28.15
CA PRO C 516 -48.24 7.44 -27.67
C PRO C 516 -48.43 8.15 -26.34
N CYS C 517 -49.68 8.44 -25.93
CA CYS C 517 -49.87 9.16 -24.69
C CYS C 517 -49.62 8.26 -23.45
N LEU C 518 -49.56 6.95 -23.63
CA LEU C 518 -49.09 6.06 -22.52
C LEU C 518 -47.63 6.30 -22.10
N ASN C 519 -46.68 6.45 -23.05
CA ASN C 519 -45.31 6.85 -22.67
C ASN C 519 -45.22 8.26 -22.15
N ALA C 520 -46.04 9.15 -22.71
CA ALA C 520 -45.94 10.51 -22.26
C ALA C 520 -46.34 10.58 -20.80
N GLU C 521 -47.26 9.74 -20.29
CA GLU C 521 -47.61 9.82 -18.83
C GLU C 521 -46.51 9.34 -17.94
N LEU C 522 -45.75 8.38 -18.46
CA LEU C 522 -44.60 7.87 -17.73
C LEU C 522 -43.62 8.98 -17.38
N LEU C 523 -43.42 9.90 -18.31
CA LEU C 523 -42.43 10.95 -18.14
C LEU C 523 -42.91 12.23 -17.47
N SER C 524 -44.14 12.67 -17.74
CA SER C 524 -44.67 13.89 -17.12
C SER C 524 -45.09 13.71 -15.64
N ASP C 525 -46.03 12.81 -15.39
CA ASP C 525 -46.55 12.59 -14.03
C ASP C 525 -45.72 12.83 -12.81
N SER C 526 -46.33 13.56 -11.88
CA SER C 526 -45.74 13.86 -10.59
C SER C 526 -45.58 12.60 -9.79
N ASP C 527 -46.50 11.65 -9.98
CA ASP C 527 -46.39 10.37 -9.22
C ASP C 527 -45.77 9.18 -10.00
N SER C 528 -45.28 9.42 -11.24
CA SER C 528 -44.54 8.38 -12.01
C SER C 528 -43.18 8.17 -11.36
N TRP C 529 -42.67 6.93 -11.31
CA TRP C 529 -41.29 6.69 -10.85
C TRP C 529 -40.30 7.40 -11.80
N ALA C 530 -40.72 7.64 -13.03
CA ALA C 530 -39.82 8.23 -14.06
C ALA C 530 -40.34 9.62 -14.41
N GLY C 531 -41.12 10.21 -13.51
CA GLY C 531 -41.64 11.54 -13.75
C GLY C 531 -40.65 12.68 -13.63
N GLU C 532 -40.95 13.77 -14.35
CA GLU C 532 -40.23 15.06 -14.27
C GLU C 532 -39.76 15.41 -12.86
N ARG C 533 -40.61 15.25 -11.87
CA ARG C 533 -40.26 15.48 -10.44
C ARG C 533 -39.01 14.72 -10.02
N VAL C 534 -39.08 13.40 -10.19
CA VAL C 534 -38.02 12.49 -9.76
C VAL C 534 -36.75 12.76 -10.61
N ALA C 535 -36.96 13.03 -11.90
CA ALA C 535 -35.86 13.32 -12.82
C ALA C 535 -35.03 14.44 -12.22
N VAL C 536 -35.62 15.63 -12.11
CA VAL C 536 -34.93 16.78 -11.48
C VAL C 536 -34.12 16.41 -10.22
N ARG C 537 -34.75 15.68 -9.30
CA ARG C 537 -34.08 15.22 -8.10
C ARG C 537 -32.88 14.29 -8.35
N ALA C 538 -32.47 14.08 -9.60
CA ALA C 538 -31.16 13.50 -9.87
C ALA C 538 -30.48 13.96 -11.18
N GLY C 539 -31.21 14.56 -12.12
CA GLY C 539 -30.78 14.75 -13.52
C GLY C 539 -31.68 14.04 -14.55
N PRO D 26 6.38 -39.47 -15.44
CA PRO D 26 4.97 -39.08 -15.39
C PRO D 26 4.69 -37.58 -15.59
N GLY D 27 5.34 -36.72 -14.80
CA GLY D 27 5.13 -35.26 -14.84
C GLY D 27 6.39 -34.44 -15.14
N ALA D 28 7.49 -35.12 -15.51
CA ALA D 28 8.77 -34.44 -15.71
C ALA D 28 8.59 -33.36 -16.78
N ILE D 29 9.39 -32.33 -16.68
CA ILE D 29 9.35 -31.26 -17.67
C ILE D 29 10.46 -31.68 -18.61
N ARG D 30 10.06 -32.19 -19.79
CA ARG D 30 10.90 -32.72 -20.84
C ARG D 30 11.05 -31.82 -22.08
N THR D 31 10.02 -30.98 -22.32
CA THR D 31 9.92 -30.12 -23.49
C THR D 31 9.80 -28.66 -23.09
N VAL D 32 10.60 -27.82 -23.74
CA VAL D 32 10.45 -26.38 -23.53
C VAL D 32 10.30 -25.66 -24.89
N GLY D 33 9.29 -24.81 -24.97
CA GLY D 33 9.02 -23.97 -26.14
C GLY D 33 9.42 -22.52 -25.89
N VAL D 34 10.47 -22.04 -26.58
CA VAL D 34 10.91 -20.65 -26.52
C VAL D 34 10.17 -19.90 -27.66
N ILE D 35 9.23 -19.03 -27.29
CA ILE D 35 8.33 -18.35 -28.24
C ILE D 35 8.93 -16.99 -28.59
N GLY D 36 9.71 -16.94 -29.68
CA GLY D 36 10.25 -15.66 -30.24
C GLY D 36 11.67 -15.93 -30.65
N GLY D 37 12.07 -15.28 -31.69
CA GLY D 37 13.42 -15.40 -32.32
C GLY D 37 14.31 -14.20 -32.39
N GLY D 38 14.15 -13.28 -31.44
CA GLY D 38 15.16 -12.23 -31.31
C GLY D 38 16.32 -12.70 -30.46
N THR D 39 17.11 -11.76 -29.96
CA THR D 39 18.26 -12.14 -29.18
C THR D 39 17.79 -12.79 -27.88
N ALA D 40 16.63 -12.40 -27.32
CA ALA D 40 16.15 -13.08 -26.13
C ALA D 40 15.90 -14.57 -26.31
N GLY D 41 15.20 -14.90 -27.39
CA GLY D 41 14.84 -16.27 -27.66
C GLY D 41 16.02 -17.15 -27.91
N TYR D 42 16.90 -16.65 -28.76
CA TYR D 42 18.06 -17.42 -29.13
C TYR D 42 19.00 -17.64 -27.92
N LEU D 43 19.16 -16.60 -27.09
CA LEU D 43 20.06 -16.78 -25.96
C LEU D 43 19.45 -17.74 -24.99
N THR D 44 18.13 -17.63 -24.77
CA THR D 44 17.46 -18.56 -23.94
C THR D 44 17.60 -20.05 -24.38
N ALA D 45 17.32 -20.30 -25.66
CA ALA D 45 17.37 -21.61 -26.21
C ALA D 45 18.77 -22.22 -26.14
N LEU D 46 19.77 -21.42 -26.42
CA LEU D 46 21.11 -21.89 -26.32
C LEU D 46 21.47 -22.26 -24.88
N ALA D 47 21.05 -21.43 -23.93
CA ALA D 47 21.39 -21.72 -22.55
C ALA D 47 20.69 -23.01 -22.04
N LEU D 48 19.41 -23.17 -22.38
CA LEU D 48 18.67 -24.32 -21.96
C LEU D 48 19.33 -25.63 -22.42
N LYS D 49 19.67 -25.63 -23.69
CA LYS D 49 20.28 -26.77 -24.33
C LYS D 49 21.74 -26.99 -23.88
N ALA D 50 22.47 -25.93 -23.55
CA ALA D 50 23.81 -26.05 -22.95
C ALA D 50 23.79 -26.62 -21.55
N LYS D 51 22.86 -26.18 -20.71
CA LYS D 51 22.95 -26.52 -19.31
C LYS D 51 22.08 -27.69 -19.01
N ARG D 52 21.09 -27.94 -19.85
CA ARG D 52 20.22 -29.08 -19.63
C ARG D 52 19.96 -29.82 -20.92
N PRO D 53 20.98 -30.52 -21.44
CA PRO D 53 21.02 -31.08 -22.78
C PRO D 53 19.99 -32.09 -23.07
N TRP D 54 19.42 -32.65 -22.04
CA TRP D 54 18.40 -33.65 -22.13
C TRP D 54 17.04 -33.05 -22.46
N LEU D 55 16.87 -31.73 -22.34
CA LEU D 55 15.55 -31.18 -22.69
C LEU D 55 15.40 -31.12 -24.18
N ASP D 56 14.19 -31.34 -24.60
CA ASP D 56 13.80 -31.07 -25.99
C ASP D 56 13.41 -29.56 -26.06
N VAL D 57 14.27 -28.76 -26.70
CA VAL D 57 14.07 -27.33 -26.75
C VAL D 57 13.72 -26.89 -28.17
N ALA D 58 12.58 -26.23 -28.31
CA ALA D 58 12.12 -25.76 -29.63
C ALA D 58 12.06 -24.28 -29.59
N LEU D 59 12.52 -23.62 -30.65
CA LEU D 59 12.33 -22.19 -30.82
C LEU D 59 11.26 -21.90 -31.91
N VAL D 60 10.18 -21.18 -31.55
CA VAL D 60 9.05 -20.87 -32.42
C VAL D 60 9.16 -19.37 -32.75
N GLU D 61 9.20 -19.02 -34.03
CA GLU D 61 9.21 -17.60 -34.42
C GLU D 61 8.48 -17.34 -35.70
N SER D 62 7.84 -16.17 -35.73
CA SER D 62 7.01 -15.71 -36.86
C SER D 62 7.90 -15.20 -37.95
N ALA D 63 7.61 -15.67 -39.15
CA ALA D 63 8.28 -15.15 -40.32
C ALA D 63 7.62 -13.80 -40.69
N ASP D 64 6.49 -13.47 -40.06
CA ASP D 64 5.81 -12.22 -40.39
C ASP D 64 5.99 -11.07 -39.40
N ILE D 65 6.56 -11.35 -38.23
CA ILE D 65 6.72 -10.31 -37.22
C ILE D 65 8.21 -10.13 -37.01
N PRO D 66 8.73 -9.00 -37.43
CA PRO D 66 10.19 -8.87 -37.39
C PRO D 66 10.68 -8.69 -35.93
N ILE D 67 11.97 -8.98 -35.75
CA ILE D 67 12.71 -8.68 -34.47
C ILE D 67 12.93 -7.16 -34.37
N ILE D 68 13.25 -6.67 -33.18
CA ILE D 68 13.32 -5.24 -32.98
C ILE D 68 14.47 -4.59 -33.85
N GLY D 69 15.55 -5.33 -34.14
CA GLY D 69 16.59 -4.90 -35.11
C GLY D 69 17.66 -4.03 -34.51
N VAL D 70 17.58 -3.86 -33.20
CA VAL D 70 18.50 -2.99 -32.51
C VAL D 70 18.94 -3.81 -31.24
N GLY D 71 19.94 -3.33 -30.51
CA GLY D 71 20.48 -4.02 -29.34
C GLY D 71 21.93 -4.41 -29.59
N GLU D 72 22.84 -3.43 -29.66
CA GLU D 72 24.19 -3.68 -30.14
C GLU D 72 25.35 -3.48 -29.14
N ALA D 73 25.14 -2.76 -28.04
CA ALA D 73 26.25 -2.50 -27.12
C ALA D 73 25.98 -3.35 -25.89
N THR D 74 27.01 -3.86 -25.27
CA THR D 74 26.78 -4.55 -23.98
C THR D 74 27.72 -4.20 -22.85
N VAL D 75 27.71 -5.00 -21.76
CA VAL D 75 28.62 -4.79 -20.66
C VAL D 75 29.64 -5.96 -20.54
N SER D 76 30.62 -5.78 -19.68
CA SER D 76 31.75 -6.73 -19.57
C SER D 76 31.32 -8.14 -19.20
N TYR D 77 30.30 -8.23 -18.38
CA TYR D 77 29.78 -9.48 -17.91
C TYR D 77 29.28 -10.37 -19.06
N MET D 78 28.74 -9.70 -20.09
CA MET D 78 28.18 -10.43 -21.21
C MET D 78 29.25 -11.21 -21.95
N VAL D 79 30.48 -10.72 -21.90
CA VAL D 79 31.59 -11.44 -22.54
C VAL D 79 31.73 -12.81 -21.86
N MET D 80 31.69 -12.81 -20.54
CA MET D 80 31.72 -14.10 -19.81
C MET D 80 30.49 -14.96 -20.05
N PHE D 81 29.32 -14.34 -20.09
CA PHE D 81 28.11 -15.08 -20.42
C PHE D 81 28.19 -15.83 -21.78
N LEU D 82 28.59 -15.12 -22.80
CA LEU D 82 28.67 -15.69 -24.10
C LEU D 82 29.70 -16.83 -24.14
N HIS D 83 30.87 -16.59 -23.58
CA HIS D 83 31.96 -17.59 -23.82
C HIS D 83 31.96 -18.72 -22.79
N HIS D 84 31.68 -18.41 -21.53
CA HIS D 84 31.65 -19.43 -20.53
C HIS D 84 30.31 -20.11 -20.43
N TYR D 85 29.25 -19.35 -20.16
CA TYR D 85 28.00 -19.94 -19.89
C TYR D 85 27.45 -20.62 -21.12
N LEU D 86 27.54 -19.97 -22.31
CA LEU D 86 27.00 -20.58 -23.56
C LEU D 86 28.04 -21.38 -24.38
N GLY D 87 29.29 -21.30 -23.95
CA GLY D 87 30.37 -22.04 -24.55
C GLY D 87 30.65 -21.61 -25.96
N ILE D 88 30.44 -20.34 -26.30
CA ILE D 88 30.69 -19.87 -27.64
C ILE D 88 32.20 -19.68 -27.83
N ASP D 89 32.72 -20.35 -28.84
CA ASP D 89 34.13 -20.25 -29.19
C ASP D 89 34.43 -18.81 -29.63
N PRO D 90 35.39 -18.21 -28.99
CA PRO D 90 35.68 -16.81 -29.36
C PRO D 90 36.20 -16.60 -30.75
N ALA D 91 37.02 -17.52 -31.28
CA ALA D 91 37.56 -17.34 -32.63
C ALA D 91 36.42 -17.39 -33.64
N GLU D 92 35.55 -18.34 -33.48
CA GLU D 92 34.40 -18.42 -34.35
C GLU D 92 33.49 -17.18 -34.22
N PHE D 93 33.25 -16.74 -33.00
CA PHE D 93 32.43 -15.56 -32.71
C PHE D 93 33.02 -14.32 -33.38
N TYR D 94 34.33 -14.16 -33.30
CA TYR D 94 34.97 -13.00 -33.93
C TYR D 94 34.84 -13.01 -35.44
N GLN D 95 34.95 -14.20 -35.99
CA GLN D 95 34.82 -14.37 -37.45
C GLN D 95 33.42 -14.10 -37.98
N HIS D 96 32.40 -14.62 -37.32
CA HIS D 96 31.03 -14.47 -37.82
C HIS D 96 30.40 -13.16 -37.40
N VAL D 97 30.64 -12.74 -36.17
CA VAL D 97 30.01 -11.48 -35.68
C VAL D 97 30.83 -10.23 -35.94
N ARG D 98 32.17 -10.37 -35.95
CA ARG D 98 33.07 -9.24 -36.16
C ARG D 98 32.80 -8.03 -35.20
N PRO D 99 32.86 -8.30 -33.90
CA PRO D 99 32.59 -7.31 -32.87
C PRO D 99 33.64 -6.22 -32.82
N THR D 100 33.26 -5.11 -32.23
CA THR D 100 34.25 -4.13 -31.77
C THR D 100 34.21 -4.10 -30.25
N TRP D 101 35.07 -3.27 -29.69
CA TRP D 101 35.39 -3.25 -28.24
C TRP D 101 34.85 -1.99 -27.62
N LYS D 102 34.21 -2.18 -26.47
CA LYS D 102 33.70 -1.10 -25.71
C LYS D 102 34.46 -1.02 -24.40
N LEU D 103 35.23 0.04 -24.23
CA LEU D 103 35.95 0.29 -22.98
C LEU D 103 35.11 1.03 -21.93
N GLY D 104 34.00 1.59 -22.38
CA GLY D 104 33.04 2.28 -21.56
C GLY D 104 32.18 3.17 -22.44
N ILE D 105 31.60 4.17 -21.84
CA ILE D 105 30.83 5.24 -22.54
C ILE D 105 31.47 6.59 -22.46
N ARG D 106 31.49 7.27 -23.57
CA ARG D 106 31.89 8.64 -23.57
C ARG D 106 30.64 9.48 -23.53
N PHE D 107 30.52 10.29 -22.50
CA PHE D 107 29.30 11.09 -22.24
C PHE D 107 29.49 12.53 -22.64
N GLU D 108 28.85 12.94 -23.74
CA GLU D 108 28.80 14.38 -24.11
C GLU D 108 27.52 14.87 -23.43
N TRP D 109 27.68 15.27 -22.20
CA TRP D 109 26.59 15.20 -21.21
C TRP D 109 27.08 16.04 -20.06
N GLY D 110 26.16 16.73 -19.40
CA GLY D 110 26.53 17.62 -18.32
C GLY D 110 27.03 18.94 -18.85
N SER D 111 27.47 19.77 -17.95
CA SER D 111 27.84 21.17 -18.28
C SER D 111 29.33 21.31 -18.57
N ARG D 112 30.14 20.28 -18.34
CA ARG D 112 31.55 20.34 -18.77
C ARG D 112 31.63 20.38 -20.30
N PRO D 113 32.34 21.39 -20.88
CA PRO D 113 32.43 21.37 -22.37
C PRO D 113 33.06 20.09 -22.97
N GLU D 114 34.02 19.49 -22.29
CA GLU D 114 34.61 18.29 -22.86
C GLU D 114 33.83 17.01 -22.52
N GLY D 115 32.74 17.10 -21.77
CA GLY D 115 32.06 15.86 -21.37
C GLY D 115 32.88 15.07 -20.34
N PHE D 116 32.61 13.80 -20.21
CA PHE D 116 33.40 12.91 -19.33
C PHE D 116 33.24 11.52 -19.83
N VAL D 117 34.23 10.69 -19.56
CA VAL D 117 34.20 9.27 -19.87
C VAL D 117 33.94 8.37 -18.65
N ALA D 118 33.24 7.28 -18.92
CA ALA D 118 32.85 6.32 -17.90
C ALA D 118 33.38 4.92 -18.25
N PRO D 119 34.45 4.51 -17.61
CA PRO D 119 35.09 3.25 -17.98
C PRO D 119 34.60 2.01 -17.22
N PHE D 120 34.89 0.85 -17.75
CA PHE D 120 34.55 -0.44 -17.10
C PHE D 120 35.57 -0.88 -16.04
N ASP D 121 36.77 -0.31 -15.99
CA ASP D 121 37.91 -0.93 -15.23
C ASP D 121 38.24 -0.44 -13.80
N TRP D 122 37.23 0.02 -13.08
CA TRP D 122 37.40 0.36 -11.66
C TRP D 122 38.38 -0.41 -10.73
N GLY D 123 38.44 -1.73 -10.78
CA GLY D 123 39.42 -2.38 -9.89
C GLY D 123 40.90 -2.27 -10.30
N THR D 124 41.28 -3.17 -11.18
CA THR D 124 42.67 -3.24 -11.63
C THR D 124 43.15 -2.00 -12.40
N GLY D 125 42.24 -1.25 -13.02
CA GLY D 125 42.62 -0.04 -13.80
C GLY D 125 42.76 1.29 -13.06
N SER D 126 42.41 1.29 -11.77
CA SER D 126 42.22 2.55 -11.02
C SER D 126 43.54 3.34 -10.83
N VAL D 127 43.44 4.66 -11.04
CA VAL D 127 44.52 5.63 -10.81
C VAL D 127 44.02 6.48 -9.66
N GLY D 128 42.81 6.97 -9.81
CA GLY D 128 42.06 7.49 -8.67
C GLY D 128 41.21 8.65 -9.03
N LEU D 129 39.97 8.64 -8.54
CA LEU D 129 38.97 9.64 -8.87
C LEU D 129 39.24 10.99 -8.21
N VAL D 130 39.61 10.93 -6.93
CA VAL D 130 39.93 12.16 -6.16
C VAL D 130 41.13 12.88 -6.73
N GLY D 131 42.19 12.14 -7.09
CA GLY D 131 43.35 12.79 -7.69
C GLY D 131 43.03 13.40 -9.06
N SER D 132 42.16 12.73 -9.84
CA SER D 132 41.79 13.19 -11.16
C SER D 132 41.14 14.52 -11.01
N LEU D 133 40.24 14.61 -10.08
CA LEU D 133 39.54 15.84 -9.86
C LEU D 133 40.48 16.94 -9.34
N ARG D 134 41.44 16.58 -8.51
CA ARG D 134 42.36 17.60 -7.96
C ARG D 134 43.30 18.12 -9.02
N GLU D 135 43.87 17.23 -9.80
CA GLU D 135 44.88 17.62 -10.79
C GLU D 135 44.28 18.16 -12.08
N THR D 136 43.06 17.72 -12.47
CA THR D 136 42.48 18.11 -13.78
C THR D 136 41.16 18.87 -13.77
N GLY D 137 40.44 18.81 -12.67
CA GLY D 137 39.09 19.37 -12.61
C GLY D 137 37.96 18.42 -13.06
N ASN D 138 38.29 17.20 -13.50
CA ASN D 138 37.32 16.25 -14.11
C ASN D 138 37.76 14.83 -13.82
N VAL D 139 36.95 13.87 -14.27
CA VAL D 139 37.10 12.46 -13.95
C VAL D 139 37.86 11.63 -14.99
N ASN D 140 38.37 12.28 -16.04
CA ASN D 140 38.90 11.55 -17.17
C ASN D 140 40.28 10.93 -16.93
N GLU D 141 40.83 11.07 -15.72
CA GLU D 141 42.12 10.45 -15.41
C GLU D 141 42.01 9.52 -14.27
N ALA D 142 40.76 9.11 -14.01
CA ALA D 142 40.43 8.34 -12.86
C ALA D 142 40.92 6.91 -12.99
N THR D 143 41.01 6.38 -14.20
CA THR D 143 41.48 5.00 -14.46
C THR D 143 42.30 4.98 -15.76
N LEU D 144 42.99 3.88 -16.00
CA LEU D 144 43.73 3.63 -17.25
C LEU D 144 42.75 3.62 -18.46
N GLN D 145 41.60 2.96 -18.31
CA GLN D 145 40.61 2.94 -19.38
C GLN D 145 40.09 4.30 -19.71
N ALA D 146 39.91 5.17 -18.72
CA ALA D 146 39.47 6.54 -19.06
C ALA D 146 40.48 7.24 -19.95
N MET D 147 41.74 7.02 -19.68
CA MET D 147 42.82 7.61 -20.51
C MET D 147 42.94 6.94 -21.88
N LEU D 148 42.82 5.61 -21.97
CA LEU D 148 42.75 4.99 -23.30
C LEU D 148 41.58 5.56 -24.16
N MET D 149 40.42 5.78 -23.52
CA MET D 149 39.27 6.32 -24.20
C MET D 149 39.56 7.73 -24.72
N THR D 150 40.14 8.63 -23.90
CA THR D 150 40.38 9.99 -24.38
C THR D 150 41.49 10.01 -25.48
N GLU D 151 42.35 9.00 -25.49
CA GLU D 151 43.39 8.82 -26.55
C GLU D 151 42.85 8.14 -27.80
N ASP D 152 41.66 7.51 -27.74
CA ASP D 152 41.18 6.60 -28.81
C ASP D 152 42.17 5.47 -29.13
N ARG D 153 42.63 4.83 -28.09
CA ARG D 153 43.48 3.71 -28.21
C ARG D 153 43.01 2.61 -27.30
N VAL D 154 43.69 1.48 -27.41
CA VAL D 154 43.28 0.24 -26.81
C VAL D 154 44.53 -0.41 -26.15
N PRO D 155 44.38 -1.17 -25.04
CA PRO D 155 45.57 -1.65 -24.34
C PRO D 155 46.17 -2.94 -24.92
N VAL D 156 46.58 -2.84 -26.17
CA VAL D 156 47.24 -3.90 -26.84
C VAL D 156 48.50 -3.22 -27.49
N TYR D 157 49.64 -3.94 -27.48
CA TYR D 157 50.96 -3.42 -27.91
C TYR D 157 51.67 -4.44 -28.79
N ARG D 158 52.38 -3.92 -29.78
CA ARG D 158 53.37 -4.69 -30.53
C ARG D 158 54.52 -4.90 -29.57
N GLY D 159 54.64 -6.12 -29.06
CA GLY D 159 55.76 -6.53 -28.24
C GLY D 159 56.41 -7.68 -28.97
N GLU D 160 57.68 -7.49 -29.36
CA GLU D 160 58.36 -8.42 -30.27
C GLU D 160 58.16 -9.87 -29.89
N GLY D 161 57.91 -10.68 -30.91
CA GLY D 161 57.17 -11.93 -30.76
C GLY D 161 55.69 -11.71 -30.97
N GLY D 162 55.36 -10.63 -31.69
CA GLY D 162 53.97 -10.32 -32.01
C GLY D 162 53.38 -9.22 -31.14
N HIS D 163 52.46 -9.61 -30.24
CA HIS D 163 51.62 -8.68 -29.47
C HIS D 163 51.50 -9.08 -28.00
N VAL D 164 51.47 -8.09 -27.10
CA VAL D 164 51.06 -8.25 -25.69
C VAL D 164 49.75 -7.47 -25.43
N SER D 165 48.81 -8.08 -24.71
CA SER D 165 47.50 -7.51 -24.56
C SER D 165 47.21 -7.46 -23.12
N LEU D 166 46.82 -6.28 -22.66
CA LEU D 166 46.30 -6.05 -21.32
C LEU D 166 44.80 -6.20 -21.17
N MET D 167 44.12 -6.70 -22.19
CA MET D 167 42.68 -6.77 -22.15
C MET D 167 42.23 -7.72 -21.04
N LYS D 168 43.11 -8.66 -20.68
CA LYS D 168 42.76 -9.63 -19.69
C LYS D 168 42.80 -9.09 -18.33
N TYR D 169 43.33 -7.89 -18.15
CA TYR D 169 43.28 -7.28 -16.80
C TYR D 169 42.32 -6.13 -16.66
N LEU D 170 41.71 -5.72 -17.77
CA LEU D 170 40.88 -4.51 -17.83
C LEU D 170 39.50 -4.89 -18.47
N PRO D 171 38.48 -5.05 -17.64
CA PRO D 171 37.18 -5.48 -18.13
C PRO D 171 36.70 -4.58 -19.27
N PHE D 172 36.18 -5.20 -20.30
CA PHE D 172 35.65 -4.52 -21.44
C PHE D 172 34.44 -5.31 -21.99
N ALA D 173 33.76 -4.68 -22.93
CA ALA D 173 32.57 -5.28 -23.57
C ALA D 173 32.62 -5.26 -25.07
N TYR D 174 31.63 -5.91 -25.69
CA TYR D 174 31.43 -5.85 -27.14
C TYR D 174 30.41 -4.87 -27.64
N HIS D 175 30.71 -4.31 -28.80
CA HIS D 175 29.68 -3.81 -29.71
C HIS D 175 29.52 -4.86 -30.83
N MET D 176 28.27 -5.23 -31.08
CA MET D 176 27.92 -6.28 -32.10
C MET D 176 26.84 -5.89 -33.07
N ASP D 177 27.18 -5.92 -34.34
CA ASP D 177 26.17 -5.80 -35.43
C ASP D 177 25.01 -6.76 -35.19
N ASN D 178 23.85 -6.20 -35.01
CA ASN D 178 22.75 -7.03 -34.65
C ASN D 178 22.38 -8.13 -35.65
N ALA D 179 22.32 -7.79 -36.93
CA ALA D 179 22.02 -8.81 -37.97
C ALA D 179 23.06 -9.94 -37.97
N ARG D 180 24.34 -9.60 -37.80
CA ARG D 180 25.31 -10.70 -37.74
C ARG D 180 25.16 -11.52 -36.48
N LEU D 181 24.81 -10.88 -35.36
CA LEU D 181 24.76 -11.60 -34.11
C LEU D 181 23.60 -12.57 -34.20
N VAL D 182 22.48 -12.06 -34.60
CA VAL D 182 21.30 -12.88 -34.67
C VAL D 182 21.47 -14.07 -35.62
N ARG D 183 22.09 -13.82 -36.76
CA ARG D 183 22.38 -14.89 -37.71
C ARG D 183 23.31 -15.92 -37.08
N TYR D 184 24.36 -15.48 -36.40
CA TYR D 184 25.32 -16.40 -35.73
C TYR D 184 24.63 -17.22 -34.65
N LEU D 185 23.80 -16.56 -33.83
CA LEU D 185 23.12 -17.29 -32.78
C LEU D 185 22.09 -18.31 -33.30
N THR D 186 21.49 -17.98 -34.41
CA THR D 186 20.52 -18.84 -35.08
C THR D 186 21.25 -20.09 -35.61
N GLU D 187 22.39 -19.88 -36.25
CA GLU D 187 23.15 -21.02 -36.76
C GLU D 187 23.72 -21.89 -35.64
N LEU D 188 24.11 -21.26 -34.52
CA LEU D 188 24.64 -22.00 -33.44
C LEU D 188 23.52 -22.83 -32.80
N ALA D 189 22.30 -22.29 -32.60
CA ALA D 189 21.22 -23.03 -32.02
C ALA D 189 20.84 -24.28 -32.91
N ALA D 190 20.76 -24.10 -34.22
CA ALA D 190 20.56 -25.25 -35.11
C ALA D 190 21.65 -26.33 -34.87
N ARG D 191 22.90 -25.94 -34.79
CA ARG D 191 24.00 -26.91 -34.59
C ARG D 191 23.93 -27.60 -33.28
N ARG D 192 23.46 -26.90 -32.25
CA ARG D 192 23.36 -27.44 -30.88
C ARG D 192 22.11 -28.26 -30.67
N GLY D 193 21.27 -28.41 -31.68
CA GLY D 193 20.17 -29.26 -31.54
C GLY D 193 18.89 -28.60 -31.07
N VAL D 194 18.80 -27.28 -31.09
CA VAL D 194 17.49 -26.59 -30.84
C VAL D 194 16.66 -26.84 -32.07
N ARG D 195 15.42 -27.27 -31.89
CA ARG D 195 14.52 -27.45 -33.03
C ARG D 195 13.79 -26.15 -33.39
N HIS D 196 13.69 -25.84 -34.66
CA HIS D 196 13.19 -24.59 -35.13
C HIS D 196 11.84 -24.77 -35.69
N VAL D 197 10.86 -23.93 -35.30
CA VAL D 197 9.46 -24.03 -35.73
C VAL D 197 9.05 -22.65 -36.32
N ASP D 198 8.62 -22.61 -37.58
CA ASP D 198 8.17 -21.39 -38.22
C ASP D 198 6.70 -21.33 -38.00
N ALA D 199 6.26 -20.32 -37.29
CA ALA D 199 4.85 -20.24 -36.98
C ALA D 199 4.52 -18.93 -36.37
N THR D 200 3.33 -18.45 -36.62
CA THR D 200 2.85 -17.29 -35.99
C THR D 200 1.79 -17.72 -35.02
N VAL D 201 1.97 -17.44 -33.74
CA VAL D 201 0.95 -17.81 -32.74
C VAL D 201 -0.21 -16.89 -32.87
N ALA D 202 -1.41 -17.46 -33.11
CA ALA D 202 -2.71 -16.71 -33.11
C ALA D 202 -3.42 -16.59 -31.78
N GLU D 203 -3.25 -17.63 -30.94
CA GLU D 203 -3.97 -17.69 -29.69
C GLU D 203 -3.19 -18.51 -28.69
N VAL D 204 -3.06 -17.98 -27.49
CA VAL D 204 -2.51 -18.70 -26.35
C VAL D 204 -3.68 -19.24 -25.53
N ARG D 205 -3.80 -20.54 -25.50
CA ARG D 205 -4.95 -21.13 -24.82
C ARG D 205 -4.51 -21.54 -23.41
N LEU D 206 -5.25 -21.10 -22.41
CA LEU D 206 -5.06 -21.49 -21.02
C LEU D 206 -5.86 -22.78 -20.76
N ASP D 207 -5.42 -23.59 -19.81
CA ASP D 207 -6.22 -24.76 -19.36
C ASP D 207 -6.36 -24.88 -17.82
N GLY D 208 -5.77 -23.96 -17.08
CA GLY D 208 -6.16 -23.72 -15.75
C GLY D 208 -5.80 -22.30 -15.50
N PRO D 209 -6.12 -21.78 -14.32
CA PRO D 209 -5.51 -20.48 -14.16
C PRO D 209 -3.99 -20.75 -14.01
N ASP D 210 -3.22 -19.75 -14.39
CA ASP D 210 -1.75 -19.75 -14.26
C ASP D 210 -1.07 -20.78 -15.10
N HIS D 211 -1.78 -21.41 -16.05
CA HIS D 211 -1.21 -22.49 -16.83
C HIS D 211 -1.62 -22.37 -18.32
N VAL D 212 -0.64 -22.25 -19.21
CA VAL D 212 -0.83 -22.33 -20.65
C VAL D 212 -1.02 -23.79 -21.06
N GLY D 213 -2.15 -24.08 -21.72
CA GLY D 213 -2.45 -25.40 -22.22
C GLY D 213 -1.93 -25.68 -23.61
N GLY D 214 -1.86 -24.62 -24.42
CA GLY D 214 -1.28 -24.75 -25.76
C GLY D 214 -1.36 -23.45 -26.54
N LEU D 215 -0.75 -23.50 -27.71
CA LEU D 215 -0.64 -22.39 -28.68
C LEU D 215 -1.34 -22.82 -29.98
N ILE D 216 -2.22 -21.98 -30.54
CA ILE D 216 -2.82 -22.24 -31.85
C ILE D 216 -2.15 -21.24 -32.81
N THR D 217 -1.56 -21.76 -33.86
CA THR D 217 -0.91 -20.95 -34.89
C THR D 217 -1.95 -20.39 -35.89
N THR D 218 -1.53 -19.42 -36.69
CA THR D 218 -2.45 -18.80 -37.68
C THR D 218 -2.93 -19.78 -38.74
N ASP D 219 -2.15 -20.83 -38.99
CA ASP D 219 -2.53 -21.88 -39.91
C ASP D 219 -3.04 -23.11 -39.16
N GLY D 220 -3.49 -22.93 -37.94
CA GLY D 220 -4.23 -23.96 -37.27
C GLY D 220 -3.51 -25.08 -36.56
N ARG D 221 -2.17 -25.13 -36.59
CA ARG D 221 -1.46 -26.05 -35.73
C ARG D 221 -1.69 -25.76 -34.27
N ARG D 222 -1.62 -26.84 -33.50
CA ARG D 222 -1.69 -26.84 -32.07
C ARG D 222 -0.26 -27.15 -31.60
N LEU D 223 0.41 -26.23 -30.88
CA LEU D 223 1.72 -26.53 -30.31
C LEU D 223 1.55 -26.61 -28.78
N HIS D 224 2.28 -27.55 -28.17
CA HIS D 224 2.20 -27.87 -26.75
C HIS D 224 3.62 -28.19 -26.22
N TYR D 225 4.02 -27.55 -25.11
CA TYR D 225 5.29 -27.79 -24.44
C TYR D 225 5.03 -27.90 -22.94
N ASP D 226 5.94 -28.57 -22.22
CA ASP D 226 5.83 -28.65 -20.78
C ASP D 226 6.11 -27.27 -20.13
N PHE D 227 6.92 -26.43 -20.75
CA PHE D 227 7.19 -25.09 -20.19
C PHE D 227 7.38 -24.09 -21.39
N TYR D 228 6.91 -22.86 -21.23
CA TYR D 228 6.94 -21.80 -22.29
C TYR D 228 7.81 -20.62 -21.82
N VAL D 229 8.73 -20.18 -22.66
CA VAL D 229 9.42 -18.96 -22.43
C VAL D 229 8.88 -17.89 -23.37
N ASP D 230 8.38 -16.79 -22.82
CA ASP D 230 7.80 -15.71 -23.63
C ASP D 230 8.90 -14.78 -24.02
N CYS D 231 9.39 -14.97 -25.24
CA CYS D 231 10.38 -14.08 -25.87
C CYS D 231 9.75 -13.31 -27.07
N THR D 232 8.48 -12.92 -26.92
CA THR D 232 7.70 -12.25 -27.99
C THR D 232 7.93 -10.75 -28.18
N GLY D 233 8.90 -10.20 -27.44
CA GLY D 233 9.16 -8.76 -27.41
C GLY D 233 8.09 -7.97 -26.69
N PHE D 234 7.96 -6.69 -27.02
CA PHE D 234 7.11 -5.80 -26.22
C PHE D 234 5.64 -6.27 -26.14
N ARG D 235 5.15 -6.88 -27.18
CA ARG D 235 3.81 -7.49 -27.24
C ARG D 235 3.44 -8.37 -26.03
N SER D 236 4.45 -9.09 -25.53
CA SER D 236 4.31 -9.88 -24.27
C SER D 236 3.08 -10.77 -24.39
N LEU D 237 3.07 -11.61 -25.40
CA LEU D 237 1.82 -12.33 -25.75
C LEU D 237 1.37 -13.35 -24.71
N LEU D 238 2.35 -14.06 -24.11
CA LEU D 238 2.01 -15.07 -23.07
C LEU D 238 1.86 -14.47 -21.70
N LEU D 239 2.83 -13.66 -21.29
CA LEU D 239 2.90 -13.12 -19.95
C LEU D 239 1.83 -12.00 -19.73
N GLU D 240 1.88 -10.92 -20.52
CA GLU D 240 0.89 -9.88 -20.26
C GLU D 240 -0.46 -10.23 -20.84
N LYS D 241 -0.50 -10.60 -22.11
CA LYS D 241 -1.83 -10.76 -22.79
C LYS D 241 -2.63 -12.00 -22.32
N ALA D 242 -2.02 -13.16 -22.37
CA ALA D 242 -2.70 -14.40 -22.05
C ALA D 242 -2.90 -14.60 -20.53
N LEU D 243 -1.89 -14.27 -19.74
CA LEU D 243 -1.94 -14.46 -18.28
C LEU D 243 -2.35 -13.24 -17.54
N GLY D 244 -2.41 -12.07 -18.20
CA GLY D 244 -2.88 -10.87 -17.55
C GLY D 244 -1.91 -10.23 -16.57
N ILE D 245 -0.60 -10.44 -16.65
CA ILE D 245 0.30 -9.85 -15.69
C ILE D 245 0.44 -8.35 -16.05
N PRO D 246 0.19 -7.43 -15.10
CA PRO D 246 0.11 -6.03 -15.48
C PRO D 246 1.48 -5.38 -15.62
N PHE D 247 1.49 -4.23 -16.28
CA PHE D 247 2.70 -3.45 -16.56
C PHE D 247 2.83 -2.31 -15.56
N GLU D 248 4.07 -2.07 -15.09
CA GLU D 248 4.40 -0.98 -14.16
C GLU D 248 5.41 -0.06 -14.85
N SER D 249 4.93 1.10 -15.22
CA SER D 249 5.63 2.07 -16.00
C SER D 249 6.76 2.72 -15.18
N TYR D 250 7.91 2.97 -15.82
CA TYR D 250 8.92 3.84 -15.32
C TYR D 250 8.87 5.31 -15.84
N ALA D 251 7.73 5.69 -16.38
CA ALA D 251 7.50 7.00 -17.01
C ALA D 251 7.69 8.23 -16.11
N SER D 252 7.59 8.12 -14.80
CA SER D 252 7.83 9.27 -13.95
C SER D 252 9.35 9.59 -13.96
N SER D 253 10.19 8.60 -14.30
CA SER D 253 11.63 8.78 -14.42
C SER D 253 12.25 8.80 -15.82
N LEU D 254 11.65 8.09 -16.77
CA LEU D 254 12.25 7.81 -18.08
C LEU D 254 11.15 8.14 -19.06
N PHE D 255 11.32 9.28 -19.70
CA PHE D 255 10.26 9.94 -20.49
C PHE D 255 10.41 9.68 -21.99
N THR D 256 11.51 9.08 -22.44
CA THR D 256 11.68 8.89 -23.87
C THR D 256 10.92 7.65 -24.31
N ASP D 257 10.49 7.65 -25.57
CA ASP D 257 9.68 6.54 -26.09
C ASP D 257 9.90 6.15 -27.56
N ALA D 258 10.92 6.69 -28.26
CA ALA D 258 11.12 6.32 -29.64
C ALA D 258 12.56 6.56 -29.97
N ALA D 259 13.04 5.93 -31.00
CA ALA D 259 14.36 6.19 -31.52
C ALA D 259 14.29 6.20 -33.07
N VAL D 260 15.08 7.10 -33.67
CA VAL D 260 15.36 7.12 -35.08
C VAL D 260 16.78 6.65 -35.23
N THR D 261 16.98 5.57 -35.99
CA THR D 261 18.30 5.02 -36.22
C THR D 261 18.88 5.31 -37.60
N GLY D 262 20.18 5.16 -37.68
CA GLY D 262 20.84 5.29 -38.98
C GLY D 262 22.29 4.92 -38.85
N THR D 263 23.03 5.23 -39.89
CA THR D 263 24.42 4.80 -39.99
C THR D 263 25.27 6.02 -40.48
N LEU D 264 26.51 6.13 -40.02
CA LEU D 264 27.37 7.22 -40.36
C LEU D 264 28.82 6.71 -40.65
N ALA D 265 29.38 7.07 -41.79
CA ALA D 265 30.77 6.70 -42.11
C ALA D 265 31.74 7.10 -41.03
N HIS D 266 32.73 6.25 -40.74
CA HIS D 266 33.77 6.63 -39.81
C HIS D 266 35.18 6.56 -40.40
N GLY D 267 35.30 6.32 -41.68
CA GLY D 267 36.66 6.35 -42.27
C GLY D 267 37.58 5.20 -41.86
N GLY D 268 37.00 4.14 -41.31
CA GLY D 268 37.69 3.09 -40.60
C GLY D 268 38.28 3.36 -39.24
N HIS D 269 38.10 4.55 -38.69
CA HIS D 269 38.59 4.91 -37.35
C HIS D 269 37.53 4.41 -36.38
N LEU D 270 37.89 3.44 -35.55
CA LEU D 270 36.94 2.72 -34.68
C LEU D 270 37.14 3.21 -33.23
N LYS D 271 36.26 4.10 -32.75
CA LYS D 271 36.22 4.54 -31.34
C LYS D 271 35.97 3.35 -30.40
N PRO D 272 36.84 3.18 -29.38
CA PRO D 272 36.76 2.04 -28.46
C PRO D 272 35.77 2.28 -27.31
N TYR D 273 34.58 2.76 -27.64
CA TYR D 273 33.55 3.07 -26.67
C TYR D 273 32.28 3.41 -27.41
N THR D 274 31.18 3.40 -26.65
CA THR D 274 29.91 3.96 -27.08
C THR D 274 29.87 5.45 -26.74
N THR D 275 29.31 6.28 -27.63
CA THR D 275 29.08 7.72 -27.35
C THR D 275 27.61 7.95 -27.03
N ALA D 276 27.39 8.74 -26.00
CA ALA D 276 26.01 9.20 -25.63
C ALA D 276 26.02 10.72 -25.70
N THR D 277 25.38 11.26 -26.73
CA THR D 277 25.37 12.67 -27.06
C THR D 277 24.03 13.30 -26.70
N THR D 278 24.08 14.34 -25.87
CA THR D 278 22.85 15.11 -25.51
C THR D 278 22.26 15.80 -26.78
N MET D 279 20.96 15.64 -26.96
CA MET D 279 20.19 16.18 -28.05
C MET D 279 19.06 17.06 -27.49
N ASN D 280 18.36 17.75 -28.37
CA ASN D 280 17.37 18.69 -27.96
C ASN D 280 16.24 17.99 -27.21
N ALA D 281 15.83 16.80 -27.65
CA ALA D 281 14.72 16.12 -26.96
C ALA D 281 15.07 14.67 -26.49
N GLY D 282 16.31 14.44 -26.15
CA GLY D 282 16.81 13.13 -25.69
C GLY D 282 18.29 13.06 -25.91
N TRP D 283 18.76 11.97 -26.49
CA TRP D 283 20.18 11.76 -26.64
C TRP D 283 20.38 10.79 -27.76
N CYS D 284 21.61 10.72 -28.26
CA CYS D 284 21.96 9.95 -29.47
C CYS D 284 23.15 9.08 -29.16
N TRP D 285 22.98 7.76 -29.38
CA TRP D 285 24.09 6.83 -29.29
C TRP D 285 24.92 6.81 -30.56
N THR D 286 26.20 6.55 -30.38
CA THR D 286 27.12 6.16 -31.45
C THR D 286 27.81 4.85 -31.03
N ILE D 287 27.59 3.79 -31.80
CA ILE D 287 28.08 2.43 -31.54
C ILE D 287 28.87 2.01 -32.78
N PRO D 288 30.19 1.97 -32.67
CA PRO D 288 31.01 1.59 -33.88
C PRO D 288 30.90 0.12 -34.26
N THR D 289 30.72 -0.17 -35.55
CA THR D 289 30.92 -1.49 -36.12
C THR D 289 32.08 -1.37 -37.15
N PRO D 290 32.58 -2.51 -37.66
CA PRO D 290 33.72 -2.31 -38.59
C PRO D 290 33.30 -1.57 -39.84
N GLU D 291 32.02 -1.67 -40.25
CA GLU D 291 31.57 -1.02 -41.51
C GLU D 291 31.31 0.50 -41.36
N SER D 292 30.80 0.92 -40.20
CA SER D 292 30.22 2.25 -40.03
C SER D 292 29.88 2.45 -38.52
N ASP D 293 29.55 3.68 -38.16
CA ASP D 293 29.03 3.96 -36.83
C ASP D 293 27.53 3.81 -36.97
N HIS D 294 26.95 3.14 -36.00
CA HIS D 294 25.48 2.98 -35.87
C HIS D 294 24.97 3.97 -34.82
N LEU D 295 24.04 4.83 -35.23
CA LEU D 295 23.53 5.90 -34.42
C LEU D 295 22.06 5.66 -34.06
N GLY D 296 21.65 6.13 -32.91
CA GLY D 296 20.25 6.22 -32.52
C GLY D 296 19.89 7.42 -31.68
N TYR D 297 18.92 8.22 -32.17
CA TYR D 297 18.43 9.33 -31.47
C TYR D 297 17.20 8.87 -30.72
N VAL D 298 17.39 8.70 -29.42
CA VAL D 298 16.32 8.41 -28.45
C VAL D 298 15.67 9.71 -28.02
N PHE D 299 14.34 9.81 -28.13
CA PHE D 299 13.66 11.02 -27.88
C PHE D 299 12.30 10.82 -27.28
N SER D 300 11.78 11.86 -26.65
CA SER D 300 10.36 11.89 -26.29
C SER D 300 9.47 12.36 -27.44
N SER D 301 8.51 11.52 -27.85
CA SER D 301 7.54 11.82 -28.92
C SER D 301 6.67 13.01 -28.57
N ALA D 302 6.50 13.27 -27.28
CA ALA D 302 5.69 14.38 -26.78
C ALA D 302 6.42 15.69 -26.97
N ALA D 303 7.74 15.63 -27.11
CA ALA D 303 8.55 16.82 -27.28
C ALA D 303 8.99 17.10 -28.72
N ILE D 304 9.07 16.10 -29.60
CA ILE D 304 9.48 16.31 -30.96
C ILE D 304 8.85 15.22 -31.83
N ASP D 305 8.44 15.63 -33.04
CA ASP D 305 7.86 14.77 -34.09
C ASP D 305 9.00 13.89 -34.60
N PRO D 306 8.71 12.66 -34.98
CA PRO D 306 9.77 11.83 -35.56
C PRO D 306 10.53 12.39 -36.73
N ASP D 307 9.87 13.09 -37.67
CA ASP D 307 10.63 13.64 -38.82
C ASP D 307 11.54 14.79 -38.39
N ASP D 308 11.09 15.56 -37.42
CA ASP D 308 11.88 16.63 -36.82
C ASP D 308 13.08 16.05 -36.07
N ALA D 309 12.88 14.92 -35.37
CA ALA D 309 14.01 14.29 -34.72
C ALA D 309 15.02 13.84 -35.78
N ALA D 310 14.55 13.26 -36.89
CA ALA D 310 15.46 12.86 -37.95
C ALA D 310 16.25 14.03 -38.54
N ALA D 311 15.61 15.18 -38.69
CA ALA D 311 16.27 16.38 -39.26
C ALA D 311 17.34 16.89 -38.31
N GLU D 312 17.04 16.82 -37.01
CA GLU D 312 18.04 17.16 -35.98
C GLU D 312 19.26 16.27 -36.04
N MET D 313 18.96 14.99 -36.15
CA MET D 313 20.04 14.00 -36.23
C MET D 313 20.94 14.31 -37.42
N ALA D 314 20.34 14.61 -38.57
CA ALA D 314 21.12 15.01 -39.74
C ALA D 314 21.83 16.33 -39.55
N ARG D 315 21.26 17.31 -38.85
CA ARG D 315 22.04 18.51 -38.50
C ARG D 315 23.27 18.22 -37.68
N ARG D 316 23.11 17.39 -36.65
CA ARG D 316 24.15 17.16 -35.67
C ARG D 316 25.20 16.17 -36.19
N PHE D 317 24.83 15.24 -37.07
CA PHE D 317 25.70 14.23 -37.61
C PHE D 317 25.62 14.24 -39.16
N PRO D 318 26.14 15.30 -39.79
CA PRO D 318 25.92 15.39 -41.24
C PRO D 318 26.40 14.14 -41.99
N GLY D 319 25.62 13.66 -42.94
CA GLY D 319 25.92 12.43 -43.65
C GLY D 319 25.24 11.18 -43.13
N VAL D 320 24.60 11.25 -41.94
CA VAL D 320 23.87 10.08 -41.38
C VAL D 320 22.73 9.62 -42.27
N THR D 321 22.48 8.31 -42.38
CA THR D 321 21.34 7.83 -43.11
C THR D 321 20.17 7.75 -42.14
N ARG D 322 18.99 7.47 -42.67
CA ARG D 322 17.78 7.30 -41.87
C ARG D 322 17.40 5.92 -42.13
N GLU D 323 17.40 5.07 -41.12
CA GLU D 323 17.13 3.67 -41.38
C GLU D 323 15.75 3.22 -40.82
N ALA D 324 15.46 3.53 -39.55
CA ALA D 324 14.24 3.04 -38.92
C ALA D 324 13.72 3.97 -37.82
N LEU D 325 12.42 3.86 -37.54
CA LEU D 325 11.82 4.46 -36.35
C LEU D 325 11.42 3.29 -35.43
N VAL D 326 11.88 3.25 -34.19
CA VAL D 326 11.57 2.11 -33.25
C VAL D 326 10.85 2.70 -32.07
N ARG D 327 9.77 2.08 -31.57
CA ARG D 327 9.03 2.64 -30.46
C ARG D 327 9.19 1.73 -29.24
N PHE D 328 9.17 2.30 -28.05
CA PHE D 328 9.34 1.47 -26.85
C PHE D 328 8.67 2.11 -25.66
N ARG D 329 8.61 1.35 -24.57
CA ARG D 329 8.11 1.95 -23.37
C ARG D 329 8.95 1.40 -22.21
N SER D 330 9.24 2.26 -21.22
CA SER D 330 10.17 1.98 -20.14
C SER D 330 9.38 1.46 -18.98
N GLY D 331 9.74 0.28 -18.46
CA GLY D 331 8.95 -0.22 -17.34
C GLY D 331 9.17 -1.70 -17.24
N ARG D 332 8.59 -2.32 -16.23
CA ARG D 332 8.59 -3.79 -16.15
C ARG D 332 7.20 -4.30 -15.86
N HIS D 333 6.99 -5.59 -16.09
CA HIS D 333 5.81 -6.26 -15.55
C HIS D 333 6.01 -6.61 -14.11
N ARG D 334 4.89 -6.85 -13.43
CA ARG D 334 4.86 -7.14 -12.03
C ARG D 334 5.62 -8.42 -11.76
N GLU D 335 5.48 -9.38 -12.66
CA GLU D 335 6.10 -10.68 -12.52
C GLU D 335 6.68 -11.06 -13.85
N ALA D 336 7.77 -11.84 -13.79
CA ALA D 336 8.38 -12.46 -14.93
C ALA D 336 7.95 -13.90 -15.14
N TRP D 337 7.64 -14.59 -14.02
CA TRP D 337 7.40 -16.00 -14.03
C TRP D 337 6.05 -16.25 -13.35
N ARG D 338 5.13 -16.85 -14.09
CA ARG D 338 3.84 -17.27 -13.55
C ARG D 338 3.52 -18.65 -14.11
N GLY D 339 3.27 -19.59 -13.22
CA GLY D 339 3.08 -21.00 -13.61
C GLY D 339 4.09 -21.60 -14.56
N ASN D 340 3.63 -22.06 -15.74
CA ASN D 340 4.52 -22.67 -16.72
C ASN D 340 5.02 -21.68 -17.81
N VAL D 341 4.99 -20.39 -17.49
CA VAL D 341 5.57 -19.35 -18.39
C VAL D 341 6.56 -18.46 -17.68
N MET D 342 7.72 -18.22 -18.25
CA MET D 342 8.62 -17.14 -17.83
C MET D 342 8.94 -16.28 -19.05
N ALA D 343 8.95 -14.96 -18.84
CA ALA D 343 9.32 -14.01 -19.90
C ALA D 343 10.78 -13.59 -19.81
N VAL D 344 11.41 -13.54 -20.96
CA VAL D 344 12.79 -13.12 -21.11
C VAL D 344 12.82 -12.04 -22.20
N GLY D 345 13.46 -10.91 -21.89
CA GLY D 345 13.65 -9.80 -22.81
C GLY D 345 12.58 -8.75 -22.73
N ASN D 346 12.27 -8.10 -23.89
CA ASN D 346 11.35 -7.04 -23.93
C ASN D 346 9.92 -7.44 -23.53
N SER D 347 9.55 -8.70 -23.65
CA SER D 347 8.32 -9.19 -23.09
C SER D 347 8.16 -8.95 -21.58
N TYR D 348 9.29 -8.87 -20.87
CA TYR D 348 9.23 -8.61 -19.43
C TYR D 348 9.44 -7.19 -19.07
N ALA D 349 10.54 -6.59 -19.58
CA ALA D 349 10.87 -5.27 -19.18
C ALA D 349 11.77 -4.62 -20.23
N PHE D 350 11.92 -3.31 -20.10
CA PHE D 350 12.86 -2.53 -20.93
C PHE D 350 13.10 -1.18 -20.29
N VAL D 351 14.32 -0.72 -20.45
CA VAL D 351 14.68 0.70 -20.24
C VAL D 351 15.56 1.10 -21.49
N GLU D 352 15.62 2.40 -21.72
CA GLU D 352 16.35 2.97 -22.86
C GLU D 352 17.80 2.55 -22.71
N PRO D 353 18.50 2.51 -23.80
CA PRO D 353 19.81 1.90 -23.78
C PRO D 353 20.95 2.74 -23.33
N LEU D 354 20.69 3.68 -22.46
CA LEU D 354 21.69 4.62 -22.04
C LEU D 354 22.89 3.87 -21.36
N GLU D 355 22.65 2.74 -20.68
CA GLU D 355 23.76 2.00 -20.01
C GLU D 355 23.93 0.54 -20.47
N SER D 356 23.32 0.28 -21.63
CA SER D 356 23.33 -1.01 -22.27
C SER D 356 23.12 -2.17 -21.33
N SER D 357 21.99 -2.11 -20.68
CA SER D 357 21.54 -3.10 -19.73
C SER D 357 20.62 -4.16 -20.29
N GLY D 358 20.12 -3.97 -21.52
CA GLY D 358 19.18 -4.97 -22.13
C GLY D 358 19.63 -6.42 -22.14
N LEU D 359 20.76 -6.68 -22.79
CA LEU D 359 21.31 -7.99 -22.92
C LEU D 359 21.79 -8.53 -21.57
N LEU D 360 22.28 -7.62 -20.74
CA LEU D 360 22.65 -7.99 -19.37
C LEU D 360 21.47 -8.57 -18.63
N MET D 361 20.34 -7.88 -18.72
CA MET D 361 19.13 -8.37 -18.07
C MET D 361 18.48 -9.63 -18.71
N ILE D 362 18.70 -9.82 -20.01
CA ILE D 362 18.33 -11.08 -20.66
C ILE D 362 19.18 -12.20 -20.05
N ALA D 363 20.50 -12.02 -20.02
CA ALA D 363 21.42 -13.05 -19.49
C ALA D 363 21.07 -13.41 -18.00
N THR D 364 20.74 -12.39 -17.21
CA THR D 364 20.33 -12.56 -15.82
C THR D 364 19.05 -13.42 -15.72
N ALA D 365 18.04 -13.06 -16.50
CA ALA D 365 16.79 -13.76 -16.53
C ALA D 365 17.00 -15.20 -17.00
N VAL D 366 17.85 -15.40 -17.98
CA VAL D 366 18.19 -16.75 -18.49
C VAL D 366 18.89 -17.59 -17.39
N GLN D 367 19.84 -17.01 -16.66
CA GLN D 367 20.45 -17.77 -15.57
C GLN D 367 19.44 -18.16 -14.48
N ILE D 368 18.53 -17.28 -14.20
CA ILE D 368 17.46 -17.61 -13.28
C ILE D 368 16.63 -18.80 -13.76
N LEU D 369 16.10 -18.70 -14.97
CA LEU D 369 15.33 -19.82 -15.56
C LEU D 369 16.16 -21.10 -15.64
N VAL D 370 17.40 -21.05 -16.09
CA VAL D 370 18.06 -22.32 -16.24
C VAL D 370 18.37 -22.97 -14.89
N SER D 371 18.74 -22.14 -13.92
CA SER D 371 18.98 -22.60 -12.56
C SER D 371 17.73 -23.06 -11.87
N LEU D 372 16.62 -22.34 -12.01
CA LEU D 372 15.46 -22.63 -11.22
C LEU D 372 14.36 -23.51 -11.84
N LEU D 373 14.49 -23.84 -13.12
CA LEU D 373 13.43 -24.62 -13.84
C LEU D 373 13.23 -25.98 -13.13
N PRO D 374 12.01 -26.30 -12.67
CA PRO D 374 11.84 -27.57 -11.93
C PRO D 374 12.03 -28.76 -12.84
N SER D 375 12.46 -29.89 -12.29
CA SER D 375 12.48 -31.17 -13.01
C SER D 375 11.10 -31.68 -13.35
N SER D 376 10.11 -31.36 -12.55
CA SER D 376 8.75 -31.78 -12.83
C SER D 376 7.69 -30.88 -12.24
N ARG D 377 6.49 -30.98 -12.83
CA ARG D 377 5.27 -30.40 -12.31
C ARG D 377 4.99 -30.72 -10.82
N ARG D 378 5.65 -31.75 -10.30
CA ARG D 378 5.52 -32.12 -8.88
C ARG D 378 6.17 -31.09 -7.94
N ASP D 379 7.46 -30.81 -8.22
CA ASP D 379 8.39 -29.90 -7.54
C ASP D 379 7.78 -28.56 -7.14
N PRO D 380 8.09 -28.04 -5.93
CA PRO D 380 7.62 -26.68 -5.61
C PRO D 380 8.18 -25.63 -6.57
N LEU D 381 7.36 -24.65 -6.93
CA LEU D 381 7.68 -23.65 -7.97
C LEU D 381 8.32 -22.36 -7.37
N PRO D 382 9.56 -22.01 -7.74
CA PRO D 382 10.32 -20.89 -7.18
C PRO D 382 10.08 -19.57 -7.93
N SER D 383 8.88 -19.39 -8.45
CA SER D 383 8.59 -18.24 -9.28
C SER D 383 8.61 -16.95 -8.43
N ASP D 384 8.22 -17.03 -7.17
CA ASP D 384 8.29 -15.87 -6.31
C ASP D 384 9.71 -15.33 -6.20
N ALA D 385 10.66 -16.23 -5.99
CA ALA D 385 12.01 -15.81 -5.84
C ALA D 385 12.57 -15.17 -7.12
N ALA D 386 12.23 -15.74 -8.25
CA ALA D 386 12.66 -15.22 -9.53
C ALA D 386 12.07 -13.86 -9.75
N ASN D 387 10.78 -13.66 -9.39
CA ASN D 387 10.14 -12.38 -9.63
C ASN D 387 10.70 -11.28 -8.80
N GLN D 388 10.99 -11.60 -7.53
CA GLN D 388 11.53 -10.58 -6.65
C GLN D 388 12.92 -10.19 -7.11
N ALA D 389 13.75 -11.17 -7.45
CA ALA D 389 15.11 -10.90 -7.89
C ALA D 389 15.10 -9.96 -9.09
N LEU D 390 14.31 -10.28 -10.10
CA LEU D 390 14.24 -9.46 -11.30
C LEU D 390 13.67 -8.08 -11.09
N ALA D 391 12.60 -7.96 -10.31
CA ALA D 391 12.07 -6.66 -10.01
C ALA D 391 13.11 -5.80 -9.31
N HIS D 392 13.86 -6.41 -8.37
CA HIS D 392 14.86 -5.64 -7.63
C HIS D 392 15.98 -5.13 -8.57
N ARG D 393 16.46 -5.99 -9.46
CA ARG D 393 17.52 -5.57 -10.40
C ARG D 393 17.04 -4.47 -11.38
N TRP D 394 15.90 -4.68 -12.00
CA TRP D 394 15.35 -3.67 -12.92
C TRP D 394 15.08 -2.32 -12.24
N ASP D 395 14.40 -2.34 -11.11
CA ASP D 395 14.14 -1.12 -10.36
C ASP D 395 15.42 -0.35 -10.02
N ALA D 396 16.50 -1.04 -9.64
CA ALA D 396 17.74 -0.38 -9.32
C ALA D 396 18.33 0.28 -10.58
N ILE D 397 18.28 -0.42 -11.68
CA ILE D 397 18.68 0.17 -12.99
C ILE D 397 17.84 1.43 -13.34
N ARG D 398 16.53 1.38 -13.09
CA ARG D 398 15.70 2.50 -13.33
C ARG D 398 16.24 3.72 -12.62
N TRP D 399 16.50 3.57 -11.30
CA TRP D 399 16.93 4.71 -10.54
C TRP D 399 18.29 5.19 -10.98
N PHE D 400 19.21 4.31 -11.32
CA PHE D 400 20.49 4.75 -11.86
C PHE D 400 20.28 5.60 -13.11
N LEU D 401 19.39 5.19 -14.03
CA LEU D 401 19.13 6.00 -15.23
C LEU D 401 18.49 7.34 -14.91
N SER D 402 17.70 7.38 -13.83
CA SER D 402 16.98 8.63 -13.48
C SER D 402 17.98 9.77 -13.19
N ILE D 403 19.16 9.47 -12.64
CA ILE D 403 20.15 10.50 -12.33
C ILE D 403 21.02 10.90 -13.53
N HIS D 404 20.93 10.15 -14.64
CA HIS D 404 21.45 10.61 -15.96
C HIS D 404 20.60 11.73 -16.49
N TYR D 405 19.28 11.76 -16.16
CA TYR D 405 18.39 12.79 -16.68
C TYR D 405 18.21 14.00 -15.74
N ARG D 406 17.98 13.75 -14.46
CA ARG D 406 17.79 14.83 -13.50
C ARG D 406 18.90 15.87 -13.49
N PHE D 407 20.16 15.46 -13.76
CA PHE D 407 21.30 16.33 -13.50
C PHE D 407 22.09 16.75 -14.78
N ASN D 408 21.52 16.55 -15.95
CA ASN D 408 22.21 16.94 -17.16
C ASN D 408 22.00 18.43 -17.49
N GLY D 409 22.94 19.28 -17.06
CA GLY D 409 22.85 20.70 -17.38
C GLY D 409 23.37 21.11 -18.77
N ARG D 410 23.51 20.20 -19.75
CA ARG D 410 24.17 20.59 -21.04
C ARG D 410 23.35 21.62 -21.84
N LEU D 411 22.06 21.39 -21.99
CA LEU D 411 21.28 22.15 -22.94
C LEU D 411 20.05 22.75 -22.26
N ASP D 412 19.58 23.84 -22.80
CA ASP D 412 18.37 24.47 -22.25
C ASP D 412 17.33 24.42 -23.31
N THR D 413 16.63 23.29 -23.36
CA THR D 413 15.56 23.06 -24.28
C THR D 413 14.37 22.70 -23.40
N PRO D 414 13.16 22.79 -23.92
CA PRO D 414 11.99 22.45 -23.08
C PRO D 414 12.14 21.05 -22.50
N PHE D 415 12.53 20.06 -23.34
CA PHE D 415 12.74 18.68 -22.85
C PHE D 415 13.66 18.65 -21.64
N TRP D 416 14.87 19.20 -21.77
CA TRP D 416 15.88 19.16 -20.72
C TRP D 416 15.52 19.95 -19.44
N LYS D 417 14.78 21.04 -19.62
CA LYS D 417 14.26 21.81 -18.49
C LYS D 417 13.25 21.01 -17.71
N GLU D 418 12.40 20.36 -18.45
CA GLU D 418 11.44 19.41 -17.87
C GLU D 418 12.13 18.24 -17.13
N ALA D 419 13.20 17.67 -17.73
CA ALA D 419 13.91 16.56 -17.13
C ALA D 419 14.57 16.99 -15.84
N ARG D 420 15.15 18.19 -15.85
CA ARG D 420 15.87 18.67 -14.71
C ARG D 420 14.92 19.08 -13.57
N ALA D 421 13.69 19.43 -13.87
CA ALA D 421 12.76 19.83 -12.82
C ALA D 421 11.92 18.66 -12.29
N GLU D 422 11.49 17.80 -13.18
CA GLU D 422 10.60 16.74 -12.91
C GLU D 422 11.60 15.65 -13.17
N THR D 423 11.25 14.44 -13.06
CA THR D 423 12.29 13.33 -13.22
C THR D 423 12.30 12.93 -11.78
N ASP D 424 11.63 11.83 -11.57
CA ASP D 424 11.49 11.18 -10.28
C ASP D 424 12.80 10.46 -9.97
N ILE D 425 13.41 10.87 -8.87
CA ILE D 425 14.65 10.22 -8.43
C ILE D 425 14.48 9.59 -7.05
N SER D 426 13.23 9.45 -6.64
CA SER D 426 12.89 9.12 -5.31
C SER D 426 13.54 7.85 -4.83
N GLY D 427 13.74 6.85 -5.67
CA GLY D 427 14.35 5.63 -5.19
C GLY D 427 15.85 5.67 -4.91
N ILE D 428 16.56 6.71 -5.36
CA ILE D 428 17.98 6.82 -5.15
C ILE D 428 18.32 8.10 -4.39
N GLU D 429 17.30 8.86 -4.00
CA GLU D 429 17.48 10.11 -3.21
C GLU D 429 18.24 9.89 -1.89
N PRO D 430 17.95 8.82 -1.17
CA PRO D 430 18.70 8.62 0.10
C PRO D 430 20.16 8.38 -0.18
N LEU D 431 20.47 7.66 -1.26
CA LEU D 431 21.88 7.66 -1.72
C LEU D 431 22.43 9.00 -2.12
N LEU D 432 21.61 9.82 -2.78
CA LEU D 432 22.14 11.09 -3.27
C LEU D 432 22.52 11.96 -2.07
N ARG D 433 21.71 11.91 -1.01
CA ARG D 433 22.00 12.68 0.19
C ARG D 433 23.30 12.26 0.83
N LEU D 434 23.59 10.95 0.82
CA LEU D 434 24.91 10.43 1.24
C LEU D 434 26.05 10.99 0.43
N PHE D 435 25.91 10.95 -0.88
CA PHE D 435 26.92 11.50 -1.79
C PHE D 435 27.18 13.01 -1.52
N ALA D 436 26.12 13.80 -1.34
CA ALA D 436 26.23 15.23 -1.09
C ALA D 436 27.06 15.56 0.17
N ALA D 437 26.94 14.71 1.16
CA ALA D 437 27.68 14.90 2.42
C ALA D 437 29.13 14.49 2.29
N GLY D 438 29.49 13.72 1.29
CA GLY D 438 30.89 13.32 1.15
C GLY D 438 31.15 12.41 -0.02
N ALA D 439 31.67 13.03 -1.08
CA ALA D 439 31.91 12.38 -2.36
C ALA D 439 33.39 12.19 -2.69
N PRO D 440 33.73 11.14 -3.42
CA PRO D 440 32.87 10.09 -3.97
C PRO D 440 32.49 9.09 -2.90
N LEU D 441 31.30 8.47 -3.07
CA LEU D 441 30.87 7.41 -2.18
C LEU D 441 31.87 6.30 -2.04
N THR D 442 32.54 5.99 -3.14
CA THR D 442 33.58 4.99 -3.15
C THR D 442 34.83 5.40 -2.34
N GLY D 443 34.93 6.66 -1.92
CA GLY D 443 36.00 7.10 -1.01
C GLY D 443 35.52 7.18 0.44
N ARG D 444 34.32 6.69 0.71
CA ARG D 444 33.74 6.75 2.04
C ARG D 444 34.29 5.57 2.86
N ASP D 445 34.16 5.58 4.19
CA ASP D 445 34.59 4.43 5.02
C ASP D 445 33.88 3.17 4.64
N SER D 446 34.48 2.04 5.00
CA SER D 446 34.05 0.75 4.50
C SER D 446 32.60 0.44 4.95
N PHE D 447 32.24 0.86 6.14
CA PHE D 447 30.89 0.56 6.62
C PHE D 447 29.90 1.38 5.81
N THR D 448 30.25 2.64 5.55
CA THR D 448 29.37 3.54 4.79
C THR D 448 29.25 3.05 3.33
N ARG D 449 30.35 2.54 2.73
CA ARG D 449 30.30 2.00 1.34
C ARG D 449 29.40 0.81 1.28
N TYR D 450 29.51 -0.10 2.25
CA TYR D 450 28.65 -1.26 2.28
C TYR D 450 27.17 -0.91 2.39
N LEU D 451 26.84 0.01 3.28
CA LEU D 451 25.48 0.46 3.37
C LEU D 451 24.99 1.10 2.02
N ALA D 452 25.80 1.95 1.42
CA ALA D 452 25.33 2.69 0.27
C ALA D 452 25.15 1.75 -0.93
N ASP D 453 26.06 0.76 -1.03
CA ASP D 453 26.06 -0.24 -2.08
C ASP D 453 24.68 -0.87 -2.28
N GLY D 454 23.86 -1.03 -1.24
CA GLY D 454 22.51 -1.59 -1.38
C GLY D 454 21.59 -0.83 -2.35
N ALA D 455 21.92 0.44 -2.60
CA ALA D 455 21.11 1.28 -3.48
C ALA D 455 21.61 1.37 -4.93
N ALA D 456 22.82 0.93 -5.15
CA ALA D 456 23.46 1.08 -6.45
C ALA D 456 23.22 -0.20 -7.19
N PRO D 457 23.13 -0.15 -8.53
CA PRO D 457 22.72 -1.37 -9.22
C PRO D 457 23.88 -2.34 -9.20
N LEU D 458 23.59 -3.62 -9.14
CA LEU D 458 24.63 -4.58 -8.89
C LEU D 458 25.79 -4.52 -9.84
N PHE D 459 25.53 -4.43 -11.12
CA PHE D 459 26.72 -4.49 -11.99
C PHE D 459 27.47 -3.13 -12.06
N TYR D 460 26.70 -2.05 -12.11
CA TYR D 460 27.21 -0.71 -12.38
C TYR D 460 27.91 -0.11 -11.15
N GLY D 461 27.33 -0.33 -9.98
CA GLY D 461 28.03 -0.12 -8.69
C GLY D 461 27.97 1.31 -8.21
N LEU D 462 28.49 1.49 -6.98
CA LEU D 462 28.77 2.79 -6.51
C LEU D 462 29.64 3.59 -7.42
N GLU D 463 30.59 2.94 -8.07
CA GLU D 463 31.47 3.64 -8.96
C GLU D 463 30.73 4.29 -10.17
N GLY D 464 29.68 3.64 -10.66
CA GLY D 464 28.90 4.18 -11.79
C GLY D 464 28.14 5.38 -11.34
N VAL D 465 27.59 5.29 -10.13
CA VAL D 465 26.88 6.41 -9.53
C VAL D 465 27.81 7.60 -9.34
N ASP D 466 28.93 7.37 -8.66
CA ASP D 466 29.95 8.41 -8.49
C ASP D 466 30.29 9.10 -9.83
N THR D 467 30.47 8.26 -10.86
CA THR D 467 31.00 8.78 -12.11
C THR D 467 30.00 9.68 -12.77
N LEU D 468 28.69 9.35 -12.73
CA LEU D 468 27.68 10.15 -13.36
C LEU D 468 27.46 11.45 -12.60
N LEU D 469 27.38 11.36 -11.29
CA LEU D 469 27.15 12.51 -10.48
C LEU D 469 28.35 13.50 -10.54
N LEU D 470 29.58 13.02 -10.39
CA LEU D 470 30.74 13.90 -10.51
C LEU D 470 30.88 14.45 -11.94
N GLY D 471 30.68 13.59 -12.94
CA GLY D 471 30.72 14.05 -14.37
C GLY D 471 29.77 15.14 -14.67
N GLN D 472 28.58 15.10 -14.07
CA GLN D 472 27.59 16.12 -14.26
C GLN D 472 27.72 17.29 -13.25
N GLU D 473 28.80 17.30 -12.45
CA GLU D 473 29.08 18.36 -11.47
C GLU D 473 27.92 18.60 -10.53
N VAL D 474 27.35 17.52 -10.03
CA VAL D 474 26.38 17.54 -8.92
C VAL D 474 27.06 18.08 -7.64
N PRO D 475 26.53 19.13 -7.05
CA PRO D 475 27.18 19.70 -5.85
C PRO D 475 27.25 18.72 -4.69
N ALA D 476 28.45 18.58 -4.15
CA ALA D 476 28.73 17.69 -3.00
C ALA D 476 29.94 18.23 -2.22
N ARG D 477 30.01 17.94 -0.92
CA ARG D 477 31.22 18.06 -0.17
C ARG D 477 32.19 17.02 -0.66
N LEU D 478 33.36 17.44 -1.12
CA LEU D 478 34.37 16.49 -1.58
C LEU D 478 35.35 15.97 -0.55
N LEU D 479 35.62 14.68 -0.58
CA LEU D 479 36.43 14.05 0.43
C LEU D 479 37.88 14.43 0.29
N PRO D 480 38.62 14.42 1.44
CA PRO D 480 40.04 14.68 1.53
C PRO D 480 40.83 13.63 0.79
N PRO D 481 42.03 13.99 0.32
CA PRO D 481 42.66 13.27 -0.73
C PRO D 481 43.35 12.01 -0.29
N ARG D 482 43.67 11.83 0.98
CA ARG D 482 44.05 10.47 1.45
C ARG D 482 45.46 9.92 1.09
N GLU D 483 46.25 10.64 0.30
CA GLU D 483 47.64 10.26 -0.01
C GLU D 483 48.47 11.48 -0.50
N PRO D 484 49.81 11.44 -0.39
CA PRO D 484 50.55 12.58 -0.94
C PRO D 484 50.22 12.82 -2.44
N PRO D 485 50.03 14.09 -2.86
CA PRO D 485 49.71 14.37 -4.28
C PRO D 485 50.70 13.76 -5.28
N GLU D 486 51.95 13.61 -4.89
CA GLU D 486 52.92 13.05 -5.82
C GLU D 486 52.70 11.56 -6.08
N GLN D 487 52.02 10.86 -5.15
CA GLN D 487 51.73 9.45 -5.42
C GLN D 487 50.68 9.26 -6.55
N TRP D 488 49.62 10.05 -6.52
CA TRP D 488 48.62 10.05 -7.60
C TRP D 488 49.37 10.44 -8.90
N ARG D 489 50.24 11.45 -8.84
CA ARG D 489 50.87 11.97 -10.05
C ARG D 489 51.83 10.98 -10.67
N ALA D 490 52.53 10.19 -9.84
CA ALA D 490 53.34 9.10 -10.37
C ALA D 490 52.43 7.98 -10.99
N ARG D 491 51.36 7.59 -10.30
CA ARG D 491 50.48 6.56 -10.84
C ARG D 491 49.93 7.08 -12.12
N ALA D 492 49.40 8.29 -12.09
CA ALA D 492 48.85 8.88 -13.30
C ALA D 492 49.78 9.03 -14.47
N ALA D 493 51.02 9.51 -14.23
CA ALA D 493 52.02 9.53 -15.33
C ALA D 493 52.30 8.14 -15.97
N ALA D 494 52.46 7.08 -15.17
CA ALA D 494 52.70 5.74 -15.77
C ALA D 494 51.50 5.28 -16.61
N ALA D 495 50.28 5.48 -16.09
CA ALA D 495 49.06 5.13 -16.80
C ALA D 495 48.96 5.90 -18.10
N ARG D 496 49.31 7.18 -18.07
CA ARG D 496 49.23 7.98 -19.26
C ARG D 496 50.16 7.43 -20.37
N SER D 497 51.31 6.93 -19.97
CA SER D 497 52.30 6.51 -20.97
C SER D 497 51.79 5.21 -21.57
N LEU D 498 51.25 4.38 -20.72
CA LEU D 498 50.54 3.22 -21.19
C LEU D 498 49.41 3.52 -22.16
N ALA D 499 48.63 4.55 -21.87
CA ALA D 499 47.45 4.86 -22.68
C ALA D 499 47.89 5.36 -24.02
N SER D 500 48.89 6.24 -24.02
CA SER D 500 49.26 6.92 -25.27
C SER D 500 50.01 6.00 -26.18
N ARG D 501 50.51 4.90 -25.64
CA ARG D 501 51.23 3.87 -26.44
C ARG D 501 50.41 2.68 -26.97
N GLY D 502 49.12 2.52 -26.57
CA GLY D 502 48.27 1.46 -27.14
C GLY D 502 48.08 1.59 -28.62
N LEU D 503 47.77 0.49 -29.26
CA LEU D 503 47.39 0.55 -30.65
C LEU D 503 46.04 1.24 -30.86
N ARG D 504 45.81 1.68 -32.07
CA ARG D 504 44.46 1.96 -32.55
C ARG D 504 43.67 0.68 -32.62
N GLN D 505 42.38 0.76 -32.40
CA GLN D 505 41.55 -0.41 -32.27
C GLN D 505 41.63 -1.32 -33.50
N SER D 506 41.56 -0.72 -34.64
CA SER D 506 41.53 -1.46 -35.83
C SER D 506 42.71 -2.50 -35.94
N GLU D 507 43.90 -2.02 -35.66
CA GLU D 507 45.10 -2.86 -35.72
C GLU D 507 44.99 -3.96 -34.69
N ALA D 508 44.57 -3.59 -33.50
CA ALA D 508 44.44 -4.56 -32.44
C ALA D 508 43.43 -5.65 -32.78
N LEU D 509 42.32 -5.31 -33.42
CA LEU D 509 41.30 -6.31 -33.81
C LEU D 509 41.88 -7.30 -34.86
N ASP D 510 42.65 -6.79 -35.81
CA ASP D 510 43.47 -7.56 -36.73
C ASP D 510 44.31 -8.60 -36.02
N ALA D 511 45.01 -8.21 -34.99
CA ALA D 511 45.81 -9.14 -34.17
C ALA D 511 45.01 -10.24 -33.48
N TYR D 512 43.90 -9.88 -32.83
CA TYR D 512 43.01 -10.91 -32.24
C TYR D 512 42.44 -11.90 -33.27
N ALA D 513 42.09 -11.41 -34.45
CA ALA D 513 41.66 -12.28 -35.56
C ALA D 513 42.81 -13.22 -35.99
N ALA D 514 44.02 -12.69 -36.02
CA ALA D 514 45.18 -13.40 -36.48
C ALA D 514 45.64 -14.47 -35.50
N ASP D 515 45.51 -14.20 -34.21
CA ASP D 515 46.06 -15.02 -33.16
C ASP D 515 45.02 -15.43 -32.10
N PRO D 516 44.44 -16.62 -32.27
CA PRO D 516 43.37 -16.97 -31.36
C PRO D 516 43.78 -17.15 -29.94
N CYS D 517 45.10 -17.24 -29.66
CA CYS D 517 45.49 -17.42 -28.28
C CYS D 517 45.34 -16.16 -27.45
N LEU D 518 45.18 -15.01 -28.11
CA LEU D 518 44.89 -13.77 -27.38
C LEU D 518 43.56 -13.92 -26.65
N ASN D 519 42.50 -14.34 -27.37
CA ASN D 519 41.25 -14.70 -26.67
C ASN D 519 41.32 -15.88 -25.75
N ALA D 520 42.12 -16.88 -26.10
CA ALA D 520 42.20 -18.04 -25.20
C ALA D 520 42.73 -17.59 -23.85
N GLU D 521 43.81 -16.81 -23.87
CA GLU D 521 44.35 -16.26 -22.59
C GLU D 521 43.26 -15.62 -21.72
N LEU D 522 42.48 -14.76 -22.37
CA LEU D 522 41.43 -14.03 -21.67
C LEU D 522 40.44 -14.96 -21.01
N LEU D 523 40.16 -16.08 -21.67
CA LEU D 523 39.19 -17.02 -21.11
C LEU D 523 39.76 -18.09 -20.17
N SER D 524 41.03 -18.39 -20.32
CA SER D 524 41.72 -19.48 -19.62
C SER D 524 42.41 -18.98 -18.33
N ASP D 525 43.28 -17.99 -18.51
CA ASP D 525 44.24 -17.60 -17.46
C ASP D 525 43.59 -17.24 -16.12
N SER D 526 44.25 -17.67 -15.04
CA SER D 526 43.83 -17.35 -13.65
C SER D 526 43.89 -15.89 -13.26
N ASP D 527 44.78 -15.14 -13.90
CA ASP D 527 44.94 -13.68 -13.71
C ASP D 527 43.92 -12.81 -14.46
N SER D 528 43.19 -13.40 -15.42
CA SER D 528 42.22 -12.66 -16.23
C SER D 528 40.93 -12.30 -15.47
N TRP D 529 40.43 -11.08 -15.60
CA TRP D 529 39.07 -10.79 -15.12
C TRP D 529 37.91 -11.69 -15.69
N ALA D 530 38.13 -12.32 -16.84
CA ALA D 530 37.11 -13.15 -17.54
C ALA D 530 37.52 -14.61 -17.60
N GLY D 531 38.47 -15.00 -16.76
CA GLY D 531 39.00 -16.35 -16.84
C GLY D 531 38.11 -17.41 -16.20
N GLU D 532 38.50 -18.65 -16.44
CA GLU D 532 37.88 -19.87 -15.88
C GLU D 532 37.63 -19.76 -14.41
N ARG D 533 38.64 -19.37 -13.64
CA ARG D 533 38.48 -19.22 -12.19
C ARG D 533 37.35 -18.28 -11.80
N VAL D 534 37.35 -17.09 -12.37
CA VAL D 534 36.27 -16.12 -12.08
C VAL D 534 34.91 -16.64 -12.55
N ALA D 535 34.89 -17.33 -13.70
CA ALA D 535 33.64 -17.84 -14.28
C ALA D 535 32.97 -18.81 -13.35
N VAL D 536 33.79 -19.72 -12.81
CA VAL D 536 33.28 -20.70 -11.82
C VAL D 536 32.75 -20.00 -10.60
N ARG D 537 33.50 -19.02 -10.13
CA ARG D 537 33.14 -18.23 -8.97
C ARG D 537 31.82 -17.50 -9.19
N ALA D 538 31.54 -17.05 -10.42
CA ALA D 538 30.28 -16.36 -10.69
C ALA D 538 29.12 -17.29 -11.12
N GLY D 539 29.29 -18.60 -10.99
CA GLY D 539 28.34 -19.58 -11.44
C GLY D 539 28.35 -19.70 -12.96
PA FAD E . -11.64 10.04 29.77
O1A FAD E . -12.56 11.21 30.13
O2A FAD E . -10.11 10.22 29.63
O5B FAD E . -11.96 8.79 30.73
C5B FAD E . -11.13 7.65 30.89
C4B FAD E . -11.70 6.83 32.03
O4B FAD E . -10.93 5.63 31.93
C3B FAD E . -11.52 7.37 33.47
O3B FAD E . -12.75 7.15 34.33
C2B FAD E . -10.35 6.56 34.01
O2B FAD E . -10.32 6.38 35.49
C1B FAD E . -10.55 5.24 33.26
N9A FAD E . -9.31 4.43 33.24
C8A FAD E . -8.17 4.68 32.54
N7A FAD E . -7.27 3.69 32.78
C5A FAD E . -7.84 2.83 33.65
C6A FAD E . -7.39 1.62 34.33
N6A FAD E . -6.14 1.13 34.11
N1A FAD E . -8.26 1.01 35.13
C2A FAD E . -9.52 1.47 35.35
N3A FAD E . -9.96 2.58 34.77
C4A FAD E . -9.17 3.28 33.93
N1 FAD E . -15.84 16.62 22.81
C2 FAD E . -17.00 17.29 22.49
O2 FAD E . -18.03 16.64 22.12
N3 FAD E . -17.09 18.64 22.58
C4 FAD E . -16.07 19.42 22.98
O4 FAD E . -16.25 20.68 23.00
C4X FAD E . -14.78 18.75 23.34
N5 FAD E . -13.66 19.43 23.69
C5X FAD E . -12.49 18.81 24.01
C6 FAD E . -11.39 19.57 24.36
C7 FAD E . -10.17 18.97 24.66
C7M FAD E . -8.96 19.75 25.08
C8 FAD E . -10.06 17.51 24.67
C8M FAD E . -8.74 16.88 25.00
C9 FAD E . -11.17 16.76 24.30
C9A FAD E . -12.39 17.32 23.95
N10 FAD E . -13.53 16.53 23.55
C10 FAD E . -14.72 17.26 23.23
C1' FAD E . -13.63 15.04 23.54
C2' FAD E . -14.45 14.72 24.87
O2' FAD E . -13.70 15.43 25.85
C3' FAD E . -14.56 13.45 25.77
O3' FAD E . -15.05 13.52 27.17
C4' FAD E . -13.18 13.10 26.26
O4' FAD E . -12.18 13.95 25.63
C5' FAD E . -13.07 11.58 26.14
O5' FAD E . -13.87 10.96 27.10
P FAD E . -13.34 9.46 27.50
O1P FAD E . -13.00 8.71 26.28
O2P FAD E . -14.50 8.96 28.36
O3P FAD E . -11.97 9.50 28.28
CL CL F . -14.85 17.81 20.11
PA FAD G . 12.28 -8.87 -30.35
O1A FAD G . 13.68 -8.64 -31.01
O2A FAD G . 11.12 -7.91 -30.60
O5B FAD G . 11.95 -10.36 -30.83
C5B FAD G . 10.65 -10.85 -30.69
C4B FAD G . 10.43 -12.17 -31.39
O4B FAD G . 9.10 -12.54 -30.98
C3B FAD G . 10.44 -12.07 -32.94
O3B FAD G . 11.13 -13.22 -33.47
C2B FAD G . 8.96 -12.18 -33.25
O2B FAD G . 8.65 -12.68 -34.57
C1B FAD G . 8.52 -13.11 -32.09
N9A FAD G . 7.09 -13.13 -31.98
C8A FAD G . 6.36 -12.10 -31.58
N7A FAD G . 5.07 -12.40 -31.63
C5A FAD G . 4.94 -13.63 -32.13
C6A FAD G . 3.85 -14.53 -32.44
N6A FAD G . 2.58 -14.11 -32.27
N1A FAD G . 4.16 -15.75 -32.89
C2A FAD G . 5.41 -16.17 -33.09
N3A FAD G . 6.45 -15.37 -32.86
C4A FAD G . 6.29 -14.14 -32.37
N1 FAD G . 20.03 -3.86 -25.50
C2 FAD G . 21.39 -3.96 -25.27
O2 FAD G . 21.92 -4.85 -24.47
N3 FAD G . 22.21 -3.01 -25.80
C4 FAD G . 21.79 -1.95 -26.58
O4 FAD G . 22.59 -1.11 -27.09
C4X FAD G . 20.36 -1.79 -26.85
N5 FAD G . 19.87 -0.75 -27.58
C5X FAD G . 18.52 -0.67 -27.74
C6 FAD G . 17.96 0.36 -28.46
C7 FAD G . 16.59 0.50 -28.60
C7M FAD G . 16.06 1.65 -29.42
C8 FAD G . 15.67 -0.52 -28.08
C8M FAD G . 14.19 -0.37 -28.30
C9 FAD G . 16.19 -1.60 -27.38
C9A FAD G . 17.59 -1.69 -27.16
N10 FAD G . 18.14 -2.75 -26.46
C10 FAD G . 19.50 -2.83 -26.26
C1' FAD G . 17.26 -3.79 -25.86
C2' FAD G . 17.21 -4.85 -27.02
O2' FAD G . 16.13 -4.76 -27.97
C3' FAD G . 17.26 -6.23 -26.41
O3' FAD G . 18.68 -6.22 -26.15
C4' FAD G . 16.92 -7.40 -27.37
O4' FAD G . 17.32 -7.21 -28.75
C5' FAD G . 15.45 -7.69 -27.17
O5' FAD G . 14.92 -8.64 -28.02
P FAD G . 13.63 -9.53 -27.77
O1P FAD G . 12.99 -9.46 -26.42
O2P FAD G . 14.15 -10.82 -28.29
O3P FAD G . 12.45 -8.91 -28.74
CL CL H . 20.12 -1.28 -23.15
#